data_9CTH
#
_entry.id   9CTH
#
_cell.length_a   1.00
_cell.length_b   1.00
_cell.length_c   1.00
_cell.angle_alpha   90.00
_cell.angle_beta   90.00
_cell.angle_gamma   90.00
#
_symmetry.space_group_name_H-M   'P 1'
#
loop_
_entity.id
_entity.type
_entity.pdbx_description
1 polymer 'Activated Factor V (FVa) heavy chain'
2 polymer 'Activated Factor V (FVa) light chain'
3 polymer 'Activated Factor X light chain'
4 polymer 'Activated Factor X heavy chain'
5 polymer Prothrombin
6 non-polymer 2-acetamido-2-deoxy-beta-D-glucopyranose
#
loop_
_entity_poly.entity_id
_entity_poly.type
_entity_poly.pdbx_seq_one_letter_code
_entity_poly.pdbx_strand_id
1 'polypeptide(L)'
;AQLRQFYVAAQGISWSYRPEPTNSSLNLSVTSFKKIVYREYEPYFKKEKPQSTISGLLGPTLYAEVGDIIKVHFKNKADK
PLSIHPQGIRYSKLSEGASYLDHTFPAEKMDDAVAPGREYTYEWSISEDSGPTHDDPPCLTHIYYSHENLIEDFNSGLIG
PLLICKKGTLTEGGTQKTFDKQIVLLFAVFDESKSWSQSSSLMYTVNGYVNGTMPDITVCAHDHISWHLLGMSSGPELFS
IHFNGQVLEQNHHKVSAITLVSATSTTANMTVGPEGKWIISSLTPKHLQAGMQAYIDIKNCPKKTRNLKKITREQRRHMK
RWEYFIAAEEVIWDYAPVIPANMDKKYRSQHLDNFSNQIGKHYKKVMYTQYEDESFTKHTVNPNMKEDGILGPIIRAQVR
DTLKIVFKNMASRPYSIYPHGVTFSPYEDEVNSSFTSGRNNTMIRAVQPGETYTYKWNILEFDEPTENDAQCLTRPYYSD
VDIMRDIASGLIGLLLICKSRSLDRRGIQRAADIEQQAVFAVFDENKSWYLEDNINKFCENPDEVKRDDPKFYESNIMST
INGYVPESITTLGFCFDDTVQWHFCSVGTQNEILTIHFTGHSFIYGKRHEDTLTLFPMRGESVTVTMDNVGTWMLTSMNS
SPRSKKLRLKFRDVKCIPDDDEDSYEIFEPPESTVMATRKMHDRLEPEDEESDADYDYQNRLAAALGIR
;
A
2 'polypeptide(L)'
;SNNGNRRNYYIAAEEISWDYSEFVQRETDIEDSDDIPEDTTYKKVVFRKYLDSTFTKRDPRGEYEEHLGILGPIIRAEVD
DVIQVRFKNLASRPYSLHAHGLSYEKSSEGKTYEDDSPEWFKEDNAVQPNSSYTYVWHATERSGPESPGSACRAWAYYSA
VNPEKDIHSGLIGPLLICQKGILHKDSNMPMDMREFVLLFMTFDEKKSWYYEKKSRSSWRLTSSEMKKSHEFHAINGMIY
SLPGLKMYEQEWVRLHLLNIGGSQDIHVVHFHGQTLLENGNKQHQLGVWPLLPGSFKTLEMKASKPGWWLLNTEVGENQR
AGMQTPFLIMDRDCRMPMGLSTGIISDSQIKASEFLGYWEPRLARLNNGGSYNAWSVEKLAAEFASKPWIQVDMQKEVII
TGIQTQGAKHYLKSCYTTEFYVAYSSNQINWQIFKGNSTRNVMYFNGNSDASTIKENQFDPPIVARYIRISPTRAYNRPT
LRLELQGCEVNGCSTPLGMENGKIENKQITASSFKKSWWGDYWEPFRARLNAQGRVNAWQAKANNNKQWLEIDLLKIKKI
TAIITQGCKSLSSEMYVKSYTIHYSEQGVEWKPYRLKSSMVDKIFEGNTNTKGHVKNFFNPPIISRFIRVIPKTWNQSIA
LRLELFGCDIY
;
E
3 'polypeptide(L)'
;ANSFLEEMKKGHLERECMEETCSYEEAREVFEDSDKTNEFWNKYKDGDQCETSPCQNQGKCKDGLGEYTCTCLEGFEGKN
CELFTRKLCSLDNGDCDQFCHEEQNSVVCSCARGYTLADNGKACIPTGPYPCGKQTLERRKR
;
B
4 'polypeptide(L)'
;IVGGQECKDGECPWQALLINEENEGFCGGTILSEFYILTAAHCLYQAKRFKVRVGDRNTEQEEGGEAVHEVEVVIKHNRF
TKETYDFDIAVLRLKTPITFRMNVAPACLPERDWAESTLMTQKTGIVSGFGRTHEKGRQSTRLKMLEVPYVDRNSCKLSS
SFIITQNMFCAGYDTKQEDACQGDAGGPHVTRFKDTYFVTGIVSWGEGCARKGKYGIYTKVTAFLKWIDRSMKTR
;
C
5 'polypeptide(L)'
;ANTFLEEVRKGNLERECVEETCSYEEAFEALESSTATDVFWAKYTACETARTPRDKLAACLEGNCAEGLGTNYRGHVNIT
RSGIECQLWRSRYPHKPEINSTTHPGADLQENFCRNPDSSTTGPWCYTTDPTVRRQECSIPVCGQDQVTVAMTPRSEGSS
VNLSPPLEQCVPDRGQQYQGRLAVTTHGLPCLAWASAQAKALSKHQDFNSAVQLVENFCRNPDGDEEGVWCYVAGKPGDF
GYCDLNYCEEAVEEETGDGLDEDSDRAIEGRTATSEYQTFFNPRTFGSGEADCGLRPLFEKKSLEDKTERELLESYIDGR
IVEGSDAEIGMSPWQVMLFRKSPQELLCGASLISDRWVLTAAHCLLYPPWDKNFTENDLLVRIGKHSRTRYERNIEKISM
LEKIYIHPRYNWRENLDRDIALMKLKKPVAFSDYIHPVCLPDRETAASLLQAGYKGRVTGWGNLKETWTANVGKGQPSVL
QVVNLPIVERPVCKDSTRIRITDNMFCAGYKPDEGKRGDACEGDAGGPFVMKSPFNNRWYQMGIVSWGEGCDRDGKYGFY
THVFRLKKWIQKVIDQFGE
;
D
#
# COMPACT_ATOMS: atom_id res chain seq x y z
N ALA A 1 -24.99 -16.04 -11.68
CA ALA A 1 -25.24 -16.65 -12.98
C ALA A 1 -26.73 -16.90 -13.20
N GLN A 2 -27.49 -16.91 -12.10
CA GLN A 2 -28.91 -17.23 -12.18
C GLN A 2 -29.68 -16.12 -12.90
N LEU A 3 -30.72 -16.52 -13.62
CA LEU A 3 -31.54 -15.60 -14.41
C LEU A 3 -32.64 -15.07 -13.49
N ARG A 4 -32.53 -13.78 -13.12
CA ARG A 4 -33.42 -13.17 -12.14
C ARG A 4 -34.58 -12.50 -12.85
N GLN A 5 -35.73 -13.18 -12.89
CA GLN A 5 -36.95 -12.58 -13.42
C GLN A 5 -37.62 -11.79 -12.29
N PHE A 6 -37.35 -10.49 -12.28
CA PHE A 6 -37.92 -9.60 -11.27
C PHE A 6 -39.13 -8.88 -11.84
N TYR A 7 -40.18 -8.77 -11.03
CA TYR A 7 -41.45 -8.17 -11.43
C TYR A 7 -41.77 -7.07 -10.43
N VAL A 8 -41.53 -5.82 -10.81
CA VAL A 8 -41.75 -4.67 -9.96
C VAL A 8 -42.68 -3.70 -10.66
N ALA A 9 -43.55 -3.06 -9.88
CA ALA A 9 -44.56 -2.15 -10.44
C ALA A 9 -44.65 -0.89 -9.58
N ALA A 10 -44.44 0.26 -10.21
CA ALA A 10 -44.62 1.52 -9.52
C ALA A 10 -46.10 1.80 -9.28
N GLN A 11 -46.42 2.34 -8.11
CA GLN A 11 -47.81 2.55 -7.73
C GLN A 11 -47.88 3.59 -6.63
N GLY A 12 -48.80 4.53 -6.76
CA GLY A 12 -48.97 5.55 -5.74
C GLY A 12 -49.58 4.97 -4.48
N ILE A 13 -49.00 5.32 -3.34
CA ILE A 13 -49.50 4.86 -2.05
C ILE A 13 -49.76 6.08 -1.17
N SER A 14 -50.92 6.08 -0.50
CA SER A 14 -51.25 7.13 0.46
C SER A 14 -50.50 6.84 1.75
N TRP A 15 -49.19 7.12 1.72
CA TRP A 15 -48.31 6.72 2.80
C TRP A 15 -48.54 7.57 4.04
N SER A 16 -48.64 6.91 5.19
CA SER A 16 -48.95 7.58 6.45
C SER A 16 -47.73 8.09 7.18
N TYR A 17 -46.58 7.41 7.03
CA TYR A 17 -45.34 7.63 7.78
C TYR A 17 -45.47 7.24 9.24
N ARG A 18 -46.64 6.82 9.70
CA ARG A 18 -46.82 6.28 11.05
C ARG A 18 -46.51 4.79 11.05
N PRO A 19 -45.93 4.27 12.13
CA PRO A 19 -45.68 2.83 12.20
C PRO A 19 -46.94 1.99 12.10
N GLU A 20 -48.06 2.48 12.62
CA GLU A 20 -49.35 1.81 12.50
C GLU A 20 -50.44 2.84 12.73
N PRO A 21 -51.67 2.56 12.27
CA PRO A 21 -52.78 3.49 12.57
C PRO A 21 -53.09 3.62 14.05
N THR A 22 -52.63 2.67 14.88
CA THR A 22 -52.74 2.73 16.34
C THR A 22 -54.21 2.58 16.74
N ASN A 23 -54.50 2.61 18.04
CA ASN A 23 -55.88 2.47 18.49
C ASN A 23 -56.77 3.58 17.95
N SER A 24 -56.20 4.76 17.69
CA SER A 24 -56.96 5.82 17.06
C SER A 24 -57.37 5.47 15.63
N SER A 25 -56.68 4.51 15.01
CA SER A 25 -56.98 4.05 13.66
C SER A 25 -56.93 5.17 12.64
N LEU A 26 -57.50 4.95 11.46
CA LEU A 26 -57.54 5.92 10.37
C LEU A 26 -56.15 6.35 9.94
N ASN A 27 -56.07 7.33 9.05
CA ASN A 27 -54.80 7.89 8.59
C ASN A 27 -54.98 9.40 8.39
N LEU A 28 -54.66 10.17 9.43
CA LEU A 28 -54.65 11.62 9.38
C LEU A 28 -53.22 12.07 9.60
N SER A 29 -52.44 12.14 8.52
CA SER A 29 -51.03 12.44 8.61
C SER A 29 -50.64 13.56 7.65
N VAL A 30 -49.34 13.77 7.46
CA VAL A 30 -48.87 14.78 6.53
C VAL A 30 -49.43 14.51 5.14
N THR A 31 -49.62 15.57 4.37
CA THR A 31 -50.23 15.47 3.03
C THR A 31 -49.19 14.98 2.02
N SER A 32 -48.59 13.83 2.33
CA SER A 32 -47.68 13.12 1.44
C SER A 32 -48.32 11.77 1.16
N PHE A 33 -49.18 11.73 0.15
CA PHE A 33 -49.95 10.54 -0.20
C PHE A 33 -49.79 10.26 -1.68
N LYS A 34 -50.35 9.14 -2.13
CA LYS A 34 -50.25 8.69 -3.52
C LYS A 34 -48.79 8.59 -3.97
N LYS A 35 -47.92 8.20 -3.05
CA LYS A 35 -46.49 8.16 -3.31
C LYS A 35 -46.19 6.98 -4.23
N ILE A 36 -45.81 7.28 -5.47
CA ILE A 36 -45.48 6.22 -6.42
C ILE A 36 -44.13 5.61 -6.01
N VAL A 37 -44.19 4.40 -5.46
CA VAL A 37 -43.01 3.61 -5.16
C VAL A 37 -43.18 2.25 -5.81
N TYR A 38 -42.17 1.81 -6.56
CA TYR A 38 -42.24 0.49 -7.17
C TYR A 38 -42.11 -0.57 -6.09
N ARG A 39 -42.89 -1.64 -6.23
CA ARG A 39 -42.90 -2.74 -5.28
C ARG A 39 -42.77 -4.04 -6.05
N GLU A 40 -42.12 -5.02 -5.42
CA GLU A 40 -41.90 -6.30 -6.08
C GLU A 40 -43.20 -7.07 -6.17
N TYR A 41 -43.39 -7.76 -7.29
CA TYR A 41 -44.58 -8.55 -7.54
C TYR A 41 -44.19 -10.00 -7.77
N GLU A 42 -45.17 -10.88 -7.55
CA GLU A 42 -44.98 -12.29 -7.84
C GLU A 42 -44.76 -12.47 -9.34
N PRO A 43 -44.14 -13.58 -9.75
CA PRO A 43 -43.85 -13.79 -11.17
C PRO A 43 -45.08 -13.57 -12.04
N TYR A 44 -44.89 -12.85 -13.14
CA TYR A 44 -45.96 -12.39 -14.04
C TYR A 44 -46.92 -11.43 -13.34
N PHE A 45 -46.43 -10.74 -12.31
CA PHE A 45 -47.22 -9.73 -11.58
C PHE A 45 -48.54 -10.31 -11.08
N LYS A 46 -48.47 -11.50 -10.47
CA LYS A 46 -49.66 -12.09 -9.87
C LYS A 46 -50.22 -11.17 -8.78
N LYS A 47 -49.34 -10.71 -7.88
CA LYS A 47 -49.70 -9.68 -6.92
C LYS A 47 -48.40 -9.10 -6.38
N GLU A 48 -48.50 -7.94 -5.76
CA GLU A 48 -47.33 -7.32 -5.15
C GLU A 48 -46.81 -8.18 -4.02
N LYS A 49 -45.52 -8.48 -4.05
CA LYS A 49 -44.91 -9.21 -2.95
C LYS A 49 -44.93 -8.35 -1.69
N PRO A 50 -45.20 -8.95 -0.53
CA PRO A 50 -45.32 -8.15 0.70
C PRO A 50 -44.03 -7.41 1.03
N GLN A 51 -44.19 -6.23 1.59
CA GLN A 51 -43.08 -5.37 1.96
C GLN A 51 -42.97 -5.31 3.48
N SER A 52 -41.74 -5.21 3.97
CA SER A 52 -41.50 -5.14 5.41
C SER A 52 -42.10 -3.85 5.98
N THR A 53 -42.62 -3.96 7.20
CA THR A 53 -43.15 -2.79 7.88
C THR A 53 -42.06 -1.76 8.11
N ILE A 54 -40.85 -2.21 8.47
CA ILE A 54 -39.72 -1.31 8.58
C ILE A 54 -39.45 -0.64 7.23
N SER A 55 -39.56 -1.41 6.14
CA SER A 55 -39.42 -0.88 4.79
C SER A 55 -40.73 -0.27 4.29
N GLY A 56 -41.19 0.73 5.02
CA GLY A 56 -42.43 1.42 4.67
C GLY A 56 -42.38 2.02 3.28
N LEU A 57 -41.56 3.05 3.10
CA LEU A 57 -41.32 3.61 1.78
C LEU A 57 -40.17 2.93 1.05
N LEU A 58 -39.38 2.14 1.75
CA LEU A 58 -38.26 1.44 1.13
C LEU A 58 -38.78 0.38 0.15
N GLY A 59 -38.18 0.35 -1.04
CA GLY A 59 -38.67 -0.49 -2.10
C GLY A 59 -38.11 -1.91 -2.07
N PRO A 60 -38.21 -2.60 -3.20
CA PRO A 60 -37.76 -3.98 -3.29
C PRO A 60 -36.24 -4.05 -3.24
N THR A 61 -35.70 -4.73 -2.23
CA THR A 61 -34.27 -5.00 -2.19
C THR A 61 -33.90 -5.96 -3.31
N LEU A 62 -32.93 -5.56 -4.13
CA LEU A 62 -32.50 -6.37 -5.28
C LEU A 62 -31.04 -6.77 -5.07
N TYR A 63 -30.84 -7.86 -4.34
CA TYR A 63 -29.54 -8.49 -4.27
C TYR A 63 -29.23 -9.21 -5.57
N ALA A 64 -27.95 -9.27 -5.92
CA ALA A 64 -27.53 -9.89 -7.16
C ALA A 64 -26.06 -10.25 -7.07
N GLU A 65 -25.74 -11.53 -7.21
CA GLU A 65 -24.36 -11.96 -7.28
C GLU A 65 -23.83 -11.77 -8.70
N VAL A 66 -22.52 -11.93 -8.86
CA VAL A 66 -21.91 -11.72 -10.16
C VAL A 66 -22.42 -12.77 -11.14
N GLY A 67 -22.33 -12.44 -12.43
CA GLY A 67 -22.70 -13.36 -13.49
C GLY A 67 -24.18 -13.48 -13.76
N ASP A 68 -25.04 -12.94 -12.89
CA ASP A 68 -26.48 -13.07 -13.07
C ASP A 68 -26.95 -12.28 -14.28
N ILE A 69 -28.17 -12.58 -14.72
CA ILE A 69 -28.90 -11.76 -15.66
C ILE A 69 -30.27 -11.49 -15.05
N ILE A 70 -30.60 -10.22 -14.87
CA ILE A 70 -31.79 -9.84 -14.11
C ILE A 70 -32.87 -9.41 -15.10
N LYS A 71 -33.85 -10.29 -15.31
CA LYS A 71 -35.00 -9.99 -16.16
C LYS A 71 -36.02 -9.19 -15.35
N VAL A 72 -35.70 -7.91 -15.16
CA VAL A 72 -36.53 -7.04 -14.32
C VAL A 72 -37.71 -6.53 -15.11
N HIS A 73 -38.81 -7.27 -15.10
CA HIS A 73 -40.06 -6.80 -15.68
C HIS A 73 -40.61 -5.66 -14.84
N PHE A 74 -40.78 -4.50 -15.44
CA PHE A 74 -41.27 -3.32 -14.73
C PHE A 74 -42.60 -2.91 -15.36
N LYS A 75 -43.69 -3.47 -14.87
CA LYS A 75 -45.02 -2.99 -15.23
C LYS A 75 -45.23 -1.63 -14.59
N ASN A 76 -45.20 -0.58 -15.40
CA ASN A 76 -45.32 0.77 -14.85
C ASN A 76 -46.76 1.01 -14.39
N LYS A 77 -47.17 0.34 -13.31
CA LYS A 77 -48.54 0.47 -12.85
C LYS A 77 -48.86 1.90 -12.44
N ALA A 78 -47.86 2.68 -12.04
CA ALA A 78 -48.05 4.10 -11.84
C ALA A 78 -48.46 4.76 -13.15
N ASP A 79 -49.43 5.66 -13.08
CA ASP A 79 -50.05 6.24 -14.26
C ASP A 79 -49.15 7.20 -15.02
N LYS A 80 -47.88 7.31 -14.64
CA LYS A 80 -46.93 8.17 -15.34
C LYS A 80 -45.96 7.34 -16.16
N PRO A 81 -45.69 7.75 -17.41
CA PRO A 81 -44.59 7.11 -18.16
C PRO A 81 -43.28 7.31 -17.43
N LEU A 82 -42.67 6.23 -16.97
CA LEU A 82 -41.54 6.32 -16.03
C LEU A 82 -40.34 5.54 -16.57
N SER A 83 -39.31 5.44 -15.73
CA SER A 83 -38.11 4.68 -16.05
C SER A 83 -37.40 4.36 -14.74
N ILE A 84 -36.47 3.42 -14.81
CA ILE A 84 -35.61 3.06 -13.68
C ILE A 84 -34.17 2.99 -14.19
N HIS A 85 -33.28 3.74 -13.54
CA HIS A 85 -31.89 3.83 -13.98
C HIS A 85 -30.96 3.39 -12.87
N PRO A 86 -30.11 2.38 -13.11
CA PRO A 86 -29.08 2.02 -12.11
C PRO A 86 -27.98 3.06 -12.04
N GLN A 87 -27.00 2.86 -11.17
CA GLN A 87 -25.91 3.80 -10.97
C GLN A 87 -24.56 3.25 -11.38
N GLY A 88 -24.15 2.12 -10.82
CA GLY A 88 -22.81 1.61 -11.05
C GLY A 88 -22.76 0.27 -11.75
N ILE A 89 -23.60 0.08 -12.77
CA ILE A 89 -23.65 -1.14 -13.55
C ILE A 89 -23.42 -0.79 -15.01
N ARG A 90 -22.45 -1.47 -15.64
CA ARG A 90 -22.11 -1.22 -17.03
C ARG A 90 -23.20 -1.85 -17.91
N TYR A 91 -24.29 -1.10 -18.09
CA TYR A 91 -25.46 -1.59 -18.78
C TYR A 91 -25.34 -1.41 -20.29
N SER A 92 -26.38 -1.83 -21.00
CA SER A 92 -26.52 -1.61 -22.43
C SER A 92 -27.56 -0.52 -22.69
N LYS A 93 -27.41 0.15 -23.83
CA LYS A 93 -28.31 1.25 -24.16
C LYS A 93 -29.75 0.81 -24.36
N LEU A 94 -29.99 -0.46 -24.70
CA LEU A 94 -31.36 -0.93 -24.83
C LEU A 94 -32.09 -0.94 -23.50
N SER A 95 -31.38 -1.25 -22.42
CA SER A 95 -31.90 -1.12 -21.05
C SER A 95 -31.18 0.02 -20.33
N GLU A 96 -30.89 1.10 -21.06
CA GLU A 96 -30.19 2.24 -20.46
C GLU A 96 -31.04 2.92 -19.40
N GLY A 97 -32.33 3.11 -19.68
CA GLY A 97 -33.23 3.73 -18.73
C GLY A 97 -32.96 5.18 -18.42
N ALA A 98 -32.12 5.86 -19.20
CA ALA A 98 -31.77 7.25 -18.95
C ALA A 98 -31.86 8.03 -20.25
N SER A 99 -32.71 9.04 -20.28
CA SER A 99 -32.94 9.83 -21.49
C SER A 99 -32.08 11.09 -21.46
N TYR A 100 -31.23 11.23 -22.47
CA TYR A 100 -30.44 12.45 -22.67
C TYR A 100 -29.98 12.46 -24.12
N LEU A 101 -29.08 13.39 -24.45
CA LEU A 101 -28.64 13.58 -25.83
C LEU A 101 -27.57 12.55 -26.21
N ASP A 102 -27.85 11.28 -25.96
CA ASP A 102 -26.94 10.21 -26.36
C ASP A 102 -26.98 9.92 -27.85
N HIS A 103 -27.92 10.51 -28.58
CA HIS A 103 -28.06 10.31 -30.03
C HIS A 103 -28.28 8.83 -30.36
N THR A 104 -29.09 8.15 -29.54
CA THR A 104 -29.34 6.73 -29.71
C THR A 104 -30.69 6.51 -30.40
N PHE A 105 -31.09 5.25 -30.48
CA PHE A 105 -32.27 4.83 -31.22
C PHE A 105 -33.47 4.72 -30.29
N PRO A 106 -34.70 4.78 -30.83
CA PRO A 106 -35.88 4.68 -29.97
C PRO A 106 -35.94 3.37 -29.18
N ALA A 107 -35.48 2.26 -29.76
CA ALA A 107 -35.44 1.01 -29.01
C ALA A 107 -34.55 1.13 -27.78
N GLU A 108 -33.48 1.92 -27.88
CA GLU A 108 -32.63 2.23 -26.74
C GLU A 108 -33.11 3.45 -25.97
N LYS A 109 -34.24 4.04 -26.38
CA LYS A 109 -34.90 5.12 -25.65
C LYS A 109 -36.18 4.69 -24.94
N MET A 110 -36.80 3.59 -25.36
CA MET A 110 -38.02 3.13 -24.72
C MET A 110 -37.78 2.78 -23.25
N ASP A 111 -36.60 2.25 -22.95
CA ASP A 111 -36.20 2.05 -21.57
C ASP A 111 -36.17 3.37 -20.80
N ASP A 112 -35.66 4.42 -21.45
CA ASP A 112 -35.52 5.71 -20.78
C ASP A 112 -36.85 6.32 -20.41
N ALA A 113 -37.94 5.85 -21.00
CA ALA A 113 -39.28 6.26 -20.57
C ALA A 113 -40.24 5.14 -20.99
N VAL A 114 -40.65 4.33 -20.02
CA VAL A 114 -41.58 3.22 -20.27
C VAL A 114 -42.99 3.69 -19.99
N ALA A 115 -43.93 3.27 -20.84
CA ALA A 115 -45.29 3.75 -20.74
C ALA A 115 -45.95 3.21 -19.46
N PRO A 116 -46.93 3.93 -18.91
CA PRO A 116 -47.60 3.46 -17.71
C PRO A 116 -48.41 2.20 -17.99
N GLY A 117 -48.54 1.36 -16.96
CA GLY A 117 -49.24 0.10 -17.10
C GLY A 117 -48.62 -0.85 -18.10
N ARG A 118 -47.33 -0.69 -18.39
CA ARG A 118 -46.65 -1.48 -19.40
C ARG A 118 -45.43 -2.16 -18.79
N GLU A 119 -45.30 -3.46 -19.01
CA GLU A 119 -44.15 -4.20 -18.54
C GLU A 119 -42.97 -3.97 -19.47
N TYR A 120 -41.83 -3.59 -18.90
CA TYR A 120 -40.56 -3.61 -19.61
C TYR A 120 -39.59 -4.46 -18.81
N THR A 121 -39.00 -5.46 -19.46
CA THR A 121 -38.08 -6.38 -18.81
C THR A 121 -36.69 -5.74 -18.86
N TYR A 122 -36.35 -5.02 -17.79
CA TYR A 122 -35.04 -4.37 -17.70
C TYR A 122 -33.96 -5.42 -17.48
N GLU A 123 -33.35 -5.89 -18.57
CA GLU A 123 -32.40 -6.99 -18.51
C GLU A 123 -30.97 -6.45 -18.45
N TRP A 124 -30.18 -6.98 -17.53
CA TRP A 124 -28.77 -6.62 -17.39
C TRP A 124 -28.02 -7.86 -16.95
N SER A 125 -27.04 -8.27 -17.74
CA SER A 125 -26.20 -9.40 -17.35
C SER A 125 -25.11 -8.92 -16.41
N ILE A 126 -25.13 -9.43 -15.18
CA ILE A 126 -24.13 -9.07 -14.18
C ILE A 126 -22.79 -9.69 -14.57
N SER A 127 -21.70 -9.04 -14.16
CA SER A 127 -20.35 -9.49 -14.46
C SER A 127 -19.54 -9.50 -13.17
N GLU A 128 -18.40 -10.20 -13.23
CA GLU A 128 -17.48 -10.19 -12.10
C GLU A 128 -16.97 -8.79 -11.80
N ASP A 129 -16.88 -7.93 -12.82
CA ASP A 129 -16.57 -6.52 -12.57
C ASP A 129 -17.64 -5.88 -11.70
N SER A 130 -18.91 -6.15 -11.99
CA SER A 130 -20.02 -5.65 -11.18
C SER A 130 -20.22 -6.57 -9.99
N GLY A 131 -19.28 -6.49 -9.05
CA GLY A 131 -19.31 -7.30 -7.85
C GLY A 131 -18.23 -6.92 -6.87
N PRO A 132 -18.36 -7.38 -5.62
CA PRO A 132 -17.34 -7.09 -4.61
C PRO A 132 -15.99 -7.67 -5.01
N THR A 133 -14.94 -6.91 -4.73
CA THR A 133 -13.58 -7.26 -5.10
C THR A 133 -12.82 -7.78 -3.88
N HIS A 134 -11.50 -7.94 -4.03
CA HIS A 134 -10.66 -8.21 -2.87
C HIS A 134 -10.61 -6.98 -1.96
N ASP A 135 -10.41 -7.23 -0.67
CA ASP A 135 -10.46 -6.21 0.38
C ASP A 135 -11.82 -5.52 0.43
N ASP A 136 -12.86 -6.20 -0.05
CA ASP A 136 -14.20 -5.65 -0.17
C ASP A 136 -15.15 -6.57 0.58
N PRO A 137 -16.01 -6.04 1.45
CA PRO A 137 -17.00 -6.87 2.13
C PRO A 137 -17.79 -7.74 1.16
N PRO A 138 -18.40 -8.83 1.64
CA PRO A 138 -19.03 -9.79 0.71
C PRO A 138 -20.15 -9.21 -0.13
N CYS A 139 -20.64 -8.01 0.20
CA CYS A 139 -21.70 -7.38 -0.56
C CYS A 139 -21.32 -5.95 -0.90
N LEU A 140 -21.89 -5.45 -1.99
CA LEU A 140 -21.74 -4.07 -2.43
C LEU A 140 -23.11 -3.44 -2.53
N THR A 141 -23.15 -2.12 -2.36
CA THR A 141 -24.37 -1.36 -2.30
C THR A 141 -24.43 -0.35 -3.44
N HIS A 142 -25.57 -0.29 -4.13
CA HIS A 142 -25.78 0.60 -5.26
C HIS A 142 -27.23 1.08 -5.21
N ILE A 143 -27.69 1.66 -6.31
CA ILE A 143 -29.04 2.22 -6.36
C ILE A 143 -29.53 2.21 -7.80
N TYR A 144 -30.79 1.81 -7.98
CA TYR A 144 -31.54 2.05 -9.21
C TYR A 144 -32.58 3.11 -8.93
N TYR A 145 -32.64 4.13 -9.78
CA TYR A 145 -33.45 5.30 -9.51
C TYR A 145 -34.25 5.66 -10.75
N SER A 146 -35.38 6.32 -10.53
CA SER A 146 -36.26 6.74 -11.61
C SER A 146 -35.62 7.92 -12.33
N HIS A 147 -35.08 7.66 -13.53
CA HIS A 147 -34.47 8.71 -14.34
C HIS A 147 -35.49 9.60 -15.03
N GLU A 148 -36.77 9.26 -14.95
CA GLU A 148 -37.80 10.08 -15.57
C GLU A 148 -37.78 11.51 -15.04
N ASN A 149 -37.63 11.66 -13.71
CA ASN A 149 -37.49 12.98 -13.10
C ASN A 149 -36.61 12.81 -11.88
N LEU A 150 -35.31 13.07 -12.03
CA LEU A 150 -34.39 12.91 -10.92
C LEU A 150 -34.66 13.88 -9.78
N ILE A 151 -35.47 14.91 -10.01
CA ILE A 151 -35.81 15.88 -8.97
C ILE A 151 -37.10 15.51 -8.26
N GLU A 152 -38.16 15.25 -9.01
CA GLU A 152 -39.48 15.05 -8.43
C GLU A 152 -39.79 13.59 -8.10
N ASP A 153 -39.21 12.65 -8.83
CA ASP A 153 -39.50 11.24 -8.61
C ASP A 153 -39.09 10.81 -7.20
N PHE A 154 -37.92 11.25 -6.75
CA PHE A 154 -37.46 10.88 -5.41
C PHE A 154 -38.48 11.29 -4.34
N ASN A 155 -38.89 12.55 -4.34
CA ASN A 155 -39.86 13.01 -3.35
C ASN A 155 -41.23 12.36 -3.55
N SER A 156 -41.55 11.95 -4.78
CA SER A 156 -42.76 11.19 -5.03
C SER A 156 -42.58 9.70 -4.77
N GLY A 157 -41.36 9.27 -4.44
CA GLY A 157 -41.09 7.86 -4.18
C GLY A 157 -40.10 7.26 -5.14
N LEU A 158 -40.47 6.12 -5.73
CA LEU A 158 -39.64 5.45 -6.74
C LEU A 158 -38.22 5.18 -6.22
N ILE A 159 -38.17 4.46 -5.11
CA ILE A 159 -36.92 4.16 -4.42
C ILE A 159 -36.87 2.66 -4.14
N GLY A 160 -35.71 2.05 -4.38
CA GLY A 160 -35.52 0.65 -4.11
C GLY A 160 -34.06 0.30 -3.88
N PRO A 161 -33.80 -0.55 -2.88
CA PRO A 161 -32.42 -0.89 -2.55
C PRO A 161 -31.78 -1.76 -3.63
N LEU A 162 -30.53 -1.44 -3.96
CA LEU A 162 -29.73 -2.22 -4.90
C LEU A 162 -28.51 -2.74 -4.17
N LEU A 163 -28.33 -4.06 -4.17
CA LEU A 163 -27.20 -4.69 -3.52
C LEU A 163 -26.56 -5.70 -4.47
N ILE A 164 -25.23 -5.72 -4.50
CA ILE A 164 -24.46 -6.68 -5.28
C ILE A 164 -23.51 -7.40 -4.35
N CYS A 165 -23.57 -8.72 -4.35
CA CYS A 165 -22.77 -9.53 -3.45
C CYS A 165 -21.92 -10.51 -4.24
N LYS A 166 -20.91 -11.04 -3.57
CA LYS A 166 -20.07 -12.08 -4.18
C LYS A 166 -20.85 -13.38 -4.31
N LYS A 167 -20.37 -14.25 -5.20
CA LYS A 167 -20.89 -15.60 -5.27
C LYS A 167 -20.51 -16.38 -4.03
N GLY A 168 -21.37 -17.33 -3.66
CA GLY A 168 -21.11 -18.14 -2.48
C GLY A 168 -21.68 -17.55 -1.21
N THR A 169 -21.22 -16.35 -0.85
CA THR A 169 -21.74 -15.69 0.35
C THR A 169 -23.23 -15.37 0.18
N LEU A 170 -23.63 -14.95 -1.01
CA LEU A 170 -25.04 -14.65 -1.26
C LEU A 170 -25.88 -15.92 -1.14
N THR A 171 -26.99 -15.82 -0.42
CA THR A 171 -27.93 -16.91 -0.31
C THR A 171 -29.00 -16.79 -1.39
N GLU A 172 -29.93 -17.74 -1.41
CA GLU A 172 -31.08 -17.64 -2.29
C GLU A 172 -31.95 -16.45 -1.92
N GLY A 173 -32.10 -16.19 -0.63
CA GLY A 173 -32.85 -15.03 -0.16
C GLY A 173 -32.08 -13.72 -0.17
N GLY A 174 -30.77 -13.77 -0.42
CA GLY A 174 -29.95 -12.58 -0.45
C GLY A 174 -29.07 -12.35 0.75
N THR A 175 -29.26 -13.10 1.82
CA THR A 175 -28.42 -12.94 3.00
C THR A 175 -27.03 -13.51 2.74
N GLN A 176 -26.10 -13.14 3.61
CA GLN A 176 -24.75 -13.67 3.57
C GLN A 176 -24.65 -14.88 4.47
N LYS A 177 -24.12 -15.99 3.95
CA LYS A 177 -24.00 -17.21 4.75
C LYS A 177 -23.12 -16.98 5.97
N THR A 178 -22.13 -16.09 5.87
CA THR A 178 -21.30 -15.74 7.01
C THR A 178 -21.98 -14.77 7.97
N PHE A 179 -23.13 -14.20 7.58
CA PHE A 179 -23.79 -13.17 8.36
C PHE A 179 -25.13 -13.69 8.86
N ASP A 180 -25.37 -13.55 10.17
CA ASP A 180 -26.63 -14.02 10.73
C ASP A 180 -27.81 -13.21 10.20
N LYS A 181 -27.63 -11.91 10.03
CA LYS A 181 -28.67 -11.04 9.49
C LYS A 181 -28.04 -9.97 8.61
N GLN A 182 -28.88 -9.36 7.77
CA GLN A 182 -28.53 -8.20 6.98
C GLN A 182 -29.55 -7.11 7.23
N ILE A 183 -29.08 -5.87 7.40
CA ILE A 183 -29.94 -4.75 7.74
C ILE A 183 -29.69 -3.61 6.75
N VAL A 184 -30.77 -3.05 6.23
CA VAL A 184 -30.72 -1.92 5.30
C VAL A 184 -31.26 -0.69 6.00
N LEU A 185 -30.53 0.42 5.91
CA LEU A 185 -30.85 1.65 6.61
C LEU A 185 -31.00 2.78 5.60
N LEU A 186 -32.06 3.57 5.75
CA LEU A 186 -32.30 4.67 4.82
C LEU A 186 -32.85 5.88 5.56
N PHE A 187 -32.47 7.06 5.08
CA PHE A 187 -32.97 8.34 5.57
C PHE A 187 -33.36 9.20 4.38
N ALA A 188 -34.28 10.13 4.60
CA ALA A 188 -34.72 11.02 3.53
C ALA A 188 -35.29 12.31 4.12
N VAL A 189 -35.39 13.31 3.25
CA VAL A 189 -35.86 14.65 3.61
C VAL A 189 -37.08 14.96 2.75
N PHE A 190 -37.91 13.94 2.53
CA PHE A 190 -39.06 13.99 1.63
C PHE A 190 -39.78 15.34 1.70
N ASP A 191 -39.88 15.99 0.54
CA ASP A 191 -40.52 17.29 0.41
C ASP A 191 -41.64 17.19 -0.61
N GLU A 192 -42.87 17.50 -0.19
CA GLU A 192 -44.00 17.45 -1.09
C GLU A 192 -43.95 18.55 -2.15
N SER A 193 -43.13 19.57 -1.96
CA SER A 193 -43.03 20.63 -2.96
C SER A 193 -42.58 20.07 -4.30
N LYS A 194 -41.52 19.27 -4.29
CA LYS A 194 -41.04 18.61 -5.51
C LYS A 194 -41.59 17.20 -5.64
N SER A 195 -42.91 17.06 -5.53
CA SER A 195 -43.55 15.75 -5.61
C SER A 195 -44.67 15.76 -6.62
N TRP A 196 -45.49 14.70 -6.64
CA TRP A 196 -46.67 14.70 -7.49
C TRP A 196 -47.72 15.69 -6.95
N SER A 197 -48.15 15.48 -5.72
CA SER A 197 -48.89 16.51 -5.01
C SER A 197 -47.91 17.53 -4.43
N GLN A 198 -48.40 18.75 -4.19
CA GLN A 198 -47.57 19.87 -3.77
C GLN A 198 -47.90 20.27 -2.35
N SER A 199 -46.88 20.32 -1.49
CA SER A 199 -47.00 20.85 -0.14
C SER A 199 -45.60 21.18 0.37
N SER A 200 -45.56 22.04 1.39
CA SER A 200 -44.29 22.45 1.99
C SER A 200 -43.95 21.46 3.11
N SER A 201 -43.41 20.31 2.70
CA SER A 201 -43.10 19.23 3.64
C SER A 201 -41.63 19.32 4.03
N LEU A 202 -41.36 20.10 5.08
CA LEU A 202 -40.07 20.07 5.74
C LEU A 202 -39.90 18.84 6.62
N MET A 203 -40.93 18.02 6.72
CA MET A 203 -40.90 16.80 7.51
C MET A 203 -39.79 15.86 7.03
N TYR A 204 -38.98 15.40 8.00
CA TYR A 204 -37.87 14.50 7.70
C TYR A 204 -38.32 13.05 7.86
N THR A 205 -37.70 12.16 7.09
CA THR A 205 -38.11 10.76 7.04
C THR A 205 -36.90 9.85 7.16
N VAL A 206 -36.84 9.10 8.26
CA VAL A 206 -35.97 7.94 8.36
C VAL A 206 -36.72 6.74 7.80
N ASN A 207 -36.13 6.11 6.79
CA ASN A 207 -36.78 5.05 6.01
C ASN A 207 -38.13 5.59 5.55
N GLY A 208 -39.24 4.88 5.76
CA GLY A 208 -40.54 5.39 5.39
C GLY A 208 -41.27 6.15 6.47
N TYR A 209 -40.66 6.37 7.63
CA TYR A 209 -41.36 6.96 8.77
C TYR A 209 -40.74 8.30 9.15
N VAL A 210 -41.59 9.18 9.67
CA VAL A 210 -41.26 10.59 9.85
C VAL A 210 -40.62 10.83 11.20
N ASN A 211 -39.57 11.67 11.19
CA ASN A 211 -38.94 12.29 12.37
C ASN A 211 -38.95 11.39 13.61
N GLY A 212 -38.46 10.17 13.47
CA GLY A 212 -38.25 9.32 14.62
C GLY A 212 -39.46 8.55 15.09
N THR A 213 -40.26 8.01 14.16
CA THR A 213 -41.41 7.19 14.52
C THR A 213 -41.29 5.77 13.98
N MET A 214 -40.07 5.28 13.79
CA MET A 214 -39.86 3.92 13.31
C MET A 214 -40.50 2.91 14.26
N PRO A 215 -41.14 1.87 13.73
CA PRO A 215 -41.35 0.66 14.54
C PRO A 215 -39.99 0.12 14.96
N ASP A 216 -39.88 -0.27 16.22
CA ASP A 216 -38.58 -0.62 16.76
C ASP A 216 -38.07 -1.93 16.15
N ILE A 217 -36.76 -2.12 16.27
CA ILE A 217 -36.06 -3.25 15.64
C ILE A 217 -35.51 -4.13 16.75
N THR A 218 -35.66 -5.44 16.59
CA THR A 218 -35.16 -6.41 17.55
C THR A 218 -34.07 -7.25 16.88
N VAL A 219 -32.88 -7.26 17.47
CA VAL A 219 -31.75 -8.02 16.95
C VAL A 219 -31.21 -8.90 18.07
N CYS A 220 -31.13 -10.21 17.80
CA CYS A 220 -30.63 -11.15 18.79
C CYS A 220 -29.14 -10.95 19.03
N ALA A 221 -28.69 -11.31 20.23
CA ALA A 221 -27.30 -11.09 20.61
C ALA A 221 -26.36 -11.94 19.76
N HIS A 222 -25.14 -11.43 19.58
CA HIS A 222 -24.09 -12.10 18.81
C HIS A 222 -24.54 -12.36 17.36
N ASP A 223 -25.39 -11.49 16.83
CA ASP A 223 -25.88 -11.63 15.46
C ASP A 223 -24.94 -10.87 14.53
N HIS A 224 -24.32 -11.60 13.60
CA HIS A 224 -23.43 -10.99 12.63
C HIS A 224 -24.27 -10.21 11.62
N ILE A 225 -24.35 -8.90 11.79
CA ILE A 225 -25.15 -8.05 10.93
C ILE A 225 -24.30 -7.54 9.78
N SER A 226 -24.77 -7.77 8.55
CA SER A 226 -24.19 -7.15 7.36
C SER A 226 -25.06 -5.94 7.06
N TRP A 227 -24.67 -4.79 7.62
CA TRP A 227 -25.48 -3.59 7.51
C TRP A 227 -25.49 -3.08 6.07
N HIS A 228 -26.45 -2.20 5.79
CA HIS A 228 -26.53 -1.53 4.49
C HIS A 228 -27.09 -0.13 4.75
N LEU A 229 -26.17 0.82 4.92
CA LEU A 229 -26.54 2.19 5.26
C LEU A 229 -26.67 3.01 3.98
N LEU A 230 -27.85 3.58 3.77
CA LEU A 230 -28.15 4.37 2.57
C LEU A 230 -28.61 5.76 3.01
N GLY A 231 -27.92 6.79 2.54
CA GLY A 231 -28.37 8.14 2.77
C GLY A 231 -28.57 8.89 1.48
N MET A 232 -29.82 9.17 1.11
CA MET A 232 -30.14 9.90 -0.10
C MET A 232 -31.18 10.97 0.21
N SER A 233 -31.05 12.11 -0.45
CA SER A 233 -32.00 13.21 -0.31
C SER A 233 -31.77 14.18 -1.46
N SER A 234 -32.74 15.07 -1.65
CA SER A 234 -32.68 16.01 -2.76
C SER A 234 -31.47 16.92 -2.65
N GLY A 235 -31.46 17.79 -1.63
CA GLY A 235 -30.35 18.69 -1.43
C GLY A 235 -29.21 18.01 -0.70
N PRO A 236 -28.16 18.78 -0.45
CA PRO A 236 -27.03 18.25 0.33
C PRO A 236 -27.37 18.14 1.80
N GLU A 237 -27.62 16.91 2.26
CA GLU A 237 -28.06 16.67 3.63
C GLU A 237 -27.08 15.71 4.30
N LEU A 238 -26.58 16.09 5.47
CA LEU A 238 -25.63 15.29 6.21
C LEU A 238 -26.38 14.33 7.13
N PHE A 239 -26.00 13.06 7.08
CA PHE A 239 -26.59 12.01 7.92
C PHE A 239 -25.49 11.49 8.83
N SER A 240 -25.31 12.16 9.97
CA SER A 240 -24.23 11.84 10.90
C SER A 240 -24.77 10.97 12.04
N ILE A 241 -25.17 9.76 11.68
CA ILE A 241 -25.74 8.83 12.64
C ILE A 241 -24.63 8.18 13.44
N HIS A 242 -24.77 8.19 14.76
CA HIS A 242 -23.87 7.47 15.66
C HIS A 242 -24.55 6.19 16.13
N PHE A 243 -23.91 5.05 15.91
CA PHE A 243 -24.42 3.78 16.39
C PHE A 243 -24.11 3.69 17.87
N ASN A 244 -25.06 4.14 18.70
CA ASN A 244 -24.88 4.18 20.14
C ASN A 244 -24.82 2.75 20.68
N GLY A 245 -23.64 2.32 21.07
CA GLY A 245 -23.42 0.97 21.55
C GLY A 245 -22.82 0.02 20.53
N GLN A 246 -22.55 0.48 19.31
CA GLN A 246 -22.05 -0.37 18.25
C GLN A 246 -20.93 0.33 17.49
N VAL A 247 -19.99 -0.47 16.97
CA VAL A 247 -18.91 0.01 16.12
C VAL A 247 -18.98 -0.78 14.82
N LEU A 248 -18.94 -0.06 13.70
CA LEU A 248 -19.11 -0.66 12.38
C LEU A 248 -17.84 -0.56 11.56
N GLU A 249 -17.73 -1.43 10.56
CA GLU A 249 -16.55 -1.52 9.72
C GLU A 249 -16.87 -1.05 8.31
N GLN A 250 -16.15 -0.03 7.84
CA GLN A 250 -16.30 0.48 6.49
C GLN A 250 -14.92 0.56 5.86
N ASN A 251 -14.69 -0.24 4.81
CA ASN A 251 -13.41 -0.29 4.11
C ASN A 251 -12.27 -0.56 5.09
N HIS A 252 -12.48 -1.54 5.96
CA HIS A 252 -11.49 -1.94 6.97
C HIS A 252 -11.18 -0.80 7.95
N HIS A 253 -12.16 0.06 8.20
CA HIS A 253 -12.04 1.14 9.16
C HIS A 253 -13.16 1.01 10.19
N LYS A 254 -12.82 1.15 11.46
CA LYS A 254 -13.77 0.98 12.55
C LYS A 254 -14.09 2.33 13.17
N VAL A 255 -15.37 2.71 13.14
CA VAL A 255 -15.87 3.91 13.79
C VAL A 255 -17.23 3.62 14.39
N SER A 256 -17.53 4.28 15.50
CA SER A 256 -18.82 4.13 16.15
C SER A 256 -19.88 5.05 15.53
N ALA A 257 -19.48 6.25 15.14
CA ALA A 257 -20.38 7.19 14.47
C ALA A 257 -20.19 7.11 12.97
N ILE A 258 -21.29 6.93 12.24
CA ILE A 258 -21.26 6.81 10.79
C ILE A 258 -21.79 8.13 10.24
N THR A 259 -20.86 8.98 9.80
CA THR A 259 -21.23 10.27 9.21
C THR A 259 -21.31 10.12 7.69
N LEU A 260 -22.48 10.40 7.14
CA LEU A 260 -22.72 10.27 5.71
C LEU A 260 -23.52 11.47 5.22
N VAL A 261 -23.55 11.65 3.91
CA VAL A 261 -24.24 12.78 3.29
C VAL A 261 -25.28 12.21 2.34
N SER A 262 -26.00 13.07 1.61
CA SER A 262 -26.97 12.60 0.64
C SER A 262 -26.28 11.79 -0.45
N ALA A 263 -27.05 10.87 -1.05
CA ALA A 263 -26.56 9.98 -2.10
C ALA A 263 -25.36 9.16 -1.63
N THR A 264 -25.44 8.68 -0.39
CA THR A 264 -24.42 7.80 0.17
C THR A 264 -25.02 6.43 0.42
N SER A 265 -24.37 5.40 -0.11
CA SER A 265 -24.73 4.01 0.13
C SER A 265 -23.53 3.30 0.74
N THR A 266 -23.76 2.60 1.85
CA THR A 266 -22.67 2.02 2.62
C THR A 266 -23.13 0.70 3.23
N THR A 267 -22.16 -0.19 3.49
CA THR A 267 -22.39 -1.45 4.18
C THR A 267 -21.33 -1.62 5.27
N ALA A 268 -21.67 -2.38 6.31
CA ALA A 268 -20.77 -2.54 7.44
C ALA A 268 -21.09 -3.84 8.17
N ASN A 269 -20.40 -4.05 9.30
CA ASN A 269 -20.55 -5.25 10.10
C ASN A 269 -20.72 -4.89 11.57
N MET A 270 -21.44 -5.74 12.29
CA MET A 270 -21.45 -5.72 13.74
C MET A 270 -21.97 -7.06 14.25
N THR A 271 -21.31 -7.59 15.28
CA THR A 271 -21.80 -8.76 16.01
C THR A 271 -22.54 -8.25 17.24
N VAL A 272 -23.86 -8.51 17.28
CA VAL A 272 -24.74 -7.81 18.19
C VAL A 272 -24.33 -8.02 19.65
N GLY A 273 -24.36 -6.94 20.42
CA GLY A 273 -23.96 -6.96 21.81
C GLY A 273 -24.86 -7.82 22.68
N PRO A 274 -24.61 -7.80 24.00
CA PRO A 274 -25.32 -8.72 24.90
C PRO A 274 -26.83 -8.48 24.99
N GLU A 275 -27.23 -7.27 25.37
CA GLU A 275 -28.63 -7.06 25.73
C GLU A 275 -28.91 -5.57 25.82
N GLY A 276 -30.16 -5.19 25.55
CA GLY A 276 -30.62 -3.83 25.73
C GLY A 276 -31.00 -3.13 24.45
N LYS A 277 -32.17 -2.50 24.44
CA LYS A 277 -32.58 -1.72 23.28
C LYS A 277 -31.65 -0.52 23.12
N TRP A 278 -31.48 -0.07 21.88
CA TRP A 278 -30.61 1.06 21.59
C TRP A 278 -31.27 1.94 20.53
N ILE A 279 -30.90 3.22 20.55
CA ILE A 279 -31.39 4.21 19.61
C ILE A 279 -30.20 4.83 18.91
N ILE A 280 -30.35 5.07 17.61
CA ILE A 280 -29.33 5.76 16.81
C ILE A 280 -30.00 6.94 16.11
N SER A 281 -29.27 8.03 16.01
CA SER A 281 -29.79 9.24 15.39
C SER A 281 -28.66 10.02 14.77
N SER A 282 -29.02 10.86 13.79
CA SER A 282 -28.02 11.66 13.09
C SER A 282 -27.68 12.92 13.88
N LEU A 283 -26.39 13.20 13.97
CA LEU A 283 -25.88 14.34 14.74
C LEU A 283 -26.01 15.66 13.99
N THR A 284 -26.62 15.67 12.81
CA THR A 284 -26.89 16.91 12.11
C THR A 284 -27.83 17.78 12.95
N PRO A 285 -27.61 19.09 13.02
CA PRO A 285 -28.54 19.95 13.78
C PRO A 285 -29.98 19.86 13.29
N LYS A 286 -30.19 19.77 11.97
CA LYS A 286 -31.56 19.62 11.49
C LYS A 286 -32.12 18.23 11.78
N HIS A 287 -31.26 17.22 11.82
CA HIS A 287 -31.69 15.89 12.24
C HIS A 287 -31.89 15.80 13.75
N LEU A 288 -31.42 16.79 14.50
CA LEU A 288 -31.77 16.97 15.90
C LEU A 288 -33.10 17.68 16.04
N GLN A 289 -33.35 18.65 15.16
CA GLN A 289 -34.68 19.24 15.06
C GLN A 289 -35.73 18.18 14.75
N ALA A 290 -35.41 17.27 13.84
CA ALA A 290 -36.24 16.10 13.56
C ALA A 290 -35.85 14.96 14.48
N GLY A 291 -36.57 13.85 14.36
CA GLY A 291 -36.30 12.70 15.20
C GLY A 291 -35.13 11.83 14.78
N MET A 292 -35.25 11.18 13.63
CA MET A 292 -34.30 10.16 13.18
C MET A 292 -33.99 9.17 14.30
N GLN A 293 -35.05 8.71 14.95
CA GLN A 293 -34.94 7.87 16.14
C GLN A 293 -35.19 6.43 15.74
N ALA A 294 -34.12 5.75 15.34
CA ALA A 294 -34.17 4.34 14.96
C ALA A 294 -33.86 3.50 16.19
N TYR A 295 -34.91 3.11 16.91
CA TYR A 295 -34.75 2.26 18.08
C TYR A 295 -34.48 0.82 17.65
N ILE A 296 -33.39 0.24 18.15
CA ILE A 296 -33.03 -1.14 17.86
C ILE A 296 -32.83 -1.86 19.18
N ASP A 297 -33.40 -3.07 19.28
CA ASP A 297 -33.38 -3.84 20.52
C ASP A 297 -32.30 -4.91 20.42
N ILE A 298 -31.14 -4.63 21.01
CA ILE A 298 -30.13 -5.66 21.21
C ILE A 298 -30.62 -6.56 22.35
N LYS A 299 -30.89 -7.83 22.04
CA LYS A 299 -31.49 -8.76 22.99
C LYS A 299 -30.65 -10.03 23.05
N ASN A 300 -30.43 -10.53 24.27
CA ASN A 300 -29.73 -11.79 24.49
C ASN A 300 -30.73 -12.92 24.27
N CYS A 301 -30.90 -13.32 23.02
CA CYS A 301 -31.88 -14.33 22.68
C CYS A 301 -31.42 -15.70 23.15
N PRO A 302 -32.17 -16.38 24.02
CA PRO A 302 -31.89 -17.81 24.24
C PRO A 302 -32.06 -18.63 22.98
N LYS A 303 -32.97 -18.23 22.09
CA LYS A 303 -33.13 -18.87 20.79
C LYS A 303 -32.13 -18.31 19.79
N LYS A 304 -30.87 -18.19 20.21
CA LYS A 304 -29.78 -17.78 19.34
C LYS A 304 -28.54 -18.62 19.50
N THR A 305 -28.42 -19.41 20.58
CA THR A 305 -27.20 -20.13 20.90
C THR A 305 -26.00 -19.19 20.90
N ARG A 306 -26.05 -18.26 21.86
CA ARG A 306 -24.97 -17.30 22.06
C ARG A 306 -23.64 -18.03 22.11
N ASN A 307 -22.76 -17.72 21.16
CA ASN A 307 -21.62 -18.59 20.86
C ASN A 307 -20.71 -18.75 22.07
N LEU A 308 -20.45 -17.67 22.79
CA LEU A 308 -19.50 -17.66 23.89
C LEU A 308 -18.15 -18.22 23.44
N LYS A 309 -17.64 -17.68 22.33
CA LYS A 309 -16.36 -18.15 21.80
C LYS A 309 -15.26 -17.99 22.83
N LYS A 310 -15.25 -16.86 23.53
CA LYS A 310 -14.27 -16.59 24.59
C LYS A 310 -12.84 -16.70 24.08
N ILE A 311 -12.64 -16.31 22.83
CA ILE A 311 -11.28 -16.25 22.25
C ILE A 311 -10.72 -14.89 22.65
N THR A 312 -10.23 -14.83 23.88
CA THR A 312 -9.81 -13.58 24.50
C THR A 312 -8.79 -13.90 25.59
N ARG A 313 -8.45 -12.90 26.38
CA ARG A 313 -7.50 -13.08 27.47
C ARG A 313 -8.13 -12.94 28.85
N GLU A 314 -8.96 -11.92 29.05
CA GLU A 314 -9.73 -11.72 30.29
C GLU A 314 -8.81 -11.78 31.51
N GLN A 315 -7.91 -10.80 31.55
CA GLN A 315 -6.82 -10.85 32.52
C GLN A 315 -6.18 -9.48 32.64
N ARG A 316 -5.41 -9.28 33.71
CA ARG A 316 -5.00 -7.96 34.15
C ARG A 316 -3.74 -7.45 33.48
N ARG A 317 -3.13 -8.19 32.55
CA ARG A 317 -2.13 -7.55 31.70
C ARG A 317 -2.78 -6.45 30.88
N HIS A 318 -2.05 -5.36 30.70
CA HIS A 318 -2.51 -4.15 30.03
C HIS A 318 -3.62 -3.48 30.81
N MET A 319 -3.94 -3.96 32.01
CA MET A 319 -5.10 -3.52 32.76
C MET A 319 -4.65 -2.77 34.00
N LYS A 320 -5.55 -1.90 34.49
CA LYS A 320 -5.47 -1.34 35.82
C LYS A 320 -6.80 -0.61 36.08
N ARG A 321 -7.23 -0.57 37.33
CA ARG A 321 -8.56 -0.05 37.63
C ARG A 321 -8.71 1.39 37.17
N TRP A 322 -7.60 2.14 37.11
CA TRP A 322 -7.53 3.45 36.49
C TRP A 322 -8.71 4.33 36.91
N GLU A 323 -8.74 4.62 38.21
CA GLU A 323 -9.87 5.34 38.81
C GLU A 323 -9.82 6.80 38.38
N TYR A 324 -10.58 7.14 37.34
CA TYR A 324 -10.75 8.52 36.91
C TYR A 324 -11.89 9.13 37.71
N PHE A 325 -11.57 10.02 38.63
CA PHE A 325 -12.56 10.70 39.46
C PHE A 325 -12.80 12.07 38.83
N ILE A 326 -13.79 12.13 37.95
CA ILE A 326 -13.99 13.32 37.12
C ILE A 326 -15.31 13.94 37.50
N ALA A 327 -15.64 13.89 38.79
CA ALA A 327 -16.86 14.44 39.35
C ALA A 327 -17.20 15.82 38.77
N ALA A 328 -18.43 15.97 38.30
CA ALA A 328 -18.86 17.22 37.68
C ALA A 328 -18.97 18.33 38.72
N GLU A 329 -18.51 19.53 38.35
CA GLU A 329 -18.53 20.67 39.25
C GLU A 329 -18.85 21.93 38.46
N GLU A 330 -19.75 22.75 38.99
CA GLU A 330 -20.08 24.01 38.34
C GLU A 330 -18.93 24.99 38.50
N VAL A 331 -18.54 25.62 37.39
CA VAL A 331 -17.41 26.54 37.37
C VAL A 331 -17.83 27.82 36.68
N ILE A 332 -17.11 28.88 36.99
CA ILE A 332 -17.16 30.11 36.22
C ILE A 332 -16.17 29.97 35.07
N TRP A 333 -16.42 30.67 33.97
CA TRP A 333 -15.53 30.50 32.83
C TRP A 333 -15.57 31.73 31.93
N ASP A 334 -14.49 31.88 31.17
CA ASP A 334 -14.37 32.88 30.12
C ASP A 334 -14.06 32.17 28.82
N TYR A 335 -14.85 32.45 27.77
CA TYR A 335 -14.50 31.92 26.47
C TYR A 335 -13.21 32.50 25.94
N ALA A 336 -12.92 33.76 26.28
CA ALA A 336 -11.68 34.40 25.86
C ALA A 336 -10.71 34.47 27.03
N PRO A 337 -9.61 33.72 27.01
CA PRO A 337 -8.59 33.90 28.04
C PRO A 337 -7.74 35.13 27.77
N VAL A 338 -8.35 36.32 27.90
CA VAL A 338 -7.63 37.56 27.65
C VAL A 338 -6.44 37.68 28.60
N ILE A 339 -6.66 37.42 29.88
CA ILE A 339 -5.57 37.23 30.82
C ILE A 339 -5.19 35.75 30.73
N PRO A 340 -4.00 35.33 31.18
CA PRO A 340 -3.64 33.91 31.06
C PRO A 340 -4.50 33.02 31.95
N ALA A 341 -5.76 32.83 31.55
CA ALA A 341 -6.70 32.01 32.31
C ALA A 341 -6.43 30.53 32.04
N ASN A 342 -5.30 30.08 32.54
CA ASN A 342 -4.86 28.70 32.42
C ASN A 342 -4.73 28.08 33.81
N MET A 343 -4.22 26.86 33.86
CA MET A 343 -3.99 26.14 35.11
C MET A 343 -5.31 25.92 35.86
N ASP A 344 -6.19 25.15 35.19
CA ASP A 344 -7.54 24.83 35.66
C ASP A 344 -8.22 26.00 36.37
N LYS A 345 -8.86 25.73 37.50
CA LYS A 345 -9.56 26.74 38.27
C LYS A 345 -9.12 26.68 39.73
N LYS A 346 -8.07 27.42 40.07
CA LYS A 346 -7.67 27.63 41.46
C LYS A 346 -8.24 28.93 42.00
N TYR A 347 -7.93 30.05 41.33
CA TYR A 347 -8.61 31.32 41.59
C TYR A 347 -9.82 31.35 40.67
N ARG A 348 -10.98 30.98 41.22
CA ARG A 348 -12.13 30.70 40.36
C ARG A 348 -12.83 31.97 39.89
N SER A 349 -13.46 32.70 40.82
CA SER A 349 -14.37 33.76 40.41
C SER A 349 -13.66 34.87 39.65
N GLN A 350 -12.83 35.65 40.36
CA GLN A 350 -11.95 36.66 39.76
C GLN A 350 -12.65 37.54 38.73
N HIS A 351 -13.98 37.65 38.81
CA HIS A 351 -14.78 38.15 37.70
C HIS A 351 -15.32 39.55 37.97
N LEU A 352 -15.96 40.11 36.94
CA LEU A 352 -16.54 41.44 36.98
C LEU A 352 -17.91 41.50 36.31
N ASP A 353 -18.52 40.36 36.00
CA ASP A 353 -19.84 40.30 35.36
C ASP A 353 -19.87 41.03 34.02
N ASN A 354 -18.83 40.82 33.21
CA ASN A 354 -18.73 41.44 31.89
C ASN A 354 -18.24 40.41 30.88
N PHE A 355 -19.03 40.15 29.84
CA PHE A 355 -18.74 39.14 28.83
C PHE A 355 -17.51 39.43 28.00
N SER A 356 -16.76 40.51 28.20
CA SER A 356 -15.66 40.85 27.33
C SER A 356 -14.39 41.08 28.14
N ASN A 357 -13.25 40.83 27.50
CA ASN A 357 -11.93 41.16 28.03
C ASN A 357 -11.66 40.32 29.28
N GLN A 358 -11.46 40.93 30.44
CA GLN A 358 -11.04 40.19 31.63
C GLN A 358 -12.15 39.25 32.12
N ILE A 359 -11.85 38.54 33.20
CA ILE A 359 -12.83 37.64 33.79
C ILE A 359 -14.06 38.43 34.21
N GLY A 360 -15.22 37.82 34.03
CA GLY A 360 -16.49 38.51 34.20
C GLY A 360 -17.49 38.00 33.18
N LYS A 361 -17.01 37.27 32.18
CA LYS A 361 -17.90 36.57 31.28
C LYS A 361 -18.84 35.66 32.05
N HIS A 362 -18.36 35.07 33.13
CA HIS A 362 -19.16 34.26 34.03
C HIS A 362 -19.97 33.21 33.27
N TYR A 363 -19.33 32.61 32.28
CA TYR A 363 -19.97 31.54 31.54
C TYR A 363 -20.02 30.34 32.47
N LYS A 364 -21.06 30.29 33.30
CA LYS A 364 -21.06 29.42 34.48
C LYS A 364 -21.22 27.97 34.04
N LYS A 365 -20.16 27.42 33.44
CA LYS A 365 -20.18 26.07 32.94
C LYS A 365 -20.04 25.07 34.10
N VAL A 366 -20.12 23.80 33.76
CA VAL A 366 -20.04 22.71 34.72
C VAL A 366 -18.97 21.75 34.23
N MET A 367 -17.73 21.96 34.67
CA MET A 367 -16.61 21.16 34.20
C MET A 367 -16.69 19.73 34.72
N TYR A 368 -16.18 18.80 33.91
CA TYR A 368 -15.83 17.47 34.39
C TYR A 368 -14.51 17.61 35.14
N THR A 369 -14.59 18.02 36.40
CA THR A 369 -13.41 18.31 37.20
C THR A 369 -12.77 17.00 37.64
N GLN A 370 -11.55 16.74 37.17
CA GLN A 370 -10.87 15.50 37.53
C GLN A 370 -10.38 15.56 38.97
N TYR A 371 -10.36 14.38 39.62
CA TYR A 371 -9.96 14.24 41.00
C TYR A 371 -9.23 12.92 41.16
N GLU A 372 -8.55 12.77 42.30
CA GLU A 372 -8.07 11.46 42.73
C GLU A 372 -8.38 11.15 44.17
N ASP A 373 -8.74 12.14 44.99
CA ASP A 373 -9.29 11.88 46.31
C ASP A 373 -10.70 11.30 46.15
N GLU A 374 -11.07 10.42 47.08
CA GLU A 374 -12.42 9.85 47.06
C GLU A 374 -13.48 10.92 47.30
N SER A 375 -13.22 11.84 48.23
CA SER A 375 -14.20 12.86 48.57
C SER A 375 -14.41 13.88 47.45
N PHE A 376 -13.48 13.98 46.51
CA PHE A 376 -13.52 14.89 45.37
C PHE A 376 -13.46 16.35 45.79
N THR A 377 -13.12 16.64 47.05
CA THR A 377 -13.07 18.02 47.51
C THR A 377 -11.87 18.75 46.94
N LYS A 378 -10.67 18.28 47.27
CA LYS A 378 -9.47 18.80 46.65
C LYS A 378 -9.45 18.40 45.19
N HIS A 379 -9.03 19.34 44.32
CA HIS A 379 -8.99 19.05 42.90
C HIS A 379 -8.08 17.85 42.61
N THR A 380 -6.89 17.85 43.20
CA THR A 380 -5.99 16.69 43.25
C THR A 380 -5.49 16.35 41.85
N VAL A 381 -6.03 17.02 40.83
CA VAL A 381 -5.59 16.88 39.45
C VAL A 381 -5.42 18.31 38.93
N ASN A 382 -4.20 18.82 39.01
CA ASN A 382 -3.88 20.18 38.57
C ASN A 382 -2.67 20.10 37.65
N PRO A 383 -2.85 19.55 36.46
CA PRO A 383 -1.70 19.27 35.59
C PRO A 383 -1.25 20.53 34.86
N ASN A 384 -0.22 20.36 34.03
CA ASN A 384 0.31 21.47 33.22
C ASN A 384 -0.56 21.67 31.98
N MET A 385 -1.84 21.94 32.23
CA MET A 385 -2.82 22.21 31.17
C MET A 385 -2.81 23.68 30.77
N LYS A 386 -1.61 24.20 30.53
CA LYS A 386 -1.44 25.59 30.13
C LYS A 386 -2.11 25.82 28.78
N GLU A 387 -2.60 27.05 28.58
CA GLU A 387 -3.32 27.47 27.39
C GLU A 387 -4.35 26.42 26.96
N ASP A 388 -5.01 25.80 27.95
CA ASP A 388 -6.07 24.83 27.71
C ASP A 388 -7.34 25.33 28.37
N GLY A 389 -8.45 25.20 27.66
CA GLY A 389 -9.75 25.63 28.15
C GLY A 389 -10.51 24.51 28.85
N ILE A 390 -11.84 24.57 28.75
CA ILE A 390 -12.68 23.52 29.30
C ILE A 390 -12.55 22.29 28.41
N LEU A 391 -11.69 21.36 28.81
CA LEU A 391 -11.40 20.18 28.02
C LEU A 391 -11.40 18.96 28.92
N GLY A 392 -12.13 17.92 28.52
CA GLY A 392 -12.11 16.68 29.24
C GLY A 392 -10.71 16.09 29.27
N PRO A 393 -10.28 15.64 30.45
CA PRO A 393 -8.94 15.07 30.57
C PRO A 393 -8.78 13.87 29.65
N ILE A 394 -7.57 13.74 29.09
CA ILE A 394 -7.31 12.65 28.15
C ILE A 394 -7.16 11.35 28.92
N ILE A 395 -7.90 10.33 28.49
CA ILE A 395 -7.73 8.97 28.97
C ILE A 395 -7.02 8.20 27.87
N ARG A 396 -5.79 7.77 28.15
CA ARG A 396 -5.05 6.97 27.18
C ARG A 396 -5.57 5.54 27.23
N ALA A 397 -6.83 5.36 26.82
CA ALA A 397 -7.50 4.07 26.95
C ALA A 397 -6.96 3.08 25.94
N GLN A 398 -6.05 2.21 26.38
CA GLN A 398 -5.55 1.14 25.54
C GLN A 398 -6.69 0.20 25.14
N VAL A 399 -6.41 -0.68 24.19
CA VAL A 399 -7.38 -1.71 23.82
C VAL A 399 -7.70 -2.55 25.06
N ARG A 400 -8.91 -3.10 25.08
CA ARG A 400 -9.40 -4.07 26.06
C ARG A 400 -9.16 -3.63 27.51
N ASP A 401 -8.87 -2.36 27.74
CA ASP A 401 -8.52 -1.88 29.07
C ASP A 401 -9.76 -1.66 29.92
N THR A 402 -9.53 -1.28 31.18
CA THR A 402 -10.59 -0.99 32.13
C THR A 402 -10.26 0.30 32.87
N LEU A 403 -11.31 0.96 33.37
CA LEU A 403 -11.17 2.25 34.01
C LEU A 403 -12.43 2.57 34.78
N LYS A 404 -12.28 3.33 35.87
CA LYS A 404 -13.39 3.65 36.76
C LYS A 404 -13.71 5.14 36.70
N ILE A 405 -14.98 5.47 36.54
CA ILE A 405 -15.47 6.83 36.57
C ILE A 405 -16.42 6.96 37.76
N VAL A 406 -16.19 7.98 38.59
CA VAL A 406 -17.06 8.28 39.72
C VAL A 406 -17.43 9.76 39.65
N PHE A 407 -18.73 10.05 39.65
CA PHE A 407 -19.22 11.41 39.58
C PHE A 407 -19.85 11.85 40.91
N LYS A 408 -19.44 13.02 41.38
CA LYS A 408 -20.17 13.77 42.40
C LYS A 408 -20.55 15.09 41.76
N ASN A 409 -21.82 15.47 41.89
CA ASN A 409 -22.35 16.63 41.20
C ASN A 409 -22.24 17.84 42.13
N MET A 410 -21.23 18.68 41.90
CA MET A 410 -21.08 19.94 42.60
C MET A 410 -21.78 21.09 41.88
N ALA A 411 -22.80 20.78 41.07
CA ALA A 411 -23.51 21.77 40.28
C ALA A 411 -25.01 21.69 40.54
N SER A 412 -25.70 22.79 40.22
CA SER A 412 -27.12 22.91 40.54
C SER A 412 -27.99 21.91 39.80
N ARG A 413 -27.51 21.34 38.69
CA ARG A 413 -28.36 20.42 37.95
C ARG A 413 -27.82 18.99 38.05
N PRO A 414 -28.71 17.99 37.99
CA PRO A 414 -28.23 16.61 37.78
C PRO A 414 -27.48 16.47 36.47
N TYR A 415 -26.48 15.59 36.48
CA TYR A 415 -25.62 15.41 35.31
C TYR A 415 -25.14 13.96 35.26
N SER A 416 -24.77 13.53 34.05
CA SER A 416 -24.20 12.19 33.85
C SER A 416 -23.59 12.13 32.46
N ILE A 417 -22.46 11.44 32.35
CA ILE A 417 -21.66 11.45 31.12
C ILE A 417 -22.26 10.49 30.10
N TYR A 418 -22.15 10.88 28.82
CA TYR A 418 -22.39 9.97 27.70
C TYR A 418 -21.09 9.79 26.95
N PRO A 419 -20.47 8.63 27.00
CA PRO A 419 -19.29 8.40 26.17
C PRO A 419 -19.67 8.19 24.70
N HIS A 420 -19.49 9.20 23.87
CA HIS A 420 -19.89 9.12 22.47
C HIS A 420 -18.73 8.55 21.66
N GLY A 421 -18.99 7.49 20.92
CA GLY A 421 -17.93 6.75 20.27
C GLY A 421 -17.09 5.94 21.23
N VAL A 422 -17.49 5.85 22.49
CA VAL A 422 -16.82 5.02 23.49
C VAL A 422 -17.87 4.04 24.03
N THR A 423 -19.15 4.42 23.89
CA THR A 423 -20.25 3.54 24.26
C THR A 423 -20.37 2.33 23.34
N PHE A 424 -19.68 2.33 22.20
CA PHE A 424 -19.70 1.17 21.31
C PHE A 424 -19.26 -0.08 22.05
N SER A 425 -18.32 0.05 22.96
CA SER A 425 -17.86 -1.06 23.77
C SER A 425 -18.96 -1.51 24.73
N PRO A 426 -18.93 -2.78 25.17
CA PRO A 426 -19.85 -3.20 26.24
C PRO A 426 -19.77 -2.28 27.44
N TYR A 427 -20.87 -1.56 27.70
CA TYR A 427 -20.92 -0.62 28.79
C TYR A 427 -20.99 -1.35 30.13
N GLU A 428 -20.92 -0.58 31.22
CA GLU A 428 -21.17 -1.14 32.53
C GLU A 428 -22.56 -1.74 32.55
N ASP A 429 -22.65 -3.07 32.63
CA ASP A 429 -23.94 -3.74 32.56
C ASP A 429 -24.81 -3.37 33.74
N GLU A 430 -26.07 -3.05 33.47
CA GLU A 430 -26.99 -2.62 34.52
C GLU A 430 -28.28 -3.44 34.44
N VAL A 431 -28.70 -3.97 35.58
CA VAL A 431 -30.02 -4.55 35.75
C VAL A 431 -30.85 -3.76 36.75
N ASN A 432 -30.23 -3.28 37.82
CA ASN A 432 -30.85 -2.34 38.75
C ASN A 432 -30.39 -0.91 38.52
N SER A 433 -29.29 -0.71 37.79
CA SER A 433 -28.76 0.61 37.49
C SER A 433 -29.23 1.15 36.14
N SER A 434 -30.45 0.76 35.72
CA SER A 434 -30.97 1.26 34.44
C SER A 434 -31.12 2.77 34.46
N PHE A 435 -31.58 3.33 35.58
CA PHE A 435 -31.72 4.78 35.79
C PHE A 435 -32.69 5.32 34.74
N THR A 436 -32.53 6.58 34.35
CA THR A 436 -33.36 7.18 33.30
C THR A 436 -32.72 6.95 31.92
N SER A 437 -32.56 5.66 31.61
CA SER A 437 -31.94 5.24 30.36
C SER A 437 -32.77 5.56 29.13
N GLY A 438 -34.04 5.95 29.31
CA GLY A 438 -34.93 6.04 28.17
C GLY A 438 -35.24 4.70 27.56
N ARG A 439 -35.15 3.63 28.37
CA ARG A 439 -35.35 2.25 27.92
C ARG A 439 -34.31 1.86 26.86
N ASN A 440 -33.21 2.60 26.80
CA ASN A 440 -32.14 2.32 25.85
C ASN A 440 -30.89 1.76 26.53
N ASN A 441 -30.99 1.34 27.79
CA ASN A 441 -29.86 0.82 28.56
C ASN A 441 -28.67 1.77 28.53
N THR A 442 -28.97 3.07 28.64
CA THR A 442 -27.94 4.08 28.85
C THR A 442 -27.89 4.34 30.35
N MET A 443 -26.89 3.76 31.03
CA MET A 443 -26.83 3.83 32.49
C MET A 443 -26.49 5.27 32.84
N ILE A 444 -27.54 6.09 32.93
CA ILE A 444 -27.43 7.53 33.08
C ILE A 444 -28.22 7.89 34.33
N ARG A 445 -27.54 7.93 35.48
CA ARG A 445 -28.21 8.30 36.73
C ARG A 445 -28.62 9.76 36.74
N ALA A 446 -27.91 10.61 35.99
CA ALA A 446 -28.06 12.06 36.09
C ALA A 446 -27.85 12.50 37.54
N VAL A 447 -26.61 12.32 37.99
CA VAL A 447 -26.27 12.41 39.40
C VAL A 447 -26.76 13.74 39.97
N GLN A 448 -27.59 13.64 41.01
CA GLN A 448 -28.17 14.83 41.61
C GLN A 448 -27.08 15.70 42.24
N PRO A 449 -27.32 17.01 42.36
CA PRO A 449 -26.36 17.88 43.06
C PRO A 449 -25.94 17.32 44.41
N GLY A 450 -24.67 16.93 44.53
CA GLY A 450 -24.15 16.33 45.74
C GLY A 450 -24.18 14.82 45.77
N GLU A 451 -24.97 14.18 44.92
CA GLU A 451 -25.00 12.73 44.85
C GLU A 451 -23.68 12.22 44.27
N THR A 452 -23.37 10.94 44.57
CA THR A 452 -22.20 10.29 44.00
C THR A 452 -22.53 8.86 43.61
N TYR A 453 -22.08 8.45 42.44
CA TYR A 453 -22.16 7.05 42.03
C TYR A 453 -20.97 6.75 41.14
N THR A 454 -20.87 5.50 40.71
CA THR A 454 -19.68 4.98 40.06
C THR A 454 -20.00 4.40 38.69
N TYR A 455 -19.05 4.53 37.77
CA TYR A 455 -19.08 3.84 36.49
C TYR A 455 -18.00 2.77 36.48
N LYS A 456 -18.35 1.59 35.94
CA LYS A 456 -17.41 0.49 35.77
C LYS A 456 -17.23 0.30 34.26
N TRP A 457 -16.31 1.06 33.68
CA TRP A 457 -16.09 1.04 32.24
C TRP A 457 -14.92 0.12 31.90
N ASN A 458 -15.14 -0.78 30.94
CA ASN A 458 -14.11 -1.68 30.46
C ASN A 458 -14.44 -2.10 29.04
N ILE A 459 -13.45 -2.05 28.16
CA ILE A 459 -13.63 -2.36 26.75
C ILE A 459 -13.12 -3.77 26.48
N LEU A 460 -13.70 -4.41 25.48
CA LEU A 460 -13.29 -5.74 25.05
C LEU A 460 -12.13 -5.62 24.06
N GLU A 461 -11.74 -6.74 23.46
CA GLU A 461 -10.53 -6.76 22.63
C GLU A 461 -10.74 -6.08 21.29
N PHE A 462 -11.97 -6.02 20.79
CA PHE A 462 -12.22 -5.31 19.55
C PHE A 462 -12.10 -3.81 19.78
N ASP A 463 -11.51 -3.11 18.82
CA ASP A 463 -11.19 -1.70 18.99
C ASP A 463 -11.46 -0.94 17.70
N GLU A 464 -11.74 0.36 17.86
CA GLU A 464 -11.78 1.25 16.70
C GLU A 464 -10.43 1.37 16.02
N PRO A 465 -9.30 1.57 16.71
CA PRO A 465 -8.01 1.62 16.01
C PRO A 465 -7.72 0.30 15.30
N THR A 466 -7.09 0.42 14.13
CA THR A 466 -6.86 -0.72 13.25
C THR A 466 -5.61 -0.44 12.45
N GLU A 467 -5.08 -1.47 11.79
CA GLU A 467 -3.97 -1.28 10.87
C GLU A 467 -4.33 -0.27 9.79
N ASN A 468 -5.58 -0.27 9.34
CA ASN A 468 -6.09 0.79 8.46
C ASN A 468 -6.68 1.93 9.28
N ASP A 469 -5.91 2.41 10.25
CA ASP A 469 -6.30 3.47 11.18
C ASP A 469 -5.03 3.93 11.88
N ALA A 470 -5.19 4.75 12.92
CA ALA A 470 -4.07 5.23 13.70
C ALA A 470 -3.87 4.36 14.95
N GLN A 471 -2.76 4.63 15.66
CA GLN A 471 -2.48 3.89 16.89
C GLN A 471 -3.54 4.16 17.94
N CYS A 472 -3.98 5.41 18.07
CA CYS A 472 -5.06 5.79 18.96
C CYS A 472 -6.12 6.54 18.17
N LEU A 473 -7.38 6.15 18.35
CA LEU A 473 -8.49 6.82 17.70
C LEU A 473 -9.21 7.73 18.68
N THR A 474 -9.61 8.89 18.19
CA THR A 474 -10.14 9.97 19.03
C THR A 474 -11.64 9.81 19.18
N ARG A 475 -12.11 9.69 20.43
CA ARG A 475 -13.54 9.56 20.68
C ARG A 475 -13.92 10.37 21.92
N PRO A 476 -14.84 11.34 21.78
CA PRO A 476 -15.15 12.24 22.88
C PRO A 476 -16.20 11.70 23.85
N TYR A 477 -16.61 12.53 24.80
CA TYR A 477 -17.72 12.21 25.69
C TYR A 477 -18.33 13.50 26.22
N TYR A 478 -19.60 13.43 26.59
CA TYR A 478 -20.35 14.59 27.08
C TYR A 478 -21.50 14.09 27.93
N SER A 479 -22.46 14.97 28.24
CA SER A 479 -23.54 14.67 29.17
C SER A 479 -24.77 14.13 28.44
N ASP A 480 -25.86 13.89 29.21
CA ASP A 480 -27.12 13.43 28.64
C ASP A 480 -28.36 14.13 29.16
N VAL A 481 -28.27 14.92 30.23
CA VAL A 481 -29.48 15.51 30.82
C VAL A 481 -30.13 16.49 29.85
N ASP A 482 -29.33 17.21 29.06
CA ASP A 482 -29.87 18.01 27.96
C ASP A 482 -28.72 18.21 26.96
N ILE A 483 -28.76 17.44 25.86
CA ILE A 483 -27.65 17.46 24.91
C ILE A 483 -27.44 18.86 24.35
N MET A 484 -28.49 19.46 23.79
CA MET A 484 -28.32 20.72 23.08
C MET A 484 -27.84 21.84 24.00
N ARG A 485 -28.56 22.09 25.10
CA ARG A 485 -28.20 23.20 25.97
C ARG A 485 -26.95 22.92 26.77
N ASP A 486 -26.61 21.65 27.01
CA ASP A 486 -25.44 21.32 27.80
C ASP A 486 -24.17 21.27 26.95
N ILE A 487 -24.26 20.88 25.68
CA ILE A 487 -23.15 21.10 24.76
C ILE A 487 -22.98 22.60 24.53
N ALA A 488 -24.08 23.33 24.45
CA ALA A 488 -24.00 24.79 24.49
C ALA A 488 -23.42 25.28 25.81
N SER A 489 -23.50 24.47 26.87
CA SER A 489 -22.82 24.72 28.13
C SER A 489 -21.45 24.03 28.11
N GLY A 490 -20.80 24.00 29.27
CA GLY A 490 -19.48 23.40 29.36
C GLY A 490 -19.51 21.94 29.76
N LEU A 491 -20.19 21.11 28.98
CA LEU A 491 -20.26 19.67 29.22
C LEU A 491 -19.78 18.96 27.96
N ILE A 492 -18.46 18.78 27.87
CA ILE A 492 -17.86 18.02 26.79
C ILE A 492 -16.50 17.54 27.27
N GLY A 493 -16.05 16.42 26.71
CA GLY A 493 -14.76 15.85 27.07
C GLY A 493 -14.32 14.90 25.99
N LEU A 494 -13.14 14.33 26.18
CA LEU A 494 -12.56 13.51 25.13
C LEU A 494 -11.49 12.59 25.70
N LEU A 495 -11.43 11.37 25.16
CA LEU A 495 -10.37 10.42 25.45
C LEU A 495 -9.90 9.82 24.14
N LEU A 496 -9.03 8.81 24.23
CA LEU A 496 -8.45 8.16 23.07
C LEU A 496 -8.68 6.66 23.14
N ILE A 497 -9.12 6.09 22.03
CA ILE A 497 -9.22 4.64 21.88
C ILE A 497 -7.87 4.17 21.32
N CYS A 498 -7.01 3.67 22.21
CA CYS A 498 -5.61 3.44 21.88
C CYS A 498 -5.35 1.97 21.58
N LYS A 499 -4.77 1.71 20.42
CA LYS A 499 -4.14 0.44 20.10
C LYS A 499 -2.69 0.41 20.58
N SER A 500 -2.22 1.50 21.20
CA SER A 500 -0.85 1.68 21.62
C SER A 500 -0.31 0.53 22.45
N ARG A 501 1.01 0.35 22.42
CA ARG A 501 1.68 -0.72 23.15
C ARG A 501 2.55 -0.20 24.28
N SER A 502 3.43 0.77 24.00
CA SER A 502 4.33 1.32 25.01
C SER A 502 3.76 2.61 25.57
N LEU A 503 2.64 2.49 26.29
CA LEU A 503 2.00 3.65 26.88
C LEU A 503 1.92 3.60 28.40
N ASP A 504 1.44 2.50 28.98
CA ASP A 504 1.34 2.36 30.43
C ASP A 504 0.59 3.52 31.07
N ARG A 505 -0.43 4.02 30.37
CA ARG A 505 -1.24 5.17 30.76
C ARG A 505 -0.42 6.47 30.77
N ARG A 506 0.86 6.42 30.44
CA ARG A 506 1.74 7.58 30.53
C ARG A 506 1.79 8.35 29.21
N GLY A 507 2.09 7.66 28.11
CA GLY A 507 2.18 8.29 26.81
C GLY A 507 2.17 7.26 25.69
N ILE A 508 1.35 7.51 24.67
CA ILE A 508 1.10 6.51 23.61
C ILE A 508 2.40 5.88 23.14
N GLN A 509 3.32 6.70 22.67
CA GLN A 509 4.71 6.30 22.44
C GLN A 509 5.54 7.55 22.70
N ARG A 510 6.08 7.65 23.91
CA ARG A 510 6.65 8.92 24.36
C ARG A 510 7.95 9.23 23.62
N ALA A 511 7.83 9.41 22.30
CA ALA A 511 8.93 9.83 21.46
C ALA A 511 8.53 10.92 20.48
N ALA A 512 7.25 11.21 20.36
CA ALA A 512 6.73 12.30 19.53
C ALA A 512 5.88 13.20 20.41
N ASP A 513 5.86 14.49 20.06
CA ASP A 513 5.01 15.43 20.78
C ASP A 513 3.56 14.99 20.67
N ILE A 514 2.81 15.14 21.76
CA ILE A 514 1.48 14.57 21.86
C ILE A 514 0.41 15.66 21.94
N GLU A 515 0.75 16.91 21.61
CA GLU A 515 -0.26 17.95 21.50
C GLU A 515 -1.32 17.54 20.49
N GLN A 516 -2.56 17.52 20.91
CA GLN A 516 -3.52 16.74 20.13
C GLN A 516 -4.79 17.49 19.73
N GLN A 517 -5.33 18.35 20.59
CA GLN A 517 -6.72 18.76 20.47
C GLN A 517 -6.86 20.03 19.65
N ALA A 518 -7.74 19.99 18.66
CA ALA A 518 -8.16 21.14 17.89
C ALA A 518 -9.68 21.08 17.82
N VAL A 519 -10.35 21.86 18.66
CA VAL A 519 -11.80 21.80 18.81
C VAL A 519 -12.32 23.21 18.55
N PHE A 520 -12.75 23.44 17.31
CA PHE A 520 -13.35 24.72 16.93
C PHE A 520 -14.86 24.70 17.14
N ALA A 521 -15.26 24.29 18.34
CA ALA A 521 -16.68 24.13 18.64
C ALA A 521 -17.35 25.47 18.79
N VAL A 522 -18.65 25.50 18.48
CA VAL A 522 -19.44 26.72 18.47
C VAL A 522 -20.42 26.63 19.63
N PHE A 523 -20.33 27.59 20.57
CA PHE A 523 -21.17 27.62 21.75
C PHE A 523 -21.97 28.92 21.76
N ASP A 524 -23.30 28.80 21.82
CA ASP A 524 -24.16 29.95 22.05
C ASP A 524 -24.50 30.03 23.53
N GLU A 525 -24.09 31.12 24.18
CA GLU A 525 -24.43 31.29 25.58
C GLU A 525 -25.90 31.63 25.78
N ASN A 526 -26.57 32.13 24.75
CA ASN A 526 -28.03 32.17 24.73
C ASN A 526 -28.64 30.84 24.29
N LYS A 527 -27.84 29.78 24.24
CA LYS A 527 -28.34 28.43 24.11
C LYS A 527 -27.88 27.53 25.25
N SER A 528 -26.94 27.99 26.07
CA SER A 528 -26.38 27.21 27.16
C SER A 528 -27.47 26.79 28.16
N TRP A 529 -27.17 25.71 28.89
CA TRP A 529 -28.05 25.32 29.99
C TRP A 529 -28.10 26.39 31.06
N TYR A 530 -26.97 27.03 31.33
CA TYR A 530 -26.92 28.13 32.29
C TYR A 530 -27.06 29.48 31.62
N LEU A 531 -27.88 29.50 30.57
CA LEU A 531 -28.31 30.74 29.95
C LEU A 531 -28.76 31.75 30.99
N GLU A 532 -29.66 31.33 31.88
CA GLU A 532 -30.29 32.24 32.82
C GLU A 532 -29.26 33.00 33.65
N ASP A 533 -28.52 32.29 34.51
CA ASP A 533 -27.57 32.98 35.39
C ASP A 533 -26.44 33.62 34.60
N ASN A 534 -25.92 32.92 33.58
CA ASN A 534 -24.79 33.45 32.82
C ASN A 534 -25.16 34.74 32.11
N ILE A 535 -26.12 34.68 31.19
CA ILE A 535 -26.49 35.84 30.38
C ILE A 535 -27.08 36.94 31.25
N ASN A 536 -28.04 36.59 32.12
CA ASN A 536 -28.84 37.62 32.76
C ASN A 536 -28.12 38.23 33.96
N LYS A 537 -27.76 37.40 34.94
CA LYS A 537 -27.27 37.94 36.21
C LYS A 537 -25.88 38.54 36.12
N PHE A 538 -25.05 38.11 35.16
CA PHE A 538 -23.62 38.42 35.17
C PHE A 538 -23.16 38.96 33.82
N CYS A 539 -23.89 39.94 33.29
CA CYS A 539 -23.50 40.61 32.05
C CYS A 539 -23.79 42.09 32.18
N GLU A 540 -23.40 42.84 31.15
CA GLU A 540 -23.62 44.28 31.10
C GLU A 540 -24.98 44.65 30.49
N ASN A 541 -25.92 43.72 30.52
CA ASN A 541 -27.25 43.91 29.96
C ASN A 541 -28.29 43.52 30.99
N PRO A 542 -29.53 44.00 30.85
CA PRO A 542 -30.60 43.56 31.76
C PRO A 542 -30.83 42.06 31.67
N ASP A 543 -31.73 41.58 32.52
CA ASP A 543 -31.91 40.14 32.72
C ASP A 543 -32.71 39.45 31.61
N GLU A 544 -32.87 40.07 30.44
CA GLU A 544 -33.55 39.40 29.35
C GLU A 544 -32.65 38.35 28.72
N VAL A 545 -33.30 37.34 28.11
CA VAL A 545 -32.57 36.27 27.43
C VAL A 545 -31.83 36.81 26.21
N LYS A 546 -32.44 37.76 25.50
CA LYS A 546 -31.82 38.46 24.37
C LYS A 546 -31.49 37.49 23.22
N ARG A 547 -32.41 36.56 22.94
CA ARG A 547 -32.33 35.82 21.68
C ARG A 547 -32.50 36.75 20.49
N ASP A 548 -33.57 37.55 20.48
CA ASP A 548 -33.71 38.61 19.50
C ASP A 548 -32.73 39.73 19.82
N ASP A 549 -32.11 40.28 18.78
CA ASP A 549 -30.85 40.98 19.03
C ASP A 549 -30.34 41.73 17.81
N PRO A 550 -29.52 42.77 17.99
CA PRO A 550 -28.68 43.21 16.87
C PRO A 550 -27.73 42.09 16.48
N LYS A 551 -26.81 41.71 17.40
CA LYS A 551 -26.03 40.47 17.30
C LYS A 551 -25.75 40.00 18.74
N PHE A 552 -26.69 39.26 19.32
CA PHE A 552 -26.47 38.65 20.63
C PHE A 552 -26.79 37.17 20.53
N TYR A 553 -27.79 36.82 19.73
CA TYR A 553 -27.79 35.52 19.08
C TYR A 553 -26.46 35.24 18.39
N GLU A 554 -25.77 36.30 17.96
CA GLU A 554 -24.44 36.19 17.37
C GLU A 554 -23.32 36.52 18.35
N SER A 555 -23.53 37.45 19.29
CA SER A 555 -22.49 37.75 20.25
C SER A 555 -22.26 36.58 21.21
N ASN A 556 -23.33 36.04 21.78
CA ASN A 556 -23.21 34.95 22.74
C ASN A 556 -22.85 33.63 22.08
N ILE A 557 -22.98 33.53 20.76
CA ILE A 557 -22.49 32.36 20.04
C ILE A 557 -21.07 32.66 19.59
N MET A 558 -20.21 31.64 19.66
CA MET A 558 -18.79 31.86 19.38
C MET A 558 -18.13 30.53 19.04
N SER A 559 -17.30 30.53 18.00
CA SER A 559 -16.55 29.34 17.59
C SER A 559 -15.19 29.34 18.29
N THR A 560 -15.22 29.09 19.59
CA THR A 560 -14.01 29.05 20.38
C THR A 560 -13.18 27.81 20.02
N ILE A 561 -11.89 27.87 20.33
CA ILE A 561 -10.96 26.77 20.09
C ILE A 561 -10.58 26.20 21.44
N ASN A 562 -11.07 25.01 21.75
CA ASN A 562 -10.78 24.30 22.99
C ASN A 562 -11.08 25.20 24.19
N GLY A 563 -12.29 25.75 24.21
CA GLY A 563 -12.72 26.64 25.26
C GLY A 563 -12.14 28.05 25.18
N TYR A 564 -11.30 28.33 24.19
CA TYR A 564 -10.66 29.63 24.04
C TYR A 564 -11.02 30.21 22.68
N VAL A 565 -11.41 31.49 22.66
CA VAL A 565 -11.77 32.15 21.40
C VAL A 565 -10.52 32.26 20.53
N PRO A 566 -10.67 32.21 19.20
CA PRO A 566 -9.49 32.31 18.33
C PRO A 566 -8.71 33.60 18.49
N GLU A 567 -9.38 34.72 18.76
CA GLU A 567 -8.70 36.01 18.77
C GLU A 567 -7.80 36.19 19.99
N SER A 568 -8.02 35.41 21.05
CA SER A 568 -7.24 35.59 22.27
C SER A 568 -6.51 34.31 22.65
N ILE A 569 -5.87 33.66 21.68
CA ILE A 569 -5.07 32.47 21.91
C ILE A 569 -3.64 32.77 21.52
N THR A 570 -2.70 32.43 22.41
CA THR A 570 -1.30 32.68 22.14
C THR A 570 -0.79 31.75 21.04
N THR A 571 0.27 32.19 20.37
CA THR A 571 0.85 31.41 19.28
C THR A 571 1.60 30.20 19.84
N LEU A 572 1.60 29.12 19.07
CA LEU A 572 2.31 27.92 19.48
C LEU A 572 3.80 28.06 19.19
N GLY A 573 4.56 27.10 19.68
CA GLY A 573 6.00 27.08 19.44
C GLY A 573 6.64 25.77 19.84
N PHE A 574 7.42 25.19 18.93
CA PHE A 574 8.12 23.94 19.18
C PHE A 574 9.47 24.01 18.50
N CYS A 575 10.36 23.09 18.85
CA CYS A 575 11.67 23.06 18.22
C CYS A 575 11.69 21.94 17.18
N PHE A 576 12.73 21.96 16.34
CA PHE A 576 12.78 21.13 15.15
C PHE A 576 13.00 19.66 15.53
N ASP A 577 13.01 18.78 14.53
CA ASP A 577 13.20 17.34 14.69
C ASP A 577 12.08 16.70 15.48
N ASP A 578 11.01 17.43 15.74
CA ASP A 578 9.90 16.96 16.55
C ASP A 578 8.76 16.50 15.63
N THR A 579 8.00 15.51 16.10
CA THR A 579 6.76 15.11 15.48
C THR A 579 5.64 15.28 16.50
N VAL A 580 4.57 15.96 16.13
CA VAL A 580 3.49 16.27 17.05
C VAL A 580 2.35 15.31 16.73
N GLN A 581 2.08 14.39 17.65
CA GLN A 581 1.00 13.42 17.49
C GLN A 581 -0.32 14.08 17.90
N TRP A 582 -1.18 14.33 16.92
CA TRP A 582 -2.43 15.03 17.14
C TRP A 582 -3.59 14.07 17.25
N HIS A 583 -4.63 14.51 17.96
CA HIS A 583 -5.91 13.81 18.03
C HIS A 583 -6.98 14.90 18.03
N PHE A 584 -7.44 15.28 16.84
CA PHE A 584 -8.35 16.40 16.68
C PHE A 584 -9.78 15.99 17.04
N CYS A 585 -10.66 16.99 17.07
CA CYS A 585 -12.08 16.73 17.28
C CYS A 585 -12.85 17.90 16.65
N SER A 586 -13.37 17.68 15.45
CA SER A 586 -14.28 18.63 14.80
C SER A 586 -15.68 18.29 15.28
N VAL A 587 -16.16 19.05 16.27
CA VAL A 587 -17.38 18.70 16.99
C VAL A 587 -18.40 19.83 16.85
N GLY A 588 -17.92 21.04 16.58
CA GLY A 588 -18.81 22.19 16.54
C GLY A 588 -19.83 22.09 15.43
N THR A 589 -20.94 22.81 15.64
CA THR A 589 -22.00 22.86 14.64
C THR A 589 -21.56 23.73 13.46
N GLN A 590 -20.55 23.26 12.72
CA GLN A 590 -19.97 24.06 11.66
C GLN A 590 -20.95 24.32 10.52
N ASN A 591 -21.80 23.34 10.21
CA ASN A 591 -22.72 23.39 9.07
C ASN A 591 -21.99 23.56 7.75
N GLU A 592 -20.66 23.48 7.76
CA GLU A 592 -19.83 23.66 6.56
C GLU A 592 -18.46 23.09 6.89
N ILE A 593 -18.02 22.09 6.12
CA ILE A 593 -16.75 21.44 6.42
C ILE A 593 -15.62 22.43 6.27
N LEU A 594 -14.71 22.43 7.24
CA LEU A 594 -13.59 23.36 7.28
C LEU A 594 -12.30 22.64 6.92
N THR A 595 -11.41 23.33 6.22
CA THR A 595 -10.18 22.75 5.72
C THR A 595 -8.99 23.50 6.31
N ILE A 596 -8.39 22.93 7.35
CA ILE A 596 -7.20 23.50 7.97
C ILE A 596 -6.02 23.29 7.05
N HIS A 597 -4.92 23.99 7.30
CA HIS A 597 -3.74 23.91 6.44
C HIS A 597 -2.53 24.40 7.22
N PHE A 598 -1.40 23.72 7.04
CA PHE A 598 -0.13 24.12 7.64
C PHE A 598 0.75 24.71 6.55
N THR A 599 1.22 25.93 6.77
CA THR A 599 2.14 26.56 5.81
C THR A 599 3.48 25.84 5.87
N GLY A 600 3.91 25.32 4.74
CA GLY A 600 5.15 24.55 4.67
C GLY A 600 5.08 23.17 5.26
N HIS A 601 4.61 23.06 6.49
CA HIS A 601 4.48 21.77 7.17
C HIS A 601 3.31 21.00 6.56
N SER A 602 3.41 19.67 6.60
CA SER A 602 2.40 18.81 5.99
C SER A 602 1.96 17.75 7.00
N PHE A 603 0.79 17.20 6.74
CA PHE A 603 0.15 16.25 7.65
C PHE A 603 0.55 14.83 7.32
N ILE A 604 -0.07 13.87 8.00
CA ILE A 604 0.00 12.46 7.65
C ILE A 604 -1.43 11.91 7.67
N TYR A 605 -1.71 10.98 6.77
CA TYR A 605 -3.00 10.29 6.73
C TYR A 605 -2.68 8.84 6.35
N GLY A 606 -2.49 7.99 7.35
CA GLY A 606 -1.93 6.68 7.10
C GLY A 606 -0.59 6.81 6.43
N LYS A 607 -0.52 6.45 5.14
CA LYS A 607 0.64 6.77 4.34
C LYS A 607 0.52 8.17 3.72
N ARG A 608 -0.69 8.60 3.42
CA ARG A 608 -0.90 9.86 2.72
C ARG A 608 -0.47 11.04 3.59
N HIS A 609 -0.07 12.12 2.93
CA HIS A 609 0.27 13.37 3.57
C HIS A 609 -0.67 14.45 3.07
N GLU A 610 -1.34 15.13 4.00
CA GLU A 610 -2.47 15.99 3.66
C GLU A 610 -2.06 17.43 3.39
N ASP A 611 -1.47 18.11 4.38
CA ASP A 611 -1.07 19.51 4.29
C ASP A 611 -2.30 20.42 4.19
N THR A 612 -3.47 19.81 4.02
CA THR A 612 -4.74 20.54 4.01
C THR A 612 -5.82 19.52 4.34
N LEU A 613 -6.30 19.53 5.57
CA LEU A 613 -7.22 18.51 6.06
C LEU A 613 -8.61 19.10 6.25
N THR A 614 -9.59 18.52 5.60
CA THR A 614 -10.99 18.88 5.82
C THR A 614 -11.49 18.26 7.13
N LEU A 615 -12.50 18.89 7.71
CA LEU A 615 -13.03 18.48 9.00
C LEU A 615 -14.51 18.20 8.88
N PHE A 616 -15.00 17.27 9.70
CA PHE A 616 -16.41 16.88 9.67
C PHE A 616 -16.97 16.86 11.09
N PRO A 617 -18.25 17.19 11.24
CA PRO A 617 -18.79 17.43 12.59
C PRO A 617 -18.77 16.18 13.46
N MET A 618 -18.50 16.40 14.74
CA MET A 618 -18.62 15.39 15.80
C MET A 618 -17.80 14.14 15.46
N ARG A 619 -16.58 14.36 14.98
CA ARG A 619 -15.68 13.28 14.60
C ARG A 619 -14.28 13.55 15.13
N GLY A 620 -13.64 12.50 15.63
CA GLY A 620 -12.27 12.60 16.10
C GLY A 620 -11.27 12.24 15.02
N GLU A 621 -10.21 13.03 14.94
CA GLU A 621 -9.20 12.88 13.90
C GLU A 621 -7.82 12.81 14.56
N SER A 622 -7.18 11.64 14.49
CA SER A 622 -5.93 11.39 15.18
C SER A 622 -4.84 11.07 14.16
N VAL A 623 -3.95 12.04 13.93
CA VAL A 623 -2.82 11.89 13.04
C VAL A 623 -1.62 12.61 13.67
N THR A 624 -0.49 12.55 13.00
CA THR A 624 0.71 13.28 13.41
C THR A 624 1.03 14.35 12.37
N VAL A 625 2.02 15.18 12.68
CA VAL A 625 2.52 16.18 11.75
C VAL A 625 4.04 16.11 11.74
N THR A 626 4.62 16.10 10.55
CA THR A 626 6.07 16.18 10.41
C THR A 626 6.44 17.65 10.30
N MET A 627 6.72 18.28 11.44
CA MET A 627 7.03 19.71 11.47
C MET A 627 8.47 19.89 11.01
N ASP A 628 8.62 20.33 9.75
CA ASP A 628 9.91 20.29 9.06
C ASP A 628 10.33 21.63 8.47
N ASN A 629 9.75 22.75 8.93
CA ASN A 629 10.11 24.06 8.39
C ASN A 629 10.32 25.03 9.53
N VAL A 630 11.54 25.57 9.63
CA VAL A 630 11.90 26.42 10.76
C VAL A 630 11.09 27.72 10.74
N GLY A 631 11.08 28.40 11.88
CA GLY A 631 10.35 29.64 12.03
C GLY A 631 8.90 29.42 12.43
N THR A 632 8.17 30.52 12.49
CA THR A 632 6.74 30.47 12.78
C THR A 632 5.96 30.15 11.50
N TRP A 633 4.87 29.41 11.66
CA TRP A 633 4.06 28.97 10.52
C TRP A 633 2.61 28.92 10.96
N MET A 634 1.71 28.88 9.97
CA MET A 634 0.29 29.13 10.19
C MET A 634 -0.48 27.82 10.34
N LEU A 635 -1.35 27.76 11.34
CA LEU A 635 -2.35 26.70 11.44
C LEU A 635 -3.64 27.29 10.85
N THR A 636 -3.59 27.57 9.56
CA THR A 636 -4.62 28.34 8.88
C THR A 636 -5.63 27.44 8.20
N SER A 637 -6.80 28.01 7.90
CA SER A 637 -7.91 27.29 7.28
C SER A 637 -8.09 27.77 5.85
N MET A 638 -8.19 26.82 4.91
CA MET A 638 -8.39 27.15 3.51
C MET A 638 -9.82 27.55 3.18
N ASN A 639 -10.81 27.04 3.90
CA ASN A 639 -12.18 27.54 3.69
C ASN A 639 -12.26 29.02 4.01
N SER A 640 -11.69 29.43 5.15
CA SER A 640 -11.51 30.83 5.50
C SER A 640 -12.81 31.63 5.39
N SER A 641 -13.93 30.97 5.62
CA SER A 641 -15.21 31.68 5.64
C SER A 641 -15.21 32.69 6.78
N PRO A 642 -15.81 33.87 6.60
CA PRO A 642 -15.81 34.86 7.68
C PRO A 642 -16.33 34.32 8.99
N ARG A 643 -17.34 33.44 8.93
CA ARG A 643 -17.66 32.58 10.05
C ARG A 643 -16.50 31.62 10.27
N SER A 644 -15.76 31.82 11.36
CA SER A 644 -14.54 31.07 11.66
C SER A 644 -13.48 31.28 10.57
N LYS A 645 -13.06 32.53 10.43
CA LYS A 645 -11.99 32.92 9.52
C LYS A 645 -10.65 33.06 10.23
N LYS A 646 -10.63 33.78 11.36
CA LYS A 646 -9.39 34.06 12.07
C LYS A 646 -8.92 32.82 12.84
N LEU A 647 -8.58 31.78 12.08
CA LEU A 647 -8.09 30.52 12.63
C LEU A 647 -6.73 30.24 12.00
N ARG A 648 -5.69 30.79 12.62
CA ARG A 648 -4.32 30.53 12.19
C ARG A 648 -3.41 30.65 13.41
N LEU A 649 -2.72 29.57 13.74
CA LEU A 649 -1.89 29.52 14.94
C LEU A 649 -0.43 29.57 14.52
N LYS A 650 0.30 30.54 15.07
CA LYS A 650 1.67 30.83 14.65
C LYS A 650 2.64 29.91 15.39
N PHE A 651 2.58 28.62 15.05
CA PHE A 651 3.45 27.65 15.69
C PHE A 651 4.88 27.83 15.19
N ARG A 652 5.82 28.00 16.12
CA ARG A 652 7.20 28.30 15.79
C ARG A 652 8.01 27.02 15.59
N ASP A 653 9.15 27.18 14.93
CA ASP A 653 10.07 26.07 14.69
C ASP A 653 11.50 26.61 14.72
N VAL A 654 12.28 26.18 15.71
CA VAL A 654 13.66 26.58 15.87
C VAL A 654 14.47 25.31 16.11
N LYS A 655 15.79 25.40 15.90
CA LYS A 655 16.64 24.22 15.96
C LYS A 655 17.00 23.84 17.40
N CYS A 656 15.99 23.68 18.25
CA CYS A 656 16.13 23.14 19.60
C CYS A 656 17.28 23.82 20.36
N ILE A 657 17.04 25.08 20.66
CA ILE A 657 17.98 25.99 21.33
C ILE A 657 18.79 25.30 22.43
N PRO A 658 18.19 24.56 23.35
CA PRO A 658 18.99 23.96 24.45
C PRO A 658 20.10 23.08 23.92
N ASP A 659 21.34 23.50 24.17
CA ASP A 659 22.50 22.68 23.84
C ASP A 659 22.66 21.49 24.76
N ASP A 660 21.99 21.52 25.93
CA ASP A 660 22.04 20.50 26.97
C ASP A 660 23.45 19.96 27.18
N ASP A 661 23.57 18.65 27.41
CA ASP A 661 24.81 17.92 27.63
C ASP A 661 25.76 18.63 28.60
N GLU A 662 25.19 19.35 29.58
CA GLU A 662 25.95 20.06 30.61
C GLU A 662 26.88 21.06 29.92
N ASP A 663 28.19 20.89 29.95
CA ASP A 663 29.14 21.83 29.37
C ASP A 663 28.82 22.19 27.93
N SER B 1 18.48 20.51 -4.71
CA SER B 1 19.64 19.67 -4.40
C SER B 1 20.24 19.08 -5.67
N ASN B 2 20.87 17.91 -5.52
CA ASN B 2 21.41 17.18 -6.67
C ASN B 2 20.32 16.56 -7.52
N ASN B 3 19.06 16.61 -7.06
CA ASN B 3 17.98 15.94 -7.78
C ASN B 3 17.77 16.53 -9.18
N GLY B 4 18.15 17.78 -9.39
CA GLY B 4 17.99 18.38 -10.70
C GLY B 4 16.53 18.44 -11.11
N ASN B 5 16.25 17.99 -12.34
CA ASN B 5 14.89 17.95 -12.88
C ASN B 5 14.24 19.34 -12.88
N ARG B 6 15.07 20.38 -13.03
CA ARG B 6 14.55 21.74 -12.98
C ARG B 6 13.80 22.07 -14.26
N ARG B 7 12.58 22.57 -14.10
CA ARG B 7 11.68 22.84 -15.21
C ARG B 7 11.36 24.33 -15.23
N ASN B 8 11.81 25.02 -16.28
CA ASN B 8 11.61 26.46 -16.41
C ASN B 8 10.17 26.75 -16.80
N TYR B 9 9.27 26.54 -15.84
CA TYR B 9 7.88 26.88 -16.05
C TYR B 9 7.70 28.39 -15.99
N TYR B 10 7.76 29.06 -17.13
CA TYR B 10 7.61 30.52 -17.18
C TYR B 10 6.13 30.86 -17.12
N ILE B 11 5.57 30.69 -15.93
CA ILE B 11 4.14 30.91 -15.72
C ILE B 11 3.85 32.40 -15.68
N ALA B 12 2.66 32.77 -16.15
CA ALA B 12 2.26 34.17 -16.21
C ALA B 12 0.76 34.25 -15.93
N ALA B 13 0.40 34.84 -14.80
CA ALA B 13 -1.01 35.06 -14.49
C ALA B 13 -1.55 36.18 -15.37
N GLU B 14 -2.59 35.87 -16.14
CA GLU B 14 -3.10 36.77 -17.16
C GLU B 14 -4.56 37.06 -16.93
N GLU B 15 -4.91 38.35 -16.86
CA GLU B 15 -6.30 38.78 -16.69
C GLU B 15 -7.05 38.64 -18.02
N ILE B 16 -7.42 37.40 -18.31
CA ILE B 16 -8.04 37.06 -19.58
C ILE B 16 -9.56 37.01 -19.41
N SER B 17 -10.27 37.17 -20.52
CA SER B 17 -11.72 37.09 -20.57
C SER B 17 -12.11 35.62 -20.78
N TRP B 18 -11.97 34.82 -19.72
CA TRP B 18 -12.23 33.40 -19.81
C TRP B 18 -13.70 33.11 -20.05
N ASP B 19 -13.96 32.30 -21.07
CA ASP B 19 -15.31 31.84 -21.42
C ASP B 19 -15.70 30.71 -20.47
N TYR B 20 -16.42 31.05 -19.41
CA TYR B 20 -16.92 30.03 -18.49
C TYR B 20 -17.88 29.08 -19.22
N SER B 21 -19.02 29.61 -19.63
CA SER B 21 -20.16 28.82 -20.09
C SER B 21 -20.55 29.16 -21.52
N GLU B 22 -19.58 29.54 -22.35
CA GLU B 22 -19.87 29.83 -23.74
C GLU B 22 -20.19 28.57 -24.55
N PHE B 23 -19.97 27.39 -23.99
CA PHE B 23 -20.05 26.17 -24.80
C PHE B 23 -21.50 25.70 -24.97
N VAL B 24 -22.16 25.33 -23.88
CA VAL B 24 -23.50 24.74 -24.00
C VAL B 24 -24.47 25.73 -24.63
N GLN B 25 -24.23 27.03 -24.46
CA GLN B 25 -25.08 28.02 -25.12
C GLN B 25 -24.90 27.98 -26.63
N ARG B 26 -23.79 27.42 -27.11
CA ARG B 26 -23.61 27.30 -28.56
C ARG B 26 -24.28 26.05 -29.12
N GLU B 27 -24.74 25.13 -28.27
CA GLU B 27 -25.56 24.01 -28.71
C GLU B 27 -27.01 24.25 -28.30
N THR B 28 -27.89 24.35 -29.30
CA THR B 28 -29.33 24.36 -29.10
C THR B 28 -29.80 25.38 -28.07
N ASP B 29 -30.32 24.90 -26.94
CA ASP B 29 -30.92 25.72 -25.89
C ASP B 29 -32.17 26.43 -26.40
N ILE B 30 -32.81 27.21 -25.54
CA ILE B 30 -34.02 27.92 -25.93
C ILE B 30 -33.67 29.00 -26.94
N GLU B 31 -34.59 29.23 -27.89
CA GLU B 31 -34.38 30.24 -28.92
C GLU B 31 -34.94 31.61 -28.54
N ASP B 32 -35.94 31.65 -27.66
CA ASP B 32 -36.51 32.90 -27.21
C ASP B 32 -35.77 33.41 -25.97
N SER B 33 -36.27 34.51 -25.42
CA SER B 33 -35.68 35.16 -24.23
C SER B 33 -34.24 35.53 -24.56
N ASP B 34 -33.35 35.42 -23.58
CA ASP B 34 -31.93 35.66 -23.77
C ASP B 34 -31.14 34.40 -23.45
N ASP B 35 -29.84 34.46 -23.67
CA ASP B 35 -28.93 33.38 -23.30
C ASP B 35 -28.57 33.45 -21.84
N ILE B 36 -27.52 32.72 -21.45
CA ILE B 36 -26.85 32.90 -20.17
C ILE B 36 -26.63 34.39 -19.94
N PRO B 37 -26.85 34.90 -18.72
CA PRO B 37 -27.02 36.35 -18.54
C PRO B 37 -25.93 37.20 -19.18
N GLU B 38 -24.67 36.98 -18.81
CA GLU B 38 -23.54 37.50 -19.54
C GLU B 38 -22.90 36.34 -20.30
N ASP B 39 -22.03 36.68 -21.26
CA ASP B 39 -21.37 35.66 -22.05
C ASP B 39 -20.50 34.73 -21.21
N THR B 40 -20.39 35.00 -19.90
CA THR B 40 -19.47 34.27 -19.02
C THR B 40 -18.07 34.27 -19.62
N THR B 41 -17.67 35.45 -20.07
CA THR B 41 -16.34 35.68 -20.64
C THR B 41 -15.68 36.78 -19.82
N TYR B 42 -15.74 36.61 -18.51
CA TYR B 42 -15.35 37.68 -17.60
C TYR B 42 -13.84 37.83 -17.59
N LYS B 43 -13.38 39.08 -17.65
CA LYS B 43 -11.94 39.35 -17.65
C LYS B 43 -11.39 38.96 -16.28
N LYS B 44 -10.69 37.83 -16.23
CA LYS B 44 -10.23 37.24 -14.98
C LYS B 44 -8.79 36.78 -15.13
N VAL B 45 -8.08 36.76 -14.02
CA VAL B 45 -6.66 36.43 -14.03
C VAL B 45 -6.46 34.94 -13.76
N VAL B 46 -6.02 34.22 -14.79
CA VAL B 46 -5.77 32.80 -14.69
C VAL B 46 -4.31 32.53 -15.06
N PHE B 47 -3.87 31.30 -14.79
CA PHE B 47 -2.50 30.90 -15.06
C PHE B 47 -2.39 30.39 -16.49
N ARG B 48 -1.55 31.04 -17.29
CA ARG B 48 -1.18 30.56 -18.62
C ARG B 48 0.31 30.81 -18.79
N LYS B 49 1.10 29.74 -18.72
CA LYS B 49 2.54 29.87 -18.72
C LYS B 49 3.06 30.29 -20.10
N TYR B 50 4.17 31.01 -20.06
CA TYR B 50 4.95 31.31 -21.25
C TYR B 50 6.10 30.30 -21.37
N LEU B 51 6.71 30.25 -22.55
CA LEU B 51 7.88 29.41 -22.76
C LEU B 51 9.16 30.23 -22.83
N ASP B 52 9.14 31.45 -22.31
CA ASP B 52 10.29 32.35 -22.37
C ASP B 52 10.49 33.01 -21.01
N SER B 53 11.74 33.04 -20.53
CA SER B 53 12.06 33.90 -19.40
C SER B 53 11.96 35.37 -19.76
N THR B 54 12.06 35.69 -21.05
CA THR B 54 11.66 37.00 -21.53
C THR B 54 10.15 37.20 -21.45
N PHE B 55 9.39 36.09 -21.46
CA PHE B 55 7.92 36.13 -21.39
C PHE B 55 7.35 36.95 -22.55
N THR B 56 7.81 36.65 -23.76
CA THR B 56 7.28 37.27 -24.97
C THR B 56 6.38 36.36 -25.78
N LYS B 57 6.64 35.05 -25.78
CA LYS B 57 5.75 34.08 -26.42
C LYS B 57 5.13 33.19 -25.35
N ARG B 58 3.81 33.05 -25.40
CA ARG B 58 3.09 32.23 -24.44
C ARG B 58 3.20 30.76 -24.84
N ASP B 59 3.39 29.89 -23.85
CA ASP B 59 3.38 28.47 -24.11
C ASP B 59 1.95 28.05 -24.44
N PRO B 60 1.69 27.56 -25.64
CA PRO B 60 0.29 27.34 -26.06
C PRO B 60 -0.36 26.17 -25.35
N ARG B 61 -1.69 26.24 -25.26
CA ARG B 61 -2.48 25.14 -24.73
C ARG B 61 -2.71 24.10 -25.81
N GLY B 62 -2.69 22.83 -25.43
CA GLY B 62 -2.70 21.72 -26.37
C GLY B 62 -3.94 20.85 -26.31
N GLU B 63 -3.89 19.79 -27.13
CA GLU B 63 -5.02 18.87 -27.24
C GLU B 63 -5.27 18.13 -25.93
N TYR B 64 -4.21 17.68 -25.26
CA TYR B 64 -4.37 17.03 -23.97
C TYR B 64 -4.98 17.97 -22.93
N GLU B 65 -4.84 19.28 -23.13
CA GLU B 65 -5.36 20.27 -22.21
C GLU B 65 -6.70 20.84 -22.67
N GLU B 66 -7.27 20.32 -23.75
CA GLU B 66 -8.57 20.82 -24.21
C GLU B 66 -9.68 20.49 -23.22
N HIS B 67 -9.58 19.34 -22.55
CA HIS B 67 -10.55 18.99 -21.51
C HIS B 67 -10.24 19.68 -20.18
N LEU B 68 -9.08 20.31 -20.05
CA LEU B 68 -8.75 21.02 -18.82
C LEU B 68 -9.52 22.33 -18.69
N GLY B 69 -9.91 22.93 -19.81
CA GLY B 69 -10.67 24.16 -19.76
C GLY B 69 -9.86 25.28 -19.13
N ILE B 70 -10.42 25.87 -18.07
CA ILE B 70 -9.75 27.00 -17.40
C ILE B 70 -8.49 26.55 -16.69
N LEU B 71 -8.33 25.25 -16.45
CA LEU B 71 -7.18 24.76 -15.71
C LEU B 71 -5.89 25.19 -16.39
N GLY B 72 -5.01 25.82 -15.63
CA GLY B 72 -3.79 26.37 -16.16
C GLY B 72 -2.78 25.29 -16.50
N PRO B 73 -1.52 25.68 -16.63
CA PRO B 73 -0.46 24.70 -16.92
C PRO B 73 -0.25 23.79 -15.72
N ILE B 74 -0.35 22.48 -15.95
CA ILE B 74 -0.18 21.53 -14.86
C ILE B 74 1.31 21.40 -14.57
N ILE B 75 1.67 21.62 -13.30
CA ILE B 75 3.05 21.44 -12.86
C ILE B 75 3.16 19.97 -12.48
N ARG B 76 3.40 19.12 -13.48
CA ARG B 76 3.45 17.69 -13.32
C ARG B 76 4.90 17.22 -13.43
N ALA B 77 5.38 16.56 -12.38
CA ALA B 77 6.76 16.12 -12.33
C ALA B 77 6.87 14.93 -11.38
N GLU B 78 7.99 14.23 -11.48
CA GLU B 78 8.22 13.01 -10.71
C GLU B 78 8.79 13.34 -9.34
N VAL B 79 8.96 12.30 -8.52
CA VAL B 79 9.46 12.51 -7.16
C VAL B 79 10.89 13.04 -7.19
N ASP B 80 11.27 13.73 -6.10
CA ASP B 80 12.60 14.31 -5.95
C ASP B 80 12.93 15.25 -7.10
N ASP B 81 12.07 16.25 -7.26
CA ASP B 81 12.20 17.23 -8.34
C ASP B 81 12.11 18.63 -7.76
N VAL B 82 13.09 19.47 -8.09
CA VAL B 82 12.97 20.91 -7.92
C VAL B 82 12.59 21.49 -9.27
N ILE B 83 11.68 22.45 -9.28
CA ILE B 83 11.15 23.03 -10.50
C ILE B 83 11.37 24.53 -10.46
N GLN B 84 12.04 25.06 -11.48
CA GLN B 84 12.32 26.49 -11.57
C GLN B 84 11.17 27.21 -12.28
N VAL B 85 10.00 27.15 -11.66
CA VAL B 85 8.84 27.86 -12.18
C VAL B 85 9.06 29.35 -12.01
N ARG B 86 9.26 30.05 -13.12
CA ARG B 86 9.51 31.49 -13.11
C ARG B 86 8.18 32.20 -13.30
N PHE B 87 7.75 32.95 -12.29
CA PHE B 87 6.44 33.59 -12.30
C PHE B 87 6.62 35.07 -12.58
N LYS B 88 6.14 35.50 -13.74
CA LYS B 88 6.13 36.91 -14.15
C LYS B 88 4.68 37.34 -14.24
N ASN B 89 4.22 38.09 -13.24
CA ASN B 89 2.80 38.48 -13.20
C ASN B 89 2.49 39.41 -14.37
N LEU B 90 1.42 39.08 -15.10
CA LEU B 90 0.96 39.89 -16.22
C LEU B 90 -0.38 40.53 -15.93
N ALA B 91 -0.92 40.34 -14.72
CA ALA B 91 -2.18 40.93 -14.33
C ALA B 91 -1.95 42.36 -13.83
N SER B 92 -2.98 42.95 -13.24
CA SER B 92 -2.91 44.30 -12.72
C SER B 92 -2.47 44.34 -11.25
N ARG B 93 -3.08 43.51 -10.42
CA ARG B 93 -2.79 43.55 -8.99
C ARG B 93 -1.46 42.87 -8.67
N PRO B 94 -0.80 43.29 -7.59
CA PRO B 94 0.40 42.56 -7.12
C PRO B 94 0.01 41.25 -6.48
N TYR B 95 0.21 40.15 -7.21
CA TYR B 95 -0.20 38.83 -6.77
C TYR B 95 0.99 38.09 -6.16
N SER B 96 0.81 36.79 -5.93
CA SER B 96 1.88 35.97 -5.39
C SER B 96 1.69 34.56 -5.96
N LEU B 97 2.33 33.57 -5.33
CA LEU B 97 2.15 32.19 -5.77
C LEU B 97 2.45 31.26 -4.59
N HIS B 98 1.40 30.65 -4.05
CA HIS B 98 1.52 29.65 -2.98
C HIS B 98 0.97 28.33 -3.47
N ALA B 99 1.77 27.27 -3.31
CA ALA B 99 1.35 25.91 -3.57
C ALA B 99 1.12 25.19 -2.24
N HIS B 100 0.50 24.01 -2.32
CA HIS B 100 0.21 23.20 -1.14
C HIS B 100 1.03 21.92 -1.20
N GLY B 101 1.63 21.56 -0.09
CA GLY B 101 2.40 20.33 0.00
C GLY B 101 3.64 20.28 -0.87
N LEU B 102 4.44 21.35 -0.87
CA LEU B 102 5.73 21.36 -1.55
C LEU B 102 6.79 21.89 -0.59
N SER B 103 8.05 21.73 -0.98
CA SER B 103 9.18 22.21 -0.19
C SER B 103 9.35 23.70 -0.46
N TYR B 104 8.51 24.49 0.21
CA TYR B 104 8.57 25.95 0.10
C TYR B 104 8.83 26.56 1.47
N GLU B 105 9.63 27.61 1.49
CA GLU B 105 9.98 28.34 2.70
C GLU B 105 9.37 29.74 2.63
N LYS B 106 9.68 30.56 3.64
CA LYS B 106 9.17 31.92 3.67
C LYS B 106 9.71 32.76 2.53
N SER B 107 10.81 32.36 1.90
CA SER B 107 11.32 33.03 0.71
C SER B 107 10.70 32.50 -0.57
N SER B 108 9.87 31.46 -0.49
CA SER B 108 9.24 30.88 -1.66
C SER B 108 7.78 30.50 -1.38
N GLU B 109 7.12 31.25 -0.51
CA GLU B 109 5.72 31.03 -0.15
C GLU B 109 4.86 32.19 -0.63
N GLY B 110 3.68 31.87 -1.14
CA GLY B 110 2.80 32.92 -1.62
C GLY B 110 1.96 33.61 -0.57
N LYS B 111 1.93 33.10 0.66
CA LYS B 111 1.09 33.67 1.71
C LYS B 111 1.80 34.84 2.35
N THR B 112 1.18 36.02 2.28
CA THR B 112 1.71 37.22 2.92
C THR B 112 1.15 37.42 4.32
N TYR B 113 1.26 36.38 5.15
CA TYR B 113 0.82 36.47 6.54
C TYR B 113 1.96 37.04 7.39
N GLU B 114 1.79 36.98 8.71
CA GLU B 114 2.80 37.47 9.64
C GLU B 114 3.84 36.38 9.89
N ASP B 115 4.67 36.15 8.87
CA ASP B 115 5.76 35.19 9.00
C ASP B 115 6.91 35.73 9.82
N ASP B 116 6.92 37.04 10.10
CA ASP B 116 7.90 37.67 10.98
C ASP B 116 9.33 37.39 10.49
N SER B 117 9.64 37.90 9.31
CA SER B 117 10.88 37.56 8.63
C SER B 117 11.23 38.69 7.67
N PRO B 118 12.51 38.82 7.29
CA PRO B 118 12.92 39.92 6.41
C PRO B 118 12.33 39.85 5.02
N GLU B 119 12.67 40.83 4.18
CA GLU B 119 12.06 40.93 2.86
C GLU B 119 12.53 39.86 1.89
N TRP B 120 13.67 39.22 2.16
CA TRP B 120 14.00 38.00 1.41
C TRP B 120 12.90 36.96 1.60
N PHE B 121 12.30 36.93 2.79
CA PHE B 121 11.20 36.03 3.10
C PHE B 121 9.84 36.70 2.89
N LYS B 122 9.79 37.79 2.14
CA LYS B 122 8.53 38.47 1.83
C LYS B 122 8.38 38.81 0.36
N GLU B 123 9.44 38.74 -0.44
CA GLU B 123 9.33 39.02 -1.86
C GLU B 123 8.39 38.03 -2.54
N ASP B 124 8.47 36.76 -2.16
CA ASP B 124 7.55 35.76 -2.69
C ASP B 124 6.11 36.06 -2.28
N ASN B 125 5.91 36.47 -1.02
CA ASN B 125 4.57 36.67 -0.48
C ASN B 125 3.79 37.75 -1.21
N ALA B 126 4.49 38.66 -1.88
CA ALA B 126 3.81 39.67 -2.70
C ALA B 126 4.71 39.89 -3.90
N VAL B 127 4.31 39.37 -5.06
CA VAL B 127 5.02 39.58 -6.31
C VAL B 127 4.32 40.70 -7.05
N GLN B 128 5.06 41.77 -7.36
CA GLN B 128 4.48 42.83 -8.16
C GLN B 128 4.09 42.31 -9.54
N PRO B 129 3.15 42.96 -10.21
CA PRO B 129 2.90 42.61 -11.61
C PRO B 129 4.14 42.93 -12.41
N ASN B 130 4.20 42.43 -13.65
CA ASN B 130 5.17 42.88 -14.63
C ASN B 130 6.58 42.41 -14.25
N SER B 131 6.66 41.56 -13.22
CA SER B 131 7.90 41.19 -12.55
C SER B 131 8.09 39.68 -12.53
N SER B 132 9.15 39.20 -13.17
CA SER B 132 9.50 37.77 -13.19
C SER B 132 10.16 37.39 -11.87
N TYR B 133 9.35 36.93 -10.92
CA TYR B 133 9.81 36.35 -9.65
C TYR B 133 9.69 34.84 -9.79
N THR B 134 10.83 34.18 -9.93
CA THR B 134 10.83 32.73 -10.06
C THR B 134 10.51 32.07 -8.73
N TYR B 135 10.02 30.84 -8.82
CA TYR B 135 9.74 30.02 -7.64
C TYR B 135 10.40 28.67 -7.84
N VAL B 136 10.98 28.13 -6.77
CA VAL B 136 11.63 26.82 -6.82
C VAL B 136 11.18 26.04 -5.58
N TRP B 137 10.48 24.94 -5.81
CA TRP B 137 10.04 24.06 -4.72
C TRP B 137 10.43 22.63 -5.05
N HIS B 138 10.82 21.88 -4.03
CA HIS B 138 11.34 20.53 -4.18
C HIS B 138 10.23 19.51 -3.94
N ALA B 139 10.14 18.52 -4.83
CA ALA B 139 9.24 17.40 -4.60
C ALA B 139 9.84 16.46 -3.56
N THR B 140 9.02 16.04 -2.61
CA THR B 140 9.46 15.16 -1.52
C THR B 140 8.60 13.90 -1.49
N GLU B 141 8.97 12.98 -0.61
CA GLU B 141 8.19 11.76 -0.45
C GLU B 141 6.78 12.07 0.05
N ARG B 142 6.67 13.04 0.96
CA ARG B 142 5.37 13.43 1.48
C ARG B 142 4.48 13.97 0.36
N SER B 143 5.03 14.76 -0.54
CA SER B 143 4.29 15.28 -1.68
C SER B 143 4.08 14.24 -2.77
N GLY B 144 4.87 13.17 -2.77
CA GLY B 144 4.84 12.20 -3.83
C GLY B 144 3.60 11.32 -3.79
N PRO B 145 3.39 10.59 -4.86
CA PRO B 145 2.23 9.70 -4.96
C PRO B 145 2.46 8.44 -4.14
N GLU B 146 1.50 7.52 -4.25
CA GLU B 146 1.50 6.29 -3.48
C GLU B 146 1.88 5.10 -4.36
N SER B 147 2.79 4.28 -3.86
CA SER B 147 3.17 3.07 -4.60
C SER B 147 1.99 2.14 -4.86
N PRO B 148 1.08 1.86 -3.91
CA PRO B 148 -0.12 1.11 -4.27
C PRO B 148 -1.21 1.97 -4.88
N GLY B 149 -1.12 3.29 -4.75
CA GLY B 149 -2.09 4.20 -5.31
C GLY B 149 -1.68 4.69 -6.68
N SER B 150 -2.10 5.92 -7.00
CA SER B 150 -1.79 6.51 -8.28
C SER B 150 -0.30 6.80 -8.40
N ALA B 151 0.16 6.96 -9.64
CA ALA B 151 1.54 7.31 -9.90
C ALA B 151 1.77 8.82 -9.84
N CYS B 152 0.74 9.60 -9.56
CA CYS B 152 0.86 11.04 -9.41
C CYS B 152 -0.02 11.49 -8.25
N ARG B 153 0.49 12.41 -7.43
CA ARG B 153 -0.28 12.97 -6.34
C ARG B 153 -0.59 14.44 -6.62
N ALA B 154 -1.88 14.76 -6.55
CA ALA B 154 -2.37 16.07 -6.96
C ALA B 154 -2.28 17.06 -5.82
N TRP B 155 -2.00 18.32 -6.16
CA TRP B 155 -2.02 19.43 -5.22
C TRP B 155 -2.57 20.65 -5.96
N ALA B 156 -2.37 21.83 -5.38
CA ALA B 156 -2.84 23.06 -6.00
C ALA B 156 -1.89 24.20 -5.66
N TYR B 157 -1.88 25.21 -6.54
CA TYR B 157 -1.09 26.42 -6.33
C TYR B 157 -1.96 27.63 -6.67
N TYR B 158 -1.63 28.76 -6.06
CA TYR B 158 -2.44 29.96 -6.19
C TYR B 158 -1.68 31.15 -5.63
N SER B 159 -2.11 32.34 -6.02
CA SER B 159 -1.66 33.56 -5.35
C SER B 159 -2.35 33.65 -4.00
N ALA B 160 -1.56 33.85 -2.95
CA ALA B 160 -2.10 33.87 -1.59
C ALA B 160 -2.02 35.25 -0.95
N VAL B 161 -2.01 36.31 -1.75
CA VAL B 161 -2.17 37.66 -1.20
C VAL B 161 -3.52 37.77 -0.52
N ASN B 162 -4.56 37.25 -1.16
CA ASN B 162 -5.90 37.18 -0.57
C ASN B 162 -6.58 35.97 -1.18
N PRO B 163 -6.21 34.76 -0.75
CA PRO B 163 -6.55 33.55 -1.53
C PRO B 163 -8.02 33.42 -1.89
N GLU B 164 -8.93 33.70 -0.96
CA GLU B 164 -10.36 33.64 -1.28
C GLU B 164 -10.68 34.59 -2.42
N LYS B 165 -10.10 35.78 -2.42
CA LYS B 165 -10.29 36.71 -3.51
C LYS B 165 -9.46 36.38 -4.74
N ASP B 166 -8.48 35.48 -4.61
CA ASP B 166 -7.51 35.22 -5.67
C ASP B 166 -7.90 34.03 -6.54
N ILE B 167 -8.09 32.84 -5.94
CA ILE B 167 -8.52 31.69 -6.73
C ILE B 167 -9.79 32.00 -7.50
N HIS B 168 -10.75 32.63 -6.83
CA HIS B 168 -11.83 33.27 -7.55
C HIS B 168 -11.26 34.40 -8.41
N SER B 169 -11.69 34.44 -9.67
CA SER B 169 -11.07 35.09 -10.83
C SER B 169 -10.01 34.20 -11.46
N GLY B 170 -9.87 32.96 -11.04
CA GLY B 170 -9.11 31.97 -11.80
C GLY B 170 -7.66 31.79 -11.42
N LEU B 171 -7.21 32.32 -10.28
CA LEU B 171 -5.83 32.15 -9.85
C LEU B 171 -5.68 30.76 -9.22
N ILE B 172 -5.78 29.75 -10.09
CA ILE B 172 -5.67 28.36 -9.66
C ILE B 172 -5.24 27.54 -10.87
N GLY B 173 -4.33 26.60 -10.64
CA GLY B 173 -3.87 25.72 -11.69
C GLY B 173 -3.67 24.31 -11.19
N PRO B 174 -3.68 23.34 -12.10
CA PRO B 174 -3.52 21.94 -11.70
C PRO B 174 -2.08 21.64 -11.29
N LEU B 175 -1.94 20.89 -10.21
CA LEU B 175 -0.64 20.58 -9.62
C LEU B 175 -0.63 19.12 -9.23
N LEU B 176 0.18 18.32 -9.92
CA LEU B 176 0.30 16.89 -9.66
C LEU B 176 1.75 16.53 -9.45
N ILE B 177 2.03 15.78 -8.38
CA ILE B 177 3.36 15.31 -8.06
C ILE B 177 3.41 13.81 -8.33
N CYS B 178 4.21 13.43 -9.33
CA CYS B 178 4.31 12.04 -9.75
C CYS B 178 5.53 11.39 -9.14
N GLN B 179 5.75 10.11 -9.49
CA GLN B 179 6.93 9.38 -9.08
C GLN B 179 7.78 9.05 -10.31
N LYS B 180 9.05 8.75 -10.06
CA LYS B 180 10.03 8.65 -11.14
C LYS B 180 9.66 7.57 -12.14
N GLY B 181 10.10 7.75 -13.38
CA GLY B 181 9.83 6.81 -14.44
C GLY B 181 8.40 6.75 -14.93
N ILE B 182 7.73 7.90 -15.05
CA ILE B 182 6.41 7.97 -15.63
C ILE B 182 6.35 8.94 -16.81
N LEU B 183 6.97 10.11 -16.69
CA LEU B 183 6.96 11.12 -17.74
C LEU B 183 8.25 11.05 -18.54
N HIS B 184 8.15 11.31 -19.85
CA HIS B 184 9.34 11.41 -20.66
C HIS B 184 10.00 12.77 -20.45
N LYS B 185 11.34 12.78 -20.48
CA LYS B 185 12.07 14.01 -20.28
C LYS B 185 11.89 15.00 -21.44
N ASP B 186 11.52 14.50 -22.62
CA ASP B 186 11.20 15.39 -23.73
C ASP B 186 10.03 16.30 -23.38
N SER B 187 8.85 15.70 -23.17
CA SER B 187 7.65 16.45 -22.82
C SER B 187 6.96 15.74 -21.66
N ASN B 188 6.39 16.55 -20.76
CA ASN B 188 5.92 16.06 -19.46
C ASN B 188 4.46 15.65 -19.52
N MET B 189 4.22 14.44 -20.02
CA MET B 189 2.94 13.77 -19.82
C MET B 189 3.20 12.28 -19.67
N PRO B 190 2.33 11.55 -18.96
CA PRO B 190 2.54 10.11 -18.80
C PRO B 190 2.07 9.35 -20.04
N MET B 191 3.00 8.62 -20.66
CA MET B 191 2.65 7.86 -21.85
C MET B 191 1.78 6.67 -21.48
N ASP B 192 2.10 6.00 -20.38
CA ASP B 192 1.50 4.72 -20.05
C ASP B 192 0.05 4.88 -19.59
N MET B 193 -0.20 5.82 -18.69
CA MET B 193 -1.47 5.87 -17.98
C MET B 193 -2.08 7.25 -18.19
N ARG B 194 -3.27 7.29 -18.81
CA ARG B 194 -3.92 8.56 -19.10
C ARG B 194 -4.56 9.13 -17.84
N GLU B 195 -4.30 10.40 -17.58
CA GLU B 195 -4.80 11.08 -16.39
C GLU B 195 -5.73 12.22 -16.82
N PHE B 196 -6.65 12.56 -15.91
CA PHE B 196 -7.62 13.63 -16.17
C PHE B 196 -7.86 14.38 -14.87
N VAL B 197 -7.64 15.70 -14.90
CA VAL B 197 -7.81 16.56 -13.74
C VAL B 197 -8.98 17.48 -13.99
N LEU B 198 -9.94 17.50 -13.06
CA LEU B 198 -11.17 18.27 -13.21
C LEU B 198 -11.52 18.92 -11.88
N LEU B 199 -12.48 19.86 -11.94
CA LEU B 199 -12.85 20.66 -10.76
C LEU B 199 -14.34 20.98 -10.84
N PHE B 200 -15.15 20.12 -10.24
CA PHE B 200 -16.60 20.10 -10.48
C PHE B 200 -17.38 20.91 -9.46
N MET B 201 -17.04 22.18 -9.22
CA MET B 201 -17.76 22.93 -8.21
C MET B 201 -18.25 24.28 -8.71
N THR B 202 -18.73 25.11 -7.79
CA THR B 202 -19.07 26.50 -8.06
C THR B 202 -17.85 27.38 -7.89
N PHE B 203 -17.80 28.45 -8.67
CA PHE B 203 -16.66 29.38 -8.70
C PHE B 203 -17.20 30.79 -8.45
N ASP B 204 -17.00 31.29 -7.24
CA ASP B 204 -17.65 32.52 -6.82
C ASP B 204 -17.08 33.72 -7.55
N GLU B 205 -17.97 34.55 -8.11
CA GLU B 205 -17.55 35.83 -8.66
C GLU B 205 -17.43 36.90 -7.56
N LYS B 206 -18.25 36.80 -6.52
CA LYS B 206 -18.18 37.79 -5.44
C LYS B 206 -16.77 37.91 -4.89
N LYS B 207 -16.06 36.78 -4.77
CA LYS B 207 -14.67 36.83 -4.36
C LYS B 207 -13.71 37.05 -5.53
N SER B 208 -14.20 36.98 -6.77
CA SER B 208 -13.32 37.14 -7.92
C SER B 208 -12.65 38.50 -7.90
N TRP B 209 -11.38 38.54 -8.32
CA TRP B 209 -10.78 39.81 -8.65
C TRP B 209 -11.41 40.37 -9.92
N TYR B 210 -11.27 41.69 -10.08
CA TYR B 210 -11.96 42.44 -11.13
C TYR B 210 -13.47 42.36 -10.94
N TYR B 211 -13.90 41.85 -9.79
CA TYR B 211 -15.30 41.96 -9.38
C TYR B 211 -15.51 43.24 -8.57
N GLU B 212 -15.06 44.36 -9.13
CA GLU B 212 -15.60 45.65 -8.74
C GLU B 212 -16.95 45.69 -9.42
N LYS B 213 -17.95 45.14 -8.73
CA LYS B 213 -19.13 44.53 -9.33
C LYS B 213 -19.65 45.32 -10.52
N LYS B 214 -19.69 44.67 -11.68
CA LYS B 214 -19.78 45.35 -12.97
C LYS B 214 -21.20 45.46 -13.49
N SER B 215 -21.91 44.34 -13.64
CA SER B 215 -23.28 44.33 -14.11
C SER B 215 -24.14 43.72 -13.01
N ARG B 216 -24.52 44.54 -12.04
CA ARG B 216 -25.26 44.07 -10.87
C ARG B 216 -26.43 44.99 -10.59
N SER B 217 -27.11 44.78 -9.47
CA SER B 217 -28.32 45.47 -9.05
C SER B 217 -29.50 45.15 -9.95
N SER B 218 -29.30 44.36 -11.01
CA SER B 218 -30.39 43.88 -11.85
C SER B 218 -30.95 42.55 -11.39
N TRP B 219 -30.38 41.97 -10.33
CA TRP B 219 -30.88 40.71 -9.80
C TRP B 219 -32.21 40.93 -9.10
N ARG B 220 -33.21 40.13 -9.50
CA ARG B 220 -34.51 40.19 -8.84
C ARG B 220 -34.40 39.75 -7.38
N LEU B 221 -33.60 38.72 -7.12
CA LEU B 221 -33.27 38.26 -5.78
C LEU B 221 -31.78 37.97 -5.73
N THR B 222 -31.30 37.59 -4.54
CA THR B 222 -29.91 37.17 -4.43
C THR B 222 -29.62 35.92 -5.24
N SER B 223 -30.66 35.18 -5.64
CA SER B 223 -30.54 33.99 -6.47
C SER B 223 -30.97 34.25 -7.91
N SER B 224 -30.65 35.45 -8.43
CA SER B 224 -31.07 35.84 -9.76
C SER B 224 -29.90 36.00 -10.72
N GLU B 225 -28.92 36.84 -10.39
CA GLU B 225 -27.78 37.08 -11.27
C GLU B 225 -26.78 35.94 -11.15
N MET B 226 -26.62 35.18 -12.23
CA MET B 226 -25.70 34.05 -12.28
C MET B 226 -24.27 34.42 -11.90
N LYS B 227 -23.92 35.71 -11.90
CA LYS B 227 -22.61 36.11 -11.38
C LYS B 227 -22.44 35.70 -9.93
N LYS B 228 -23.45 35.98 -9.10
CA LYS B 228 -23.37 35.70 -7.67
C LYS B 228 -24.55 34.89 -7.16
N SER B 229 -25.37 34.33 -8.05
CA SER B 229 -26.42 33.40 -7.66
C SER B 229 -26.00 31.95 -7.94
N HIS B 230 -25.73 31.65 -9.20
CA HIS B 230 -25.14 30.39 -9.63
C HIS B 230 -23.69 30.67 -10.00
N GLU B 231 -22.81 30.62 -9.00
CA GLU B 231 -21.42 30.99 -9.25
C GLU B 231 -20.69 29.89 -10.01
N PHE B 232 -21.19 29.55 -11.19
CA PHE B 232 -20.55 28.59 -12.09
C PHE B 232 -20.29 27.26 -11.40
N HIS B 233 -21.37 26.58 -11.03
CA HIS B 233 -21.25 25.18 -10.65
C HIS B 233 -20.85 24.44 -11.92
N ALA B 234 -19.55 24.15 -12.06
CA ALA B 234 -18.99 23.90 -13.37
C ALA B 234 -17.91 22.82 -13.32
N ILE B 235 -17.65 22.24 -14.49
CA ILE B 235 -16.68 21.15 -14.62
C ILE B 235 -15.26 21.68 -14.60
N ASN B 236 -14.95 22.61 -15.51
CA ASN B 236 -13.66 23.30 -15.54
C ASN B 236 -13.90 24.77 -15.88
N GLY B 237 -14.87 25.37 -15.19
CA GLY B 237 -15.46 26.61 -15.62
C GLY B 237 -16.65 26.43 -16.53
N MET B 238 -16.83 25.23 -17.09
CA MET B 238 -17.97 24.91 -17.94
C MET B 238 -19.01 24.12 -17.15
N ILE B 239 -20.27 24.54 -17.29
CA ILE B 239 -21.36 23.95 -16.53
C ILE B 239 -21.95 22.73 -17.23
N TYR B 240 -22.29 22.85 -18.52
CA TYR B 240 -22.95 21.77 -19.23
C TYR B 240 -22.20 21.42 -20.51
N SER B 241 -22.10 20.12 -20.78
CA SER B 241 -21.62 19.60 -22.07
C SER B 241 -20.24 20.15 -22.43
N LEU B 242 -19.25 19.77 -21.63
CA LEU B 242 -17.87 20.16 -21.90
C LEU B 242 -17.31 19.28 -23.02
N PRO B 243 -16.84 19.86 -24.12
CA PRO B 243 -16.23 19.04 -25.18
C PRO B 243 -14.88 18.49 -24.78
N GLY B 244 -14.33 17.58 -25.58
CA GLY B 244 -13.07 16.95 -25.26
C GLY B 244 -13.13 15.86 -24.22
N LEU B 245 -14.32 15.54 -23.72
CA LEU B 245 -14.49 14.48 -22.73
C LEU B 245 -14.89 13.18 -23.43
N LYS B 246 -13.91 12.62 -24.13
CA LYS B 246 -14.11 11.39 -24.90
C LYS B 246 -12.90 10.49 -24.74
N MET B 247 -13.14 9.19 -24.63
CA MET B 247 -12.07 8.23 -24.42
C MET B 247 -12.47 6.88 -24.99
N TYR B 248 -11.46 6.07 -25.31
CA TYR B 248 -11.68 4.73 -25.84
C TYR B 248 -12.39 3.84 -24.83
N GLU B 249 -13.13 2.87 -25.34
CA GLU B 249 -13.71 1.83 -24.49
C GLU B 249 -12.65 0.81 -24.11
N GLN B 250 -12.83 0.21 -22.93
CA GLN B 250 -11.98 -0.87 -22.45
C GLN B 250 -10.51 -0.48 -22.41
N GLU B 251 -10.24 0.77 -22.00
CA GLU B 251 -8.88 1.24 -21.84
C GLU B 251 -8.75 2.00 -20.53
N TRP B 252 -7.66 1.76 -19.82
CA TRP B 252 -7.47 2.30 -18.48
C TRP B 252 -7.12 3.78 -18.54
N VAL B 253 -7.81 4.60 -17.75
CA VAL B 253 -7.53 6.02 -17.62
C VAL B 253 -7.59 6.41 -16.14
N ARG B 254 -6.61 7.17 -15.69
CA ARG B 254 -6.50 7.54 -14.29
C ARG B 254 -7.31 8.80 -14.02
N LEU B 255 -7.92 8.85 -12.83
CA LEU B 255 -8.72 9.98 -12.39
C LEU B 255 -7.89 10.88 -11.51
N HIS B 256 -8.11 12.19 -11.64
CA HIS B 256 -7.49 13.17 -10.73
C HIS B 256 -8.48 14.29 -10.42
N LEU B 257 -9.74 13.92 -10.15
CA LEU B 257 -10.74 14.92 -9.82
C LEU B 257 -10.45 15.53 -8.45
N LEU B 258 -10.62 16.84 -8.35
CA LEU B 258 -10.27 17.60 -7.15
C LEU B 258 -11.44 18.47 -6.70
N ASN B 259 -11.46 18.76 -5.40
CA ASN B 259 -12.38 19.74 -4.85
C ASN B 259 -11.62 20.71 -3.96
N ILE B 260 -12.06 21.96 -3.95
CA ILE B 260 -11.33 23.07 -3.35
C ILE B 260 -12.26 23.79 -2.39
N GLY B 261 -12.25 23.39 -1.11
CA GLY B 261 -12.87 24.13 -0.05
C GLY B 261 -14.27 24.66 -0.33
N GLY B 262 -14.39 25.99 -0.37
CA GLY B 262 -15.68 26.59 -0.65
C GLY B 262 -16.65 26.33 0.48
N SER B 263 -17.86 25.90 0.11
CA SER B 263 -18.92 25.62 1.09
C SER B 263 -19.54 24.26 0.76
N GLN B 264 -18.96 23.21 1.33
CA GLN B 264 -19.46 21.83 1.27
C GLN B 264 -20.02 21.46 -0.10
N ASP B 265 -19.39 21.94 -1.18
CA ASP B 265 -19.88 21.67 -2.53
C ASP B 265 -19.49 20.25 -2.91
N ILE B 266 -20.33 19.31 -2.49
CA ILE B 266 -20.11 17.89 -2.75
C ILE B 266 -20.91 17.49 -3.98
N HIS B 267 -20.34 16.58 -4.78
CA HIS B 267 -20.96 16.16 -6.03
C HIS B 267 -20.69 14.68 -6.24
N VAL B 268 -21.73 13.86 -6.13
CA VAL B 268 -21.62 12.44 -6.45
C VAL B 268 -21.72 12.29 -7.97
N VAL B 269 -20.56 12.22 -8.62
CA VAL B 269 -20.50 12.25 -10.08
C VAL B 269 -21.03 10.94 -10.65
N HIS B 270 -22.26 10.97 -11.15
CA HIS B 270 -22.85 9.79 -11.75
C HIS B 270 -22.20 9.48 -13.09
N PHE B 271 -21.97 8.20 -13.33
CA PHE B 271 -21.49 7.71 -14.63
C PHE B 271 -22.50 6.72 -15.18
N HIS B 272 -22.93 6.96 -16.42
CA HIS B 272 -24.00 6.19 -17.04
C HIS B 272 -23.43 4.89 -17.58
N GLY B 273 -23.47 3.84 -16.75
CA GLY B 273 -22.95 2.55 -17.15
C GLY B 273 -21.47 2.36 -16.96
N GLN B 274 -20.88 2.98 -15.93
CA GLN B 274 -19.46 2.93 -15.70
C GLN B 274 -19.18 2.57 -14.24
N THR B 275 -18.06 1.88 -14.02
CA THR B 275 -17.63 1.48 -12.69
C THR B 275 -16.20 1.96 -12.45
N LEU B 276 -15.97 2.58 -11.31
CA LEU B 276 -14.66 3.14 -10.98
C LEU B 276 -13.76 2.07 -10.37
N LEU B 277 -12.57 2.49 -9.97
CA LEU B 277 -11.60 1.62 -9.31
C LEU B 277 -10.77 2.47 -8.35
N GLU B 278 -10.79 2.10 -7.07
CA GLU B 278 -9.93 2.75 -6.10
C GLU B 278 -8.47 2.43 -6.40
N ASN B 279 -7.61 3.45 -6.33
CA ASN B 279 -6.18 3.29 -6.54
C ASN B 279 -5.49 3.53 -5.21
N GLY B 280 -5.12 2.45 -4.53
CA GLY B 280 -4.52 2.58 -3.22
C GLY B 280 -4.04 1.24 -2.70
N ASN B 281 -3.88 1.16 -1.38
CA ASN B 281 -3.43 -0.07 -0.75
C ASN B 281 -4.50 -1.15 -0.72
N LYS B 282 -5.75 -0.80 -0.98
CA LYS B 282 -6.85 -1.77 -0.97
C LYS B 282 -7.42 -2.05 -2.34
N GLN B 283 -7.46 -1.04 -3.22
CA GLN B 283 -7.89 -1.19 -4.61
C GLN B 283 -9.32 -1.72 -4.69
N HIS B 284 -10.25 -0.93 -4.17
CA HIS B 284 -11.67 -1.25 -4.26
C HIS B 284 -12.26 -0.73 -5.57
N GLN B 285 -13.54 -1.04 -5.77
CA GLN B 285 -14.26 -0.65 -6.98
C GLN B 285 -15.45 0.20 -6.58
N LEU B 286 -15.69 1.28 -7.32
CA LEU B 286 -16.73 2.25 -6.99
C LEU B 286 -17.61 2.50 -8.19
N GLY B 287 -18.83 2.95 -7.91
CA GLY B 287 -19.74 3.40 -8.96
C GLY B 287 -19.66 4.89 -9.16
N VAL B 288 -19.79 5.65 -8.07
CA VAL B 288 -19.69 7.10 -8.08
C VAL B 288 -18.84 7.52 -6.89
N TRP B 289 -18.54 8.82 -6.83
CA TRP B 289 -17.76 9.37 -5.73
C TRP B 289 -18.30 10.74 -5.32
N PRO B 290 -18.54 10.95 -4.02
CA PRO B 290 -18.92 12.30 -3.55
C PRO B 290 -17.71 13.21 -3.56
N LEU B 291 -17.83 14.34 -4.26
CA LEU B 291 -16.71 15.26 -4.41
C LEU B 291 -16.49 16.04 -3.12
N LEU B 292 -15.67 15.49 -2.23
CA LEU B 292 -15.48 16.09 -0.91
C LEU B 292 -14.62 17.34 -1.00
N PRO B 293 -15.11 18.50 -0.58
CA PRO B 293 -14.29 19.71 -0.61
C PRO B 293 -13.06 19.59 0.27
N GLY B 294 -11.99 20.25 -0.18
CA GLY B 294 -10.72 20.18 0.52
C GLY B 294 -10.00 18.85 0.37
N SER B 295 -10.44 18.00 -0.55
CA SER B 295 -9.86 16.69 -0.75
C SER B 295 -9.55 16.47 -2.22
N PHE B 296 -8.49 15.73 -2.49
CA PHE B 296 -8.07 15.39 -3.84
C PHE B 296 -8.21 13.89 -4.03
N LYS B 297 -8.96 13.49 -5.06
CA LYS B 297 -9.27 12.10 -5.30
C LYS B 297 -8.66 11.64 -6.61
N THR B 298 -8.00 10.49 -6.56
CA THR B 298 -7.44 9.87 -7.76
C THR B 298 -7.90 8.43 -7.85
N LEU B 299 -8.31 8.03 -9.05
CA LEU B 299 -8.84 6.70 -9.31
C LEU B 299 -8.35 6.25 -10.67
N GLU B 300 -8.83 5.08 -11.11
CA GLU B 300 -8.54 4.57 -12.43
C GLU B 300 -9.85 4.14 -13.09
N MET B 301 -9.93 4.35 -14.40
CA MET B 301 -11.18 4.07 -15.13
C MET B 301 -10.93 3.31 -16.41
N LYS B 302 -11.82 2.37 -16.71
CA LYS B 302 -11.84 1.64 -17.96
C LYS B 302 -13.27 1.67 -18.50
N ALA B 303 -13.46 2.31 -19.65
CA ALA B 303 -14.79 2.46 -20.23
C ALA B 303 -15.35 1.11 -20.65
N SER B 304 -16.69 1.02 -20.65
CA SER B 304 -17.36 -0.25 -20.93
C SER B 304 -17.74 -0.39 -22.40
N LYS B 305 -18.59 0.51 -22.91
CA LYS B 305 -19.12 0.40 -24.26
C LYS B 305 -19.00 1.73 -24.98
N PRO B 306 -18.89 1.71 -26.31
CA PRO B 306 -18.77 2.95 -27.07
C PRO B 306 -20.09 3.67 -27.17
N GLY B 307 -20.02 4.91 -27.64
CA GLY B 307 -21.19 5.74 -27.81
C GLY B 307 -21.22 6.89 -26.82
N TRP B 308 -22.32 7.65 -26.88
CA TRP B 308 -22.50 8.79 -26.00
C TRP B 308 -23.05 8.34 -24.64
N TRP B 309 -22.48 8.88 -23.57
CA TRP B 309 -22.98 8.66 -22.23
C TRP B 309 -22.89 9.97 -21.46
N LEU B 310 -23.78 10.13 -20.49
CA LEU B 310 -23.94 11.42 -19.81
C LEU B 310 -23.00 11.49 -18.61
N LEU B 311 -22.18 12.54 -18.58
CA LEU B 311 -21.43 12.90 -17.38
C LEU B 311 -22.31 13.81 -16.54
N ASN B 312 -22.49 13.44 -15.28
CA ASN B 312 -23.36 14.21 -14.41
C ASN B 312 -23.07 13.86 -12.96
N THR B 313 -23.28 14.84 -12.09
CA THR B 313 -23.34 14.56 -10.66
C THR B 313 -24.75 14.08 -10.31
N GLU B 314 -24.83 12.97 -9.58
CA GLU B 314 -26.14 12.42 -9.25
C GLU B 314 -26.95 13.34 -8.36
N VAL B 315 -26.30 14.31 -7.69
CA VAL B 315 -27.02 15.36 -6.99
C VAL B 315 -27.82 16.12 -8.04
N GLY B 316 -29.15 16.08 -7.92
CA GLY B 316 -29.99 16.68 -8.95
C GLY B 316 -29.86 18.19 -9.03
N GLU B 317 -29.80 18.85 -7.87
CA GLU B 317 -29.72 20.31 -7.87
C GLU B 317 -28.40 20.79 -8.48
N ASN B 318 -27.31 20.08 -8.22
CA ASN B 318 -26.03 20.44 -8.81
C ASN B 318 -25.97 20.07 -10.29
N GLN B 319 -26.61 18.95 -10.67
CA GLN B 319 -26.63 18.54 -12.06
C GLN B 319 -27.39 19.55 -12.92
N ARG B 320 -28.55 20.01 -12.43
CA ARG B 320 -29.25 21.06 -13.15
C ARG B 320 -28.52 22.40 -13.05
N ALA B 321 -27.56 22.51 -12.13
CA ALA B 321 -26.74 23.70 -11.99
C ALA B 321 -25.41 23.59 -12.73
N GLY B 322 -25.17 22.47 -13.41
CA GLY B 322 -23.93 22.31 -14.14
C GLY B 322 -23.42 20.89 -14.01
N MET B 323 -22.12 20.74 -14.22
CA MET B 323 -21.45 19.44 -14.11
C MET B 323 -22.09 18.40 -15.02
N GLN B 324 -22.44 18.82 -16.24
CA GLN B 324 -23.11 17.95 -17.20
C GLN B 324 -22.28 17.83 -18.46
N THR B 325 -22.24 16.62 -19.02
CA THR B 325 -21.60 16.39 -20.32
C THR B 325 -22.04 15.06 -20.92
N PRO B 326 -22.48 15.03 -22.17
CA PRO B 326 -22.67 13.74 -22.86
C PRO B 326 -21.35 13.22 -23.38
N PHE B 327 -20.58 12.55 -22.52
CA PHE B 327 -19.27 12.09 -22.92
C PHE B 327 -19.39 10.90 -23.86
N LEU B 328 -18.74 11.01 -25.01
CA LEU B 328 -18.76 9.96 -26.02
C LEU B 328 -17.59 9.01 -25.80
N ILE B 329 -17.80 7.73 -26.11
CA ILE B 329 -16.79 6.71 -25.97
C ILE B 329 -16.46 6.16 -27.34
N MET B 330 -15.19 6.23 -27.72
CA MET B 330 -14.77 5.74 -29.02
C MET B 330 -14.62 4.22 -29.01
N ASP B 331 -14.67 3.64 -30.21
CA ASP B 331 -14.39 2.22 -30.35
C ASP B 331 -12.93 1.95 -30.00
N ARG B 332 -12.69 0.85 -29.29
CA ARG B 332 -11.37 0.52 -28.78
C ARG B 332 -10.36 0.33 -29.89
N ASP B 333 -10.72 -0.43 -30.93
CA ASP B 333 -9.84 -0.62 -32.06
C ASP B 333 -10.31 0.19 -33.26
N CYS B 334 -9.50 1.15 -33.72
CA CYS B 334 -9.84 1.97 -34.86
C CYS B 334 -8.66 2.03 -35.82
N ARG B 335 -8.55 1.01 -36.67
CA ARG B 335 -7.59 1.00 -37.77
C ARG B 335 -8.27 0.44 -39.00
N MET B 336 -8.89 1.30 -39.80
CA MET B 336 -9.70 0.86 -40.92
C MET B 336 -9.75 1.97 -41.96
N PRO B 337 -9.46 1.65 -43.23
CA PRO B 337 -9.43 2.67 -44.28
C PRO B 337 -10.82 3.20 -44.58
N MET B 338 -11.04 4.48 -44.30
CA MET B 338 -12.29 5.12 -44.65
C MET B 338 -12.52 5.15 -46.15
N GLY B 339 -11.48 4.91 -46.92
CA GLY B 339 -11.56 4.87 -48.37
C GLY B 339 -10.23 5.28 -48.97
N LEU B 340 -10.32 6.07 -50.05
CA LEU B 340 -9.18 6.63 -50.77
C LEU B 340 -8.43 5.56 -51.55
N SER B 341 -8.74 4.30 -51.30
CA SER B 341 -8.28 3.18 -52.10
C SER B 341 -9.42 2.20 -52.40
N THR B 342 -10.43 2.15 -51.55
CA THR B 342 -11.58 1.27 -51.72
C THR B 342 -12.70 1.92 -52.51
N GLY B 343 -12.59 3.21 -52.81
CA GLY B 343 -13.64 3.93 -53.50
C GLY B 343 -14.77 4.41 -52.61
N ILE B 344 -14.71 4.13 -51.31
CA ILE B 344 -15.77 4.59 -50.40
C ILE B 344 -15.75 6.11 -50.31
N ILE B 345 -14.55 6.70 -50.17
CA ILE B 345 -14.44 8.15 -50.15
C ILE B 345 -14.76 8.69 -51.53
N SER B 346 -15.69 9.64 -51.60
CA SER B 346 -16.04 10.27 -52.87
C SER B 346 -14.85 11.06 -53.40
N ASP B 347 -14.68 11.02 -54.72
CA ASP B 347 -13.57 11.73 -55.35
C ASP B 347 -13.68 13.24 -55.16
N SER B 348 -14.88 13.76 -54.94
CA SER B 348 -15.03 15.19 -54.64
C SER B 348 -14.33 15.54 -53.33
N GLN B 349 -14.43 14.66 -52.33
CA GLN B 349 -13.73 14.88 -51.07
C GLN B 349 -12.21 14.89 -51.26
N ILE B 350 -11.74 14.18 -52.29
CA ILE B 350 -10.31 14.05 -52.54
C ILE B 350 -9.84 15.27 -53.34
N LYS B 351 -9.43 16.32 -52.64
CA LYS B 351 -9.07 17.59 -53.27
C LYS B 351 -7.76 18.10 -52.68
N ALA B 352 -6.96 18.74 -53.53
CA ALA B 352 -5.72 19.38 -53.10
C ALA B 352 -5.77 20.87 -53.42
N SER B 353 -4.95 21.64 -52.71
CA SER B 353 -4.93 23.09 -52.92
C SER B 353 -4.45 23.45 -54.32
N GLU B 354 -3.39 22.80 -54.79
CA GLU B 354 -2.82 23.12 -56.09
C GLU B 354 -2.47 21.83 -56.82
N PHE B 355 -2.02 21.96 -58.07
CA PHE B 355 -1.68 20.82 -58.91
C PHE B 355 -0.29 20.99 -59.52
N LEU B 356 0.11 20.04 -60.36
CA LEU B 356 1.34 20.18 -61.16
C LEU B 356 1.15 19.81 -62.62
N GLY B 357 0.13 19.04 -62.97
CA GLY B 357 0.00 18.50 -64.31
C GLY B 357 0.21 17.01 -64.31
N TYR B 358 -0.87 16.24 -64.41
CA TYR B 358 -0.87 14.79 -64.21
C TYR B 358 -0.38 14.42 -62.81
N TRP B 359 -0.54 15.33 -61.85
CA TRP B 359 -0.17 15.11 -60.46
C TRP B 359 -1.36 15.57 -59.64
N GLU B 360 -2.30 14.66 -59.39
CA GLU B 360 -3.63 15.00 -58.93
C GLU B 360 -3.99 14.20 -57.68
N PRO B 361 -4.91 14.72 -56.86
CA PRO B 361 -5.30 14.00 -55.64
C PRO B 361 -5.87 12.62 -55.90
N ARG B 362 -6.53 12.42 -57.04
CA ARG B 362 -7.01 11.08 -57.39
C ARG B 362 -5.85 10.11 -57.51
N LEU B 363 -4.76 10.56 -58.13
CA LEU B 363 -3.54 9.76 -58.20
C LEU B 363 -2.90 9.60 -56.83
N ALA B 364 -2.99 10.63 -55.98
CA ALA B 364 -2.40 10.53 -54.65
C ALA B 364 -3.09 9.49 -53.79
N ARG B 365 -4.43 9.48 -53.79
CA ARG B 365 -5.17 8.59 -52.89
C ARG B 365 -4.95 7.13 -53.25
N LEU B 366 -4.87 6.81 -54.54
CA LEU B 366 -4.59 5.44 -54.94
C LEU B 366 -3.17 5.06 -54.50
N ASN B 367 -3.07 3.96 -53.76
CA ASN B 367 -1.82 3.58 -53.11
C ASN B 367 -0.92 2.72 -53.99
N ASN B 368 -1.42 2.20 -55.11
CA ASN B 368 -0.62 1.35 -55.98
C ASN B 368 -1.09 1.52 -57.41
N GLY B 369 -0.21 1.14 -58.34
CA GLY B 369 -0.53 1.13 -59.75
C GLY B 369 -0.55 2.53 -60.36
N GLY B 370 -0.34 2.56 -61.67
CA GLY B 370 -0.37 3.80 -62.42
C GLY B 370 0.99 4.45 -62.59
N SER B 371 1.27 4.95 -63.80
CA SER B 371 2.52 5.65 -64.05
C SER B 371 2.61 6.92 -63.19
N TYR B 372 1.71 7.87 -63.44
CA TYR B 372 1.59 9.06 -62.61
C TYR B 372 0.60 8.73 -61.50
N ASN B 373 1.12 8.22 -60.38
CA ASN B 373 0.31 7.65 -59.32
C ASN B 373 0.36 8.49 -58.05
N ALA B 374 0.43 9.82 -58.19
CA ALA B 374 0.49 10.67 -57.02
C ALA B 374 0.04 12.08 -57.39
N TRP B 375 -0.29 12.85 -56.35
CA TRP B 375 -0.44 14.29 -56.49
C TRP B 375 0.91 14.94 -56.21
N SER B 376 1.17 16.06 -56.88
CA SER B 376 2.44 16.75 -56.69
C SER B 376 2.30 18.21 -57.07
N VAL B 377 3.26 19.00 -56.61
CA VAL B 377 3.54 20.33 -57.13
C VAL B 377 5.02 20.36 -57.48
N GLU B 378 5.52 21.49 -57.96
CA GLU B 378 6.91 21.55 -58.40
C GLU B 378 7.87 21.31 -57.23
N LYS B 379 7.61 21.94 -56.09
CA LYS B 379 8.52 21.83 -54.96
C LYS B 379 7.78 22.22 -53.69
N LEU B 380 8.43 21.94 -52.56
CA LEU B 380 7.91 22.33 -51.25
C LEU B 380 7.94 23.85 -51.10
N ALA B 381 6.96 24.38 -50.37
CA ALA B 381 6.93 25.81 -50.08
C ALA B 381 8.11 26.20 -49.19
N ALA B 382 8.59 27.43 -49.36
CA ALA B 382 9.81 27.90 -48.71
C ALA B 382 9.53 28.76 -47.47
N GLU B 383 8.60 29.72 -47.58
CA GLU B 383 8.34 30.63 -46.47
C GLU B 383 7.84 29.91 -45.22
N PHE B 384 7.25 28.73 -45.39
CA PHE B 384 6.79 27.89 -44.29
C PHE B 384 6.58 26.50 -44.85
N ALA B 385 5.95 25.63 -44.06
CA ALA B 385 5.46 24.37 -44.61
C ALA B 385 4.56 24.65 -45.81
N SER B 386 3.44 25.34 -45.57
CA SER B 386 2.66 26.05 -46.59
C SER B 386 2.45 25.22 -47.85
N LYS B 387 2.42 23.89 -47.70
CA LYS B 387 2.28 23.03 -48.84
C LYS B 387 0.89 23.21 -49.46
N PRO B 388 0.76 22.94 -50.76
CA PRO B 388 -0.58 22.95 -51.37
C PRO B 388 -1.43 21.82 -50.82
N TRP B 389 -1.95 22.04 -49.61
CA TRP B 389 -2.64 21.02 -48.82
C TRP B 389 -3.63 20.22 -49.65
N ILE B 390 -3.76 18.94 -49.29
CA ILE B 390 -4.77 18.06 -49.86
C ILE B 390 -5.88 17.93 -48.83
N GLN B 391 -6.98 18.64 -49.06
CA GLN B 391 -8.08 18.63 -48.11
C GLN B 391 -8.90 17.35 -48.27
N VAL B 392 -9.19 16.69 -47.16
CA VAL B 392 -9.98 15.47 -47.15
C VAL B 392 -11.32 15.81 -46.50
N ASP B 393 -12.30 16.13 -47.33
CA ASP B 393 -13.66 16.28 -46.82
C ASP B 393 -14.21 14.91 -46.45
N MET B 394 -15.19 14.91 -45.54
CA MET B 394 -15.85 13.67 -45.16
C MET B 394 -17.36 13.82 -45.04
N GLN B 395 -17.90 15.04 -45.02
CA GLN B 395 -19.31 15.31 -44.72
C GLN B 395 -19.71 14.79 -43.36
N LYS B 396 -18.73 14.52 -42.50
CA LYS B 396 -18.93 13.97 -41.17
C LYS B 396 -17.60 13.98 -40.43
N GLU B 397 -17.63 14.31 -39.15
CA GLU B 397 -16.41 14.36 -38.35
C GLU B 397 -16.11 12.96 -37.81
N VAL B 398 -15.61 12.11 -38.71
CA VAL B 398 -15.29 10.73 -38.37
C VAL B 398 -14.08 10.68 -37.44
N ILE B 399 -13.87 9.53 -36.80
CA ILE B 399 -12.77 9.32 -35.88
C ILE B 399 -11.58 8.79 -36.68
N ILE B 400 -10.47 9.53 -36.64
CA ILE B 400 -9.27 9.16 -37.39
C ILE B 400 -8.11 9.05 -36.40
N THR B 401 -7.38 7.95 -36.48
CA THR B 401 -6.29 7.70 -35.54
C THR B 401 -5.02 7.27 -36.27
N GLY B 402 -5.18 6.64 -37.44
CA GLY B 402 -4.05 6.11 -38.17
C GLY B 402 -4.02 6.62 -39.60
N ILE B 403 -2.85 6.48 -40.21
CA ILE B 403 -2.63 6.90 -41.59
C ILE B 403 -1.38 6.18 -42.11
N GLN B 404 -1.43 5.78 -43.37
CA GLN B 404 -0.33 5.08 -44.02
C GLN B 404 0.10 5.86 -45.25
N THR B 405 1.41 6.07 -45.39
CA THR B 405 1.97 6.95 -46.42
C THR B 405 3.07 6.24 -47.19
N GLN B 406 3.20 6.62 -48.45
CA GLN B 406 4.30 6.13 -49.29
C GLN B 406 4.41 7.04 -50.50
N GLY B 407 5.60 7.05 -51.09
CA GLY B 407 5.89 7.78 -52.31
C GLY B 407 5.80 6.90 -53.53
N ALA B 408 6.59 7.25 -54.55
CA ALA B 408 6.64 6.46 -55.78
C ALA B 408 7.91 6.83 -56.54
N LYS B 409 8.66 5.81 -56.96
CA LYS B 409 9.86 6.00 -57.77
C LYS B 409 9.66 5.35 -59.12
N HIS B 410 9.88 6.10 -60.18
CA HIS B 410 9.73 5.60 -61.54
C HIS B 410 10.68 6.38 -62.45
N TYR B 411 11.09 5.71 -63.53
CA TYR B 411 12.06 6.29 -64.47
C TYR B 411 13.33 6.73 -63.75
N LEU B 412 13.80 5.88 -62.83
CA LEU B 412 14.96 6.13 -61.97
C LEU B 412 14.84 7.45 -61.21
N LYS B 413 13.64 8.01 -61.16
CA LYS B 413 13.36 9.26 -60.46
C LYS B 413 12.60 8.92 -59.19
N SER B 414 13.23 9.14 -58.04
CA SER B 414 12.66 8.82 -56.75
C SER B 414 12.14 10.09 -56.09
N CYS B 415 10.90 10.04 -55.60
CA CYS B 415 10.27 11.17 -54.94
C CYS B 415 9.30 10.65 -53.89
N TYR B 416 9.38 11.19 -52.69
CA TYR B 416 8.47 10.78 -51.61
C TYR B 416 8.42 11.90 -50.57
N THR B 417 7.86 11.58 -49.41
CA THR B 417 7.63 12.55 -48.34
C THR B 417 8.63 12.34 -47.22
N THR B 418 9.23 13.43 -46.75
CA THR B 418 10.18 13.38 -45.66
C THR B 418 9.60 13.82 -44.32
N GLU B 419 8.55 14.65 -44.34
CA GLU B 419 7.87 15.05 -43.12
C GLU B 419 6.58 15.77 -43.50
N PHE B 420 5.56 15.67 -42.63
CA PHE B 420 4.28 16.27 -42.95
C PHE B 420 3.51 16.58 -41.67
N TYR B 421 2.53 17.46 -41.81
CA TYR B 421 1.57 17.76 -40.74
C TYR B 421 0.17 17.79 -41.34
N VAL B 422 -0.83 17.81 -40.47
CA VAL B 422 -2.23 17.69 -40.85
C VAL B 422 -3.02 18.83 -40.25
N ALA B 423 -3.92 19.41 -41.05
CA ALA B 423 -4.83 20.46 -40.61
C ALA B 423 -6.26 19.95 -40.66
N TYR B 424 -6.94 19.97 -39.53
CA TYR B 424 -8.29 19.42 -39.44
C TYR B 424 -9.24 20.46 -38.86
N SER B 425 -10.50 20.39 -39.29
CA SER B 425 -11.52 21.31 -38.81
C SER B 425 -12.90 20.74 -39.14
N SER B 426 -13.82 20.86 -38.18
CA SER B 426 -15.21 20.51 -38.46
C SER B 426 -15.77 21.36 -39.58
N ASN B 427 -15.50 22.67 -39.54
CA ASN B 427 -15.80 23.57 -40.63
C ASN B 427 -14.60 23.63 -41.57
N GLN B 428 -14.58 24.60 -42.47
CA GLN B 428 -13.43 24.86 -43.32
C GLN B 428 -12.70 26.13 -42.91
N ILE B 429 -12.96 26.64 -41.71
CA ILE B 429 -12.40 27.90 -41.23
C ILE B 429 -11.46 27.68 -40.05
N ASN B 430 -11.97 27.12 -38.95
CA ASN B 430 -11.19 26.92 -37.74
C ASN B 430 -10.26 25.72 -37.92
N TRP B 431 -9.30 25.89 -38.82
CA TRP B 431 -8.45 24.79 -39.24
C TRP B 431 -7.45 24.43 -38.14
N GLN B 432 -7.90 23.61 -37.20
CA GLN B 432 -7.05 23.17 -36.11
C GLN B 432 -5.94 22.25 -36.64
N ILE B 433 -4.83 22.26 -35.93
CA ILE B 433 -3.66 21.47 -36.30
C ILE B 433 -3.39 20.47 -35.19
N PHE B 434 -3.21 19.20 -35.58
CA PHE B 434 -3.13 18.11 -34.62
C PHE B 434 -1.86 18.19 -33.76
N LYS B 435 -2.02 17.92 -32.46
CA LYS B 435 -0.86 17.89 -31.55
C LYS B 435 -1.16 16.95 -30.39
N GLY B 436 -0.15 16.19 -29.98
CA GLY B 436 -0.16 15.39 -28.77
C GLY B 436 1.25 14.85 -28.61
N ASN B 437 1.72 14.55 -27.40
CA ASN B 437 3.07 14.02 -27.14
C ASN B 437 4.27 14.97 -27.22
N SER B 438 4.15 16.14 -27.83
CA SER B 438 5.39 16.81 -28.21
C SER B 438 5.48 18.24 -27.72
N THR B 439 6.72 18.64 -27.45
CA THR B 439 7.05 20.04 -27.19
C THR B 439 6.79 20.92 -28.41
N ARG B 440 6.94 20.38 -29.61
CA ARG B 440 6.64 21.15 -30.81
C ARG B 440 5.16 21.53 -30.81
N ASN B 441 4.88 22.70 -31.38
CA ASN B 441 3.54 23.27 -31.29
C ASN B 441 2.49 22.32 -31.84
N VAL B 442 2.78 21.64 -32.94
CA VAL B 442 1.88 20.68 -33.56
C VAL B 442 2.70 19.45 -33.95
N MET B 443 2.04 18.50 -34.63
CA MET B 443 2.70 17.28 -35.03
C MET B 443 3.35 17.41 -36.39
N TYR B 444 4.50 16.75 -36.54
CA TYR B 444 5.27 16.74 -37.79
C TYR B 444 5.72 15.30 -38.01
N PHE B 445 4.89 14.52 -38.68
CA PHE B 445 5.21 13.12 -38.91
C PHE B 445 6.17 12.97 -40.08
N ASN B 446 7.07 11.99 -39.96
CA ASN B 446 8.24 11.76 -40.80
C ASN B 446 7.90 11.38 -42.24
N GLY B 447 6.64 11.37 -42.70
CA GLY B 447 6.41 10.94 -44.06
C GLY B 447 6.69 9.46 -44.22
N ASN B 448 7.20 9.08 -45.38
CA ASN B 448 7.57 7.71 -45.66
C ASN B 448 9.08 7.59 -45.85
N SER B 449 9.61 6.42 -45.50
CA SER B 449 11.06 6.22 -45.53
C SER B 449 11.62 6.31 -46.93
N ASP B 450 10.94 5.71 -47.91
CA ASP B 450 11.44 5.63 -49.27
C ASP B 450 10.28 5.67 -50.24
N ALA B 451 10.57 6.07 -51.48
CA ALA B 451 9.55 6.08 -52.52
C ALA B 451 9.09 4.66 -52.82
N SER B 452 7.79 4.51 -53.03
CA SER B 452 7.14 3.22 -53.22
C SER B 452 7.31 2.29 -52.02
N THR B 453 7.58 2.86 -50.84
CA THR B 453 7.72 2.11 -49.60
C THR B 453 6.69 2.62 -48.61
N ILE B 454 5.81 1.73 -48.14
CA ILE B 454 4.67 2.14 -47.33
C ILE B 454 5.14 2.36 -45.89
N LYS B 455 4.75 3.50 -45.32
CA LYS B 455 5.04 3.85 -43.94
C LYS B 455 3.76 4.32 -43.28
N GLU B 456 3.62 4.05 -41.99
CA GLU B 456 2.39 4.32 -41.25
C GLU B 456 2.66 5.28 -40.10
N ASN B 457 1.78 6.26 -39.95
CA ASN B 457 1.83 7.23 -38.86
C ASN B 457 0.54 7.16 -38.07
N GLN B 458 0.60 7.61 -36.82
CA GLN B 458 -0.50 7.47 -35.89
C GLN B 458 -0.81 8.80 -35.21
N PHE B 459 -2.05 8.91 -34.72
CA PHE B 459 -2.52 10.08 -34.01
C PHE B 459 -2.88 9.67 -32.58
N ASP B 460 -2.30 10.33 -31.59
CA ASP B 460 -2.53 9.91 -30.21
C ASP B 460 -3.91 10.30 -29.72
N PRO B 461 -4.33 11.58 -29.74
CA PRO B 461 -5.75 11.88 -29.60
C PRO B 461 -6.44 11.81 -30.95
N PRO B 462 -7.47 10.98 -31.10
CA PRO B 462 -8.15 10.87 -32.38
C PRO B 462 -8.96 12.11 -32.71
N ILE B 463 -8.47 12.91 -33.65
CA ILE B 463 -9.16 14.13 -34.03
C ILE B 463 -10.41 13.79 -34.84
N VAL B 464 -11.40 14.67 -34.75
CA VAL B 464 -12.64 14.55 -35.51
C VAL B 464 -12.84 15.83 -36.31
N ALA B 465 -13.14 15.69 -37.59
CA ALA B 465 -13.27 16.84 -38.47
C ALA B 465 -13.97 16.40 -39.75
N ARG B 466 -14.95 17.20 -40.19
CA ARG B 466 -15.59 16.93 -41.47
C ARG B 466 -14.61 17.16 -42.62
N TYR B 467 -13.79 18.21 -42.52
CA TYR B 467 -12.79 18.55 -43.52
C TYR B 467 -11.41 18.43 -42.90
N ILE B 468 -10.48 17.81 -43.63
CA ILE B 468 -9.13 17.54 -43.14
C ILE B 468 -8.13 17.94 -44.21
N ARG B 469 -7.43 19.05 -43.99
CA ARG B 469 -6.35 19.48 -44.87
C ARG B 469 -5.04 18.81 -44.46
N ILE B 470 -4.21 18.50 -45.45
CA ILE B 470 -2.91 17.88 -45.21
C ILE B 470 -1.90 18.61 -46.08
N SER B 471 -1.15 19.54 -45.50
CA SER B 471 -0.06 20.21 -46.19
C SER B 471 1.27 19.72 -45.61
N PRO B 472 2.00 18.86 -46.31
CA PRO B 472 3.25 18.33 -45.75
C PRO B 472 4.28 19.40 -45.47
N THR B 473 5.05 19.18 -44.40
CA THR B 473 6.10 20.10 -44.00
C THR B 473 7.35 20.00 -44.86
N ARG B 474 7.70 18.80 -45.32
CA ARG B 474 8.93 18.59 -46.08
C ARG B 474 8.86 17.24 -46.77
N ALA B 475 9.02 17.24 -48.09
CA ALA B 475 8.97 16.02 -48.89
C ALA B 475 10.28 15.83 -49.64
N TYR B 476 10.69 14.57 -49.78
CA TYR B 476 11.90 14.27 -50.53
C TYR B 476 11.73 14.63 -51.99
N ASN B 477 12.71 15.36 -52.54
CA ASN B 477 12.70 15.79 -53.93
C ASN B 477 11.38 16.48 -54.26
N ARG B 478 10.89 16.26 -55.47
CA ARG B 478 9.54 16.68 -55.82
C ARG B 478 8.54 15.92 -54.96
N PRO B 479 7.44 16.56 -54.56
CA PRO B 479 6.41 15.84 -53.79
C PRO B 479 5.86 14.65 -54.58
N THR B 480 5.58 13.58 -53.85
CA THR B 480 4.99 12.36 -54.43
C THR B 480 4.45 11.52 -53.30
N LEU B 481 3.16 11.18 -53.38
CA LEU B 481 2.48 10.58 -52.24
C LEU B 481 1.42 9.59 -52.69
N ARG B 482 1.46 8.40 -52.10
CA ARG B 482 0.37 7.42 -52.18
C ARG B 482 -0.04 7.09 -50.76
N LEU B 483 -1.33 7.25 -50.47
CA LEU B 483 -1.78 7.30 -49.09
C LEU B 483 -3.05 6.48 -48.90
N GLU B 484 -3.32 6.16 -47.64
CA GLU B 484 -4.59 5.56 -47.22
C GLU B 484 -4.70 5.70 -45.71
N LEU B 485 -5.82 6.22 -45.24
CA LEU B 485 -5.98 6.54 -43.83
C LEU B 485 -6.46 5.32 -43.05
N GLN B 486 -6.53 5.48 -41.73
CA GLN B 486 -7.02 4.43 -40.83
C GLN B 486 -7.84 5.09 -39.73
N GLY B 487 -8.82 4.36 -39.22
CA GLY B 487 -9.66 4.90 -38.16
C GLY B 487 -10.93 4.07 -38.02
N CYS B 488 -11.96 4.73 -37.47
CA CYS B 488 -13.26 4.10 -37.29
C CYS B 488 -14.34 5.17 -37.41
N GLU B 489 -15.56 4.71 -37.70
CA GLU B 489 -16.69 5.63 -37.86
C GLU B 489 -17.03 6.28 -36.52
N VAL B 490 -17.48 7.53 -36.58
CA VAL B 490 -17.71 8.31 -35.37
C VAL B 490 -19.04 7.95 -34.72
N ASN B 491 -19.06 7.96 -33.39
CA ASN B 491 -20.25 7.81 -32.56
C ASN B 491 -21.16 6.67 -33.04
N GLY B 492 -20.55 5.52 -33.25
CA GLY B 492 -21.31 4.34 -33.63
C GLY B 492 -20.44 3.11 -33.63
N CYS B 493 -21.10 1.96 -33.63
CA CYS B 493 -20.41 0.68 -33.71
C CYS B 493 -19.80 0.54 -35.11
N SER B 494 -18.49 0.67 -35.19
CA SER B 494 -17.75 0.47 -36.44
C SER B 494 -16.67 -0.56 -36.16
N THR B 495 -17.04 -1.84 -36.24
CA THR B 495 -16.12 -2.94 -36.01
C THR B 495 -16.30 -3.96 -37.11
N PRO B 496 -15.24 -4.68 -37.48
CA PRO B 496 -15.39 -5.76 -38.46
C PRO B 496 -16.13 -6.96 -37.88
N LEU B 497 -17.37 -7.15 -38.27
CA LEU B 497 -18.15 -8.27 -37.78
C LEU B 497 -17.86 -9.57 -38.53
N GLY B 498 -17.13 -9.50 -39.64
CA GLY B 498 -16.68 -10.71 -40.31
C GLY B 498 -16.97 -10.81 -41.79
N MET B 499 -16.98 -12.04 -42.28
CA MET B 499 -17.21 -12.46 -43.66
C MET B 499 -16.06 -12.01 -44.58
N GLU B 500 -15.10 -11.29 -44.06
CA GLU B 500 -13.83 -11.03 -44.75
C GLU B 500 -12.65 -11.64 -44.01
N ASN B 501 -12.62 -11.55 -42.69
CA ASN B 501 -11.64 -12.23 -41.86
C ASN B 501 -12.26 -13.51 -41.32
N GLY B 502 -11.58 -14.15 -40.38
CA GLY B 502 -12.04 -15.39 -39.80
C GLY B 502 -13.15 -15.27 -38.79
N LYS B 503 -13.76 -14.08 -38.66
CA LYS B 503 -14.82 -13.89 -37.69
C LYS B 503 -16.04 -14.76 -38.02
N ILE B 504 -16.43 -14.81 -39.29
CA ILE B 504 -17.59 -15.58 -39.73
C ILE B 504 -17.10 -16.86 -40.37
N GLU B 505 -17.56 -17.99 -39.87
CA GLU B 505 -17.17 -19.28 -40.41
C GLU B 505 -17.89 -19.54 -41.74
N ASN B 506 -17.34 -20.50 -42.49
CA ASN B 506 -17.96 -20.89 -43.75
C ASN B 506 -19.35 -21.48 -43.52
N LYS B 507 -19.51 -22.29 -42.48
CA LYS B 507 -20.79 -22.91 -42.17
C LYS B 507 -21.83 -21.89 -41.70
N GLN B 508 -21.40 -20.71 -41.27
CA GLN B 508 -22.33 -19.77 -40.66
C GLN B 508 -23.40 -19.31 -41.65
N ILE B 509 -23.01 -19.09 -42.90
CA ILE B 509 -23.93 -18.56 -43.90
C ILE B 509 -24.29 -19.67 -44.88
N THR B 510 -25.25 -19.37 -45.75
CA THR B 510 -25.63 -20.27 -46.83
C THR B 510 -26.15 -19.45 -48.00
N ALA B 511 -26.03 -20.02 -49.19
CA ALA B 511 -26.50 -19.39 -50.42
C ALA B 511 -27.41 -20.36 -51.16
N SER B 512 -28.06 -19.84 -52.20
CA SER B 512 -29.03 -20.65 -52.95
C SER B 512 -28.36 -21.84 -53.63
N SER B 513 -27.46 -21.57 -54.57
CA SER B 513 -26.84 -22.63 -55.36
C SER B 513 -25.52 -22.14 -55.93
N PHE B 514 -24.44 -22.84 -55.63
CA PHE B 514 -23.10 -22.42 -56.04
C PHE B 514 -22.76 -22.96 -57.42
N LYS B 515 -21.97 -22.18 -58.16
CA LYS B 515 -21.42 -22.65 -59.42
C LYS B 515 -20.36 -23.72 -59.17
N LYS B 516 -20.31 -24.70 -60.07
CA LYS B 516 -19.37 -25.80 -59.94
C LYS B 516 -18.93 -26.26 -61.33
N SER B 517 -17.68 -26.71 -61.42
CA SER B 517 -17.12 -27.23 -62.67
C SER B 517 -16.13 -28.32 -62.33
N TRP B 518 -15.58 -28.97 -63.37
CA TRP B 518 -14.62 -30.04 -63.19
C TRP B 518 -13.17 -29.57 -63.28
N TRP B 519 -12.87 -28.61 -64.15
CA TRP B 519 -11.53 -28.07 -64.28
C TRP B 519 -11.28 -26.95 -63.27
N GLY B 520 -12.21 -26.01 -63.16
CA GLY B 520 -12.13 -24.92 -62.21
C GLY B 520 -12.75 -25.19 -60.87
N ASP B 521 -13.20 -26.42 -60.63
CA ASP B 521 -13.81 -26.86 -59.37
C ASP B 521 -15.09 -26.04 -59.17
N TYR B 522 -15.41 -25.68 -57.94
CA TYR B 522 -16.66 -25.01 -57.59
C TYR B 522 -16.48 -23.50 -57.52
N TRP B 523 -17.61 -22.81 -57.38
CA TRP B 523 -17.65 -21.38 -57.03
C TRP B 523 -18.67 -21.26 -55.90
N GLU B 524 -18.18 -21.46 -54.68
CA GLU B 524 -19.05 -21.64 -53.51
C GLU B 524 -19.52 -20.32 -52.96
N PRO B 525 -20.46 -20.34 -52.01
CA PRO B 525 -20.58 -19.23 -51.07
C PRO B 525 -19.47 -19.26 -50.03
N PHE B 526 -19.59 -18.46 -48.98
CA PHE B 526 -18.77 -18.50 -47.76
C PHE B 526 -17.30 -18.24 -48.03
N ARG B 527 -16.92 -18.05 -49.28
CA ARG B 527 -15.62 -17.52 -49.65
C ARG B 527 -15.72 -16.04 -50.00
N ALA B 528 -16.93 -15.48 -49.99
CA ALA B 528 -17.12 -14.09 -50.38
C ALA B 528 -16.50 -13.20 -49.32
N ARG B 529 -15.23 -12.86 -49.51
CA ARG B 529 -14.49 -12.10 -48.52
C ARG B 529 -13.91 -10.88 -49.23
N LEU B 530 -13.95 -9.74 -48.55
CA LEU B 530 -13.64 -8.43 -49.13
C LEU B 530 -12.41 -8.48 -50.02
N ASN B 531 -11.40 -9.26 -49.62
CA ASN B 531 -10.21 -9.48 -50.43
C ASN B 531 -9.92 -10.98 -50.46
N ALA B 532 -10.52 -11.68 -51.42
CA ALA B 532 -10.29 -13.09 -51.66
C ALA B 532 -9.67 -13.26 -53.03
N GLN B 533 -8.62 -14.08 -53.10
CA GLN B 533 -7.82 -14.22 -54.32
C GLN B 533 -7.53 -15.70 -54.54
N GLY B 534 -6.63 -15.98 -55.49
CA GLY B 534 -6.28 -17.35 -55.81
C GLY B 534 -7.49 -18.11 -56.32
N ARG B 535 -7.75 -19.27 -55.70
CA ARG B 535 -8.98 -20.00 -55.99
C ARG B 535 -10.14 -19.26 -55.34
N VAL B 536 -10.56 -18.17 -55.96
CA VAL B 536 -11.56 -17.27 -55.38
C VAL B 536 -12.97 -17.74 -55.71
N ASN B 537 -13.44 -18.74 -54.97
CA ASN B 537 -14.82 -19.19 -55.08
C ASN B 537 -15.72 -18.35 -54.18
N ALA B 538 -15.60 -17.02 -54.30
CA ALA B 538 -16.21 -16.11 -53.33
C ALA B 538 -17.71 -16.32 -53.22
N TRP B 539 -18.44 -15.99 -54.29
CA TRP B 539 -19.83 -16.40 -54.42
C TRP B 539 -20.27 -16.24 -55.87
N GLN B 540 -20.58 -17.35 -56.54
CA GLN B 540 -21.06 -17.30 -57.91
C GLN B 540 -22.21 -18.29 -58.04
N ALA B 541 -23.40 -17.76 -58.30
CA ALA B 541 -24.59 -18.60 -58.40
C ALA B 541 -24.56 -19.42 -59.69
N LYS B 542 -24.80 -20.73 -59.57
CA LYS B 542 -24.88 -21.57 -60.76
C LYS B 542 -26.13 -21.24 -61.58
N ALA B 543 -27.24 -20.88 -60.93
CA ALA B 543 -28.44 -20.50 -61.66
C ALA B 543 -28.31 -19.13 -62.29
N ASN B 544 -27.61 -18.22 -61.63
CA ASN B 544 -27.37 -16.86 -62.13
C ASN B 544 -28.70 -16.16 -62.45
N ASN B 545 -29.48 -15.93 -61.40
CA ASN B 545 -30.73 -15.22 -61.52
C ASN B 545 -31.05 -14.52 -60.20
N ASN B 546 -32.01 -13.60 -60.25
CA ASN B 546 -32.33 -12.76 -59.10
C ASN B 546 -32.79 -13.58 -57.90
N LYS B 547 -33.50 -14.69 -58.15
CA LYS B 547 -34.03 -15.50 -57.06
C LYS B 547 -32.94 -16.11 -56.18
N GLN B 548 -31.70 -16.14 -56.65
CA GLN B 548 -30.60 -16.58 -55.80
C GLN B 548 -30.45 -15.65 -54.61
N TRP B 549 -30.09 -16.22 -53.46
CA TRP B 549 -29.94 -15.45 -52.23
C TRP B 549 -28.69 -15.89 -51.50
N LEU B 550 -28.35 -15.16 -50.44
CA LEU B 550 -27.24 -15.49 -49.54
C LEU B 550 -27.78 -15.34 -48.12
N GLU B 551 -28.30 -16.43 -47.58
CA GLU B 551 -28.88 -16.38 -46.25
C GLU B 551 -27.76 -16.41 -45.20
N ILE B 552 -27.69 -15.34 -44.40
CA ILE B 552 -26.69 -15.18 -43.35
C ILE B 552 -27.36 -15.56 -42.05
N ASP B 553 -27.03 -16.74 -41.52
CA ASP B 553 -27.53 -17.17 -40.21
C ASP B 553 -26.44 -16.89 -39.19
N LEU B 554 -26.55 -15.74 -38.52
CA LEU B 554 -25.60 -15.40 -37.47
C LEU B 554 -25.83 -16.28 -36.24
N LEU B 555 -24.76 -16.45 -35.47
CA LEU B 555 -24.84 -17.25 -34.25
C LEU B 555 -25.84 -16.65 -33.26
N LYS B 556 -26.06 -15.34 -33.31
CA LYS B 556 -27.06 -14.68 -32.48
C LYS B 556 -27.47 -13.41 -33.20
N ILE B 557 -28.51 -12.76 -32.66
CA ILE B 557 -28.89 -11.45 -33.16
C ILE B 557 -27.75 -10.48 -32.94
N LYS B 558 -27.43 -9.69 -33.96
CA LYS B 558 -26.30 -8.77 -33.91
C LYS B 558 -26.74 -7.43 -34.50
N LYS B 559 -26.05 -6.37 -34.06
CA LYS B 559 -26.41 -5.00 -34.44
C LYS B 559 -25.47 -4.54 -35.56
N ILE B 560 -25.83 -4.92 -36.79
CA ILE B 560 -25.06 -4.55 -37.97
C ILE B 560 -25.45 -3.14 -38.38
N THR B 561 -24.43 -2.29 -38.63
CA THR B 561 -24.66 -0.89 -38.93
C THR B 561 -24.33 -0.50 -40.36
N ALA B 562 -23.50 -1.27 -41.06
CA ALA B 562 -23.12 -0.91 -42.42
C ALA B 562 -22.65 -2.14 -43.18
N ILE B 563 -22.41 -1.95 -44.48
CA ILE B 563 -21.98 -3.02 -45.38
C ILE B 563 -21.30 -2.39 -46.58
N ILE B 564 -20.27 -3.08 -47.09
CA ILE B 564 -19.63 -2.73 -48.35
C ILE B 564 -19.59 -3.98 -49.23
N THR B 565 -19.22 -3.77 -50.49
CA THR B 565 -19.09 -4.86 -51.44
C THR B 565 -18.27 -4.38 -52.64
N GLN B 566 -17.39 -5.25 -53.12
CA GLN B 566 -16.60 -4.91 -54.30
C GLN B 566 -16.66 -5.97 -55.40
N GLY B 567 -16.69 -7.25 -55.03
CA GLY B 567 -16.71 -8.32 -56.00
C GLY B 567 -15.36 -9.01 -56.12
N CYS B 568 -15.37 -10.17 -56.76
CA CYS B 568 -14.22 -11.03 -56.87
C CYS B 568 -13.43 -10.73 -58.14
N LYS B 569 -12.51 -11.63 -58.49
CA LYS B 569 -11.60 -11.44 -59.61
C LYS B 569 -12.36 -11.13 -60.90
N SER B 570 -11.73 -10.30 -61.75
CA SER B 570 -12.35 -9.92 -63.01
C SER B 570 -12.64 -11.14 -63.88
N LEU B 571 -11.68 -12.07 -63.96
CA LEU B 571 -11.85 -13.33 -64.67
C LEU B 571 -12.09 -13.10 -66.16
N SER B 572 -11.25 -12.26 -66.76
CA SER B 572 -11.35 -11.91 -68.18
C SER B 572 -12.70 -11.30 -68.52
N SER B 573 -13.33 -10.64 -67.55
CA SER B 573 -14.64 -10.04 -67.71
C SER B 573 -14.86 -9.08 -66.55
N GLU B 574 -16.10 -8.57 -66.43
CA GLU B 574 -16.52 -7.77 -65.29
C GLU B 574 -17.78 -8.43 -64.74
N MET B 575 -17.59 -9.43 -63.88
CA MET B 575 -18.68 -10.24 -63.36
C MET B 575 -18.88 -9.91 -61.88
N TYR B 576 -20.10 -9.54 -61.53
CA TYR B 576 -20.42 -8.87 -60.27
C TYR B 576 -21.95 -8.83 -60.14
N VAL B 577 -22.44 -8.05 -59.17
CA VAL B 577 -23.86 -7.77 -59.01
C VAL B 577 -24.09 -6.27 -59.03
N LYS B 578 -25.28 -5.86 -59.46
CA LYS B 578 -25.58 -4.43 -59.51
C LYS B 578 -26.30 -3.96 -58.25
N SER B 579 -27.32 -4.71 -57.82
CA SER B 579 -28.02 -4.34 -56.60
C SER B 579 -28.54 -5.61 -55.92
N TYR B 580 -28.89 -5.47 -54.65
CA TYR B 580 -29.33 -6.60 -53.84
C TYR B 580 -30.36 -6.13 -52.84
N THR B 581 -31.00 -7.11 -52.18
CA THR B 581 -32.00 -6.85 -51.16
C THR B 581 -31.68 -7.65 -49.90
N ILE B 582 -32.16 -7.17 -48.76
CA ILE B 582 -31.84 -7.74 -47.46
C ILE B 582 -33.13 -8.18 -46.79
N HIS B 583 -33.21 -9.48 -46.47
CA HIS B 583 -34.30 -10.04 -45.68
C HIS B 583 -33.71 -10.67 -44.43
N TYR B 584 -34.17 -10.24 -43.26
CA TYR B 584 -33.61 -10.70 -42.01
C TYR B 584 -34.66 -11.41 -41.16
N SER B 585 -34.17 -12.15 -40.17
CA SER B 585 -35.03 -12.89 -39.25
C SER B 585 -34.22 -13.35 -38.06
N GLU B 586 -34.93 -13.75 -37.02
CA GLU B 586 -34.29 -14.37 -35.85
C GLU B 586 -34.31 -15.90 -35.94
N GLN B 587 -35.14 -16.46 -36.82
CA GLN B 587 -35.25 -17.92 -36.92
C GLN B 587 -35.10 -18.45 -38.33
N GLY B 588 -35.15 -17.61 -39.37
CA GLY B 588 -35.09 -18.04 -40.74
C GLY B 588 -36.45 -18.28 -41.37
N VAL B 589 -37.43 -18.73 -40.59
CA VAL B 589 -38.78 -18.88 -41.10
C VAL B 589 -39.34 -17.52 -41.51
N GLU B 590 -39.11 -16.49 -40.70
CA GLU B 590 -39.40 -15.14 -41.11
C GLU B 590 -38.35 -14.67 -42.10
N TRP B 591 -38.72 -13.67 -42.90
CA TRP B 591 -37.75 -12.91 -43.68
C TRP B 591 -38.12 -11.43 -43.63
N LYS B 592 -38.32 -10.93 -42.40
CA LYS B 592 -38.71 -9.55 -42.10
C LYS B 592 -37.95 -8.59 -43.01
N PRO B 593 -38.66 -7.83 -43.84
CA PRO B 593 -37.98 -7.03 -44.87
C PRO B 593 -37.09 -5.97 -44.27
N TYR B 594 -35.96 -5.73 -44.92
CA TYR B 594 -35.08 -4.62 -44.56
C TYR B 594 -35.12 -3.55 -45.64
N ARG B 595 -35.37 -2.31 -45.21
CA ARG B 595 -35.61 -1.20 -46.11
C ARG B 595 -35.47 0.07 -45.30
N LEU B 596 -35.87 1.20 -45.89
CA LEU B 596 -35.92 2.45 -45.13
C LEU B 596 -37.22 2.52 -44.35
N LYS B 597 -37.56 1.45 -43.63
CA LYS B 597 -38.78 1.35 -42.83
C LYS B 597 -40.02 1.75 -43.63
N SER B 598 -40.00 1.49 -44.94
CA SER B 598 -41.11 1.91 -45.79
C SER B 598 -42.25 0.90 -45.77
N SER B 599 -42.00 -0.33 -46.22
CA SER B 599 -43.04 -1.35 -46.35
C SER B 599 -42.36 -2.71 -46.47
N MET B 600 -43.14 -3.72 -46.85
CA MET B 600 -42.60 -5.06 -47.05
C MET B 600 -41.59 -5.12 -48.19
N VAL B 601 -41.54 -4.11 -49.05
CA VAL B 601 -40.56 -4.08 -50.13
C VAL B 601 -39.21 -3.68 -49.56
N ASP B 602 -38.19 -4.50 -49.81
CA ASP B 602 -36.84 -4.17 -49.40
C ASP B 602 -36.32 -2.99 -50.19
N LYS B 603 -35.53 -2.15 -49.52
CA LYS B 603 -34.82 -1.10 -50.22
C LYS B 603 -33.80 -1.72 -51.16
N ILE B 604 -33.71 -1.19 -52.37
CA ILE B 604 -32.82 -1.76 -53.37
C ILE B 604 -31.39 -1.38 -53.01
N PHE B 605 -30.71 -2.26 -52.29
CA PHE B 605 -29.32 -2.05 -51.90
C PHE B 605 -28.45 -2.23 -53.12
N GLU B 606 -27.81 -1.15 -53.57
CA GLU B 606 -26.97 -1.24 -54.76
C GLU B 606 -25.71 -2.04 -54.44
N GLY B 607 -25.38 -2.98 -55.31
CA GLY B 607 -24.23 -3.84 -55.10
C GLY B 607 -22.94 -3.17 -55.52
N ASN B 608 -22.07 -3.90 -56.21
CA ASN B 608 -20.79 -3.38 -56.66
C ASN B 608 -20.82 -3.29 -58.18
N THR B 609 -20.90 -2.06 -58.70
CA THR B 609 -20.95 -1.87 -60.15
C THR B 609 -19.69 -2.39 -60.83
N ASN B 610 -18.58 -2.46 -60.10
CA ASN B 610 -17.35 -3.05 -60.57
C ASN B 610 -17.09 -4.35 -59.83
N THR B 611 -15.98 -5.01 -60.18
CA THR B 611 -15.54 -6.19 -59.47
C THR B 611 -14.38 -5.89 -58.52
N LYS B 612 -14.01 -4.62 -58.37
CA LYS B 612 -12.91 -4.24 -57.50
C LYS B 612 -13.19 -2.98 -56.67
N GLY B 613 -14.40 -2.44 -56.69
CA GLY B 613 -14.68 -1.21 -55.96
C GLY B 613 -15.64 -1.39 -54.80
N HIS B 614 -15.17 -1.08 -53.59
CA HIS B 614 -16.00 -1.24 -52.40
C HIS B 614 -17.14 -0.23 -52.43
N VAL B 615 -18.36 -0.71 -52.27
CA VAL B 615 -19.56 0.12 -52.35
C VAL B 615 -20.18 0.17 -50.96
N LYS B 616 -20.06 1.32 -50.30
CA LYS B 616 -20.59 1.48 -48.95
C LYS B 616 -22.10 1.57 -48.97
N ASN B 617 -22.74 0.86 -48.04
CA ASN B 617 -24.18 0.94 -47.83
C ASN B 617 -24.44 0.98 -46.33
N PHE B 618 -25.18 1.98 -45.88
CA PHE B 618 -25.43 2.18 -44.46
C PHE B 618 -26.79 1.63 -44.06
N PHE B 619 -26.99 1.53 -42.74
CA PHE B 619 -28.21 0.99 -42.14
C PHE B 619 -28.79 2.03 -41.20
N ASN B 620 -29.67 2.89 -41.72
CA ASN B 620 -30.37 3.83 -40.84
C ASN B 620 -31.19 3.11 -39.78
N PRO B 621 -32.01 2.11 -40.10
CA PRO B 621 -32.50 1.21 -39.05
C PRO B 621 -31.48 0.14 -38.76
N PRO B 622 -30.87 0.13 -37.57
CA PRO B 622 -29.79 -0.81 -37.28
C PRO B 622 -30.28 -2.25 -37.37
N ILE B 623 -29.66 -3.02 -38.26
CA ILE B 623 -30.08 -4.40 -38.45
C ILE B 623 -29.85 -5.19 -37.17
N ILE B 624 -30.92 -5.74 -36.62
CA ILE B 624 -30.83 -6.59 -35.43
C ILE B 624 -31.54 -7.90 -35.74
N SER B 625 -30.76 -8.94 -35.99
CA SER B 625 -31.25 -10.24 -36.44
C SER B 625 -30.08 -11.19 -36.51
N ARG B 626 -30.39 -12.48 -36.65
CA ARG B 626 -29.36 -13.49 -36.87
C ARG B 626 -29.50 -14.20 -38.21
N PHE B 627 -30.72 -14.54 -38.62
CA PHE B 627 -30.97 -15.11 -39.94
C PHE B 627 -31.23 -13.96 -40.91
N ILE B 628 -30.31 -13.76 -41.84
CA ILE B 628 -30.38 -12.63 -42.77
C ILE B 628 -30.21 -13.16 -44.19
N ARG B 629 -31.28 -13.13 -44.97
CA ARG B 629 -31.24 -13.57 -46.36
C ARG B 629 -30.83 -12.38 -47.23
N VAL B 630 -29.65 -12.46 -47.82
CA VAL B 630 -29.14 -11.42 -48.71
C VAL B 630 -29.38 -11.90 -50.13
N ILE B 631 -30.29 -11.24 -50.84
CA ILE B 631 -30.70 -11.65 -52.17
C ILE B 631 -29.99 -10.76 -53.18
N PRO B 632 -29.07 -11.28 -54.00
CA PRO B 632 -28.46 -10.47 -55.05
C PRO B 632 -29.46 -10.13 -56.14
N LYS B 633 -30.28 -9.10 -55.88
CA LYS B 633 -31.42 -8.82 -56.73
C LYS B 633 -31.00 -8.53 -58.17
N THR B 634 -30.02 -7.65 -58.35
CA THR B 634 -29.62 -7.21 -59.68
C THR B 634 -28.15 -7.56 -59.92
N TRP B 635 -27.89 -8.09 -61.11
CA TRP B 635 -26.54 -8.46 -61.53
C TRP B 635 -26.39 -8.18 -63.01
N ASN B 636 -25.28 -7.53 -63.38
CA ASN B 636 -24.97 -7.32 -64.78
C ASN B 636 -24.43 -8.61 -65.40
N GLN B 637 -23.30 -9.08 -64.90
CA GLN B 637 -22.80 -10.41 -65.20
C GLN B 637 -23.08 -11.32 -64.01
N SER B 638 -22.53 -12.54 -64.04
CA SER B 638 -22.81 -13.53 -63.01
C SER B 638 -22.53 -12.99 -61.62
N ILE B 639 -23.25 -13.51 -60.62
CA ILE B 639 -23.16 -12.98 -59.26
C ILE B 639 -21.74 -13.13 -58.73
N ALA B 640 -21.19 -12.04 -58.21
CA ALA B 640 -19.91 -12.02 -57.51
C ALA B 640 -20.06 -11.16 -56.26
N LEU B 641 -19.22 -11.42 -55.27
CA LEU B 641 -19.36 -10.73 -54.00
C LEU B 641 -18.06 -10.84 -53.21
N ARG B 642 -17.50 -9.70 -52.83
CA ARG B 642 -16.36 -9.61 -51.91
C ARG B 642 -16.71 -8.44 -50.98
N LEU B 643 -17.28 -8.76 -49.83
CA LEU B 643 -17.97 -7.77 -49.01
C LEU B 643 -17.31 -7.64 -47.64
N GLU B 644 -17.79 -6.65 -46.89
CA GLU B 644 -17.45 -6.51 -45.48
C GLU B 644 -18.53 -5.67 -44.80
N LEU B 645 -19.05 -6.17 -43.70
CA LEU B 645 -20.09 -5.48 -42.95
C LEU B 645 -19.46 -4.70 -41.79
N PHE B 646 -20.25 -3.77 -41.25
CA PHE B 646 -19.82 -2.94 -40.13
C PHE B 646 -20.94 -2.84 -39.11
N GLY B 647 -20.55 -2.59 -37.87
CA GLY B 647 -21.44 -2.59 -36.75
C GLY B 647 -20.77 -3.25 -35.57
N CYS B 648 -21.58 -3.75 -34.64
CA CYS B 648 -21.08 -4.46 -33.49
C CYS B 648 -22.14 -5.46 -33.03
N ASP B 649 -21.89 -6.12 -31.91
CA ASP B 649 -22.87 -6.97 -31.29
C ASP B 649 -23.75 -6.14 -30.37
N ILE B 650 -25.02 -6.53 -30.25
CA ILE B 650 -25.98 -5.75 -29.47
C ILE B 650 -25.55 -5.70 -28.02
N TYR B 651 -25.12 -6.83 -27.46
CA TYR B 651 -24.70 -6.88 -26.07
C TYR B 651 -23.28 -6.34 -25.90
N ALA C 1 20.23 14.94 -56.99
CA ALA C 1 20.95 14.87 -58.25
C ALA C 1 20.29 15.74 -59.31
N ASN C 2 20.53 17.05 -59.23
CA ASN C 2 20.01 17.96 -60.25
C ASN C 2 20.54 17.61 -61.62
N SER C 3 21.87 17.49 -61.73
CA SER C 3 22.50 16.91 -62.89
C SER C 3 23.03 15.53 -62.54
N PHE C 4 22.86 14.57 -63.45
CA PHE C 4 23.26 13.20 -63.14
C PHE C 4 24.77 13.04 -63.04
N LEU C 5 25.54 14.04 -63.45
CA LEU C 5 27.00 13.99 -63.37
C LEU C 5 27.54 14.59 -62.08
N GLU C 6 26.68 14.88 -61.11
CA GLU C 6 27.17 15.37 -59.82
C GLU C 6 28.01 14.32 -59.11
N GLU C 7 27.47 13.11 -58.98
CA GLU C 7 28.15 12.03 -58.25
C GLU C 7 28.94 11.11 -59.18
N MET C 8 29.81 11.68 -60.01
CA MET C 8 30.66 10.83 -60.84
C MET C 8 32.12 11.18 -60.63
N LYS C 9 32.43 12.47 -60.44
CA LYS C 9 33.75 12.84 -59.93
C LYS C 9 33.81 12.64 -58.42
N LYS C 10 33.00 13.40 -57.69
CA LYS C 10 32.86 13.35 -56.24
C LYS C 10 31.81 14.39 -55.87
N GLY C 11 31.44 14.41 -54.60
CA GLY C 11 30.59 15.48 -54.11
C GLY C 11 31.31 16.80 -54.16
N HIS C 12 30.93 17.66 -55.10
CA HIS C 12 31.59 18.94 -55.31
C HIS C 12 30.77 20.04 -54.66
N LEU C 13 31.43 20.88 -53.87
CA LEU C 13 30.71 21.93 -53.15
C LEU C 13 29.99 22.87 -54.11
N GLU C 14 30.68 23.32 -55.15
CA GLU C 14 30.05 24.22 -56.11
C GLU C 14 29.02 23.48 -56.96
N ARG C 15 29.46 22.44 -57.67
CA ARG C 15 28.60 21.77 -58.65
C ARG C 15 27.33 21.22 -58.03
N GLU C 16 27.36 20.88 -56.74
CA GLU C 16 26.20 20.30 -56.08
C GLU C 16 25.46 21.28 -55.19
N CYS C 17 26.18 22.05 -54.36
CA CYS C 17 25.53 22.92 -53.39
C CYS C 17 25.36 24.35 -53.89
N MET C 18 26.31 24.87 -54.68
CA MET C 18 26.27 26.27 -55.10
C MET C 18 25.68 26.44 -56.49
N GLU C 19 26.26 25.79 -57.50
CA GLU C 19 25.70 25.86 -58.84
C GLU C 19 24.36 25.14 -58.94
N GLU C 20 24.11 24.15 -58.07
CA GLU C 20 22.89 23.38 -58.08
C GLU C 20 22.44 23.21 -56.63
N THR C 21 21.46 22.35 -56.39
CA THR C 21 20.89 22.14 -55.06
C THR C 21 21.28 20.75 -54.58
N CYS C 22 22.30 20.69 -53.72
CA CYS C 22 22.79 19.41 -53.21
C CYS C 22 21.78 18.80 -52.25
N SER C 23 21.27 17.62 -52.58
CA SER C 23 20.53 16.83 -51.62
C SER C 23 21.44 16.46 -50.45
N TYR C 24 20.82 16.18 -49.31
CA TYR C 24 21.63 15.93 -48.11
C TYR C 24 22.52 14.71 -48.29
N GLU C 25 22.11 13.75 -49.12
CA GLU C 25 23.04 12.68 -49.50
C GLU C 25 24.19 13.24 -50.34
N GLU C 26 23.89 14.10 -51.30
CA GLU C 26 24.95 14.72 -52.09
C GLU C 26 25.65 15.82 -51.30
N ALA C 27 24.95 16.46 -50.36
CA ALA C 27 25.65 17.34 -49.43
C ALA C 27 26.67 16.56 -48.61
N ARG C 28 26.31 15.34 -48.19
CA ARG C 28 27.29 14.45 -47.56
C ARG C 28 28.43 14.15 -48.51
N GLU C 29 28.11 13.76 -49.75
CA GLU C 29 29.17 13.49 -50.73
C GLU C 29 30.13 14.68 -50.84
N VAL C 30 29.60 15.90 -50.72
CA VAL C 30 30.44 17.08 -50.67
C VAL C 30 31.29 17.08 -49.41
N PHE C 31 30.68 16.79 -48.27
CA PHE C 31 31.34 16.90 -46.97
C PHE C 31 31.70 15.55 -46.35
N GLU C 32 30.75 14.60 -46.32
CA GLU C 32 30.91 13.31 -45.64
C GLU C 32 31.28 13.50 -44.17
N ASP C 33 30.61 14.45 -43.52
CA ASP C 33 30.77 14.69 -42.09
C ASP C 33 29.51 15.39 -41.62
N SER C 34 28.77 14.73 -40.72
CA SER C 34 27.42 15.20 -40.38
C SER C 34 27.43 16.56 -39.70
N ASP C 35 28.38 16.79 -38.79
CA ASP C 35 28.37 18.03 -38.02
C ASP C 35 28.61 19.25 -38.92
N LYS C 36 29.65 19.19 -39.77
CA LYS C 36 29.92 20.31 -40.65
C LYS C 36 28.83 20.48 -41.70
N THR C 37 28.25 19.36 -42.16
CA THR C 37 27.12 19.46 -43.09
C THR C 37 25.94 20.17 -42.45
N ASN C 38 25.64 19.85 -41.19
CA ASN C 38 24.54 20.53 -40.51
C ASN C 38 24.86 22.00 -40.25
N GLU C 39 26.09 22.31 -39.88
CA GLU C 39 26.47 23.71 -39.66
C GLU C 39 26.37 24.52 -40.95
N PHE C 40 26.79 23.92 -42.07
CA PHE C 40 26.56 24.54 -43.38
C PHE C 40 25.07 24.70 -43.64
N TRP C 41 24.29 23.67 -43.33
CA TRP C 41 22.86 23.66 -43.61
C TRP C 41 22.14 24.79 -42.87
N ASN C 42 22.60 25.09 -41.65
CA ASN C 42 21.91 26.05 -40.78
C ASN C 42 21.74 27.40 -41.47
N LYS C 43 22.72 27.82 -42.26
CA LYS C 43 22.62 29.04 -43.03
C LYS C 43 22.45 28.79 -44.53
N TYR C 44 22.62 27.54 -44.97
CA TYR C 44 22.28 27.16 -46.32
C TYR C 44 20.77 27.14 -46.55
N LYS C 45 19.99 27.08 -45.48
CA LYS C 45 18.53 27.11 -45.58
C LYS C 45 17.91 28.40 -45.08
N ASP C 46 18.15 28.79 -43.82
CA ASP C 46 17.50 29.97 -43.27
C ASP C 46 18.50 30.93 -42.63
N GLY C 47 19.70 30.99 -43.18
CA GLY C 47 20.65 32.01 -42.78
C GLY C 47 21.12 31.87 -41.34
N ASP C 48 21.58 33.00 -40.80
CA ASP C 48 22.10 33.07 -39.44
C ASP C 48 21.10 33.75 -38.53
N GLN C 49 21.07 33.31 -37.28
CA GLN C 49 20.28 33.95 -36.23
C GLN C 49 21.13 34.47 -35.08
N CYS C 50 22.42 34.14 -35.06
CA CYS C 50 23.31 34.65 -34.03
C CYS C 50 23.71 36.10 -34.26
N GLU C 51 23.57 36.60 -35.50
CA GLU C 51 23.98 37.97 -35.80
C GLU C 51 23.14 38.98 -35.04
N THR C 52 21.89 38.63 -34.70
CA THR C 52 21.09 39.48 -33.84
C THR C 52 21.74 39.63 -32.46
N SER C 53 22.23 38.52 -31.91
CA SER C 53 22.96 38.45 -30.65
C SER C 53 22.27 39.22 -29.53
N PRO C 54 21.05 38.85 -29.14
CA PRO C 54 20.45 39.41 -27.93
C PRO C 54 20.93 38.78 -26.64
N CYS C 55 22.02 38.02 -26.70
CA CYS C 55 22.52 37.27 -25.55
C CYS C 55 23.21 38.20 -24.56
N GLN C 56 22.44 38.76 -23.63
CA GLN C 56 22.95 39.70 -22.67
C GLN C 56 23.97 39.02 -21.75
N ASN C 57 24.71 39.84 -21.01
CA ASN C 57 25.63 39.38 -19.98
C ASN C 57 26.64 38.38 -20.54
N GLN C 58 27.33 38.80 -21.61
CA GLN C 58 28.40 38.05 -22.27
C GLN C 58 28.01 36.61 -22.59
N GLY C 59 26.71 36.36 -22.69
CA GLY C 59 26.23 35.03 -23.04
C GLY C 59 26.71 34.58 -24.40
N LYS C 60 27.39 33.44 -24.45
CA LYS C 60 27.87 32.92 -25.72
C LYS C 60 26.71 32.47 -26.59
N CYS C 61 26.75 32.86 -27.87
CA CYS C 61 25.63 32.70 -28.78
C CYS C 61 25.95 31.60 -29.80
N LYS C 62 25.00 30.69 -30.00
CA LYS C 62 25.13 29.60 -30.95
C LYS C 62 23.97 29.67 -31.94
N ASP C 63 24.29 29.75 -33.23
CA ASP C 63 23.30 29.82 -34.28
C ASP C 63 22.95 28.43 -34.79
N GLY C 64 21.69 28.26 -35.19
CA GLY C 64 21.24 27.01 -35.78
C GLY C 64 20.30 27.24 -36.95
N LEU C 65 19.42 26.29 -37.20
CA LEU C 65 18.44 26.41 -38.28
C LEU C 65 17.31 27.31 -37.81
N GLY C 66 17.35 28.57 -38.20
CA GLY C 66 16.33 29.52 -37.80
C GLY C 66 16.29 29.80 -36.32
N GLU C 67 17.38 29.55 -35.60
CA GLU C 67 17.38 29.70 -34.15
C GLU C 67 18.75 30.15 -33.68
N TYR C 68 18.77 30.76 -32.51
CA TYR C 68 19.99 31.12 -31.80
C TYR C 68 19.90 30.57 -30.38
N THR C 69 21.05 30.50 -29.71
CA THR C 69 21.13 29.90 -28.37
C THR C 69 22.03 30.77 -27.51
N CYS C 70 21.44 31.44 -26.52
CA CYS C 70 22.20 32.22 -25.55
C CYS C 70 22.60 31.32 -24.40
N THR C 71 23.74 30.66 -24.55
CA THR C 71 24.28 29.80 -23.50
C THR C 71 24.91 30.69 -22.44
N CYS C 72 24.33 30.69 -21.24
CA CYS C 72 24.69 31.66 -20.22
C CYS C 72 25.82 31.14 -19.35
N LEU C 73 26.81 32.00 -19.10
CA LEU C 73 27.87 31.66 -18.16
C LEU C 73 27.34 31.68 -16.73
N GLU C 74 28.14 31.12 -15.82
CA GLU C 74 27.73 31.07 -14.42
C GLU C 74 27.55 32.47 -13.87
N GLY C 75 26.55 32.63 -13.01
CA GLY C 75 26.12 33.94 -12.57
C GLY C 75 25.13 34.60 -13.48
N PHE C 76 24.79 33.98 -14.62
CA PHE C 76 23.82 34.50 -15.55
C PHE C 76 22.95 33.37 -16.06
N GLU C 77 21.70 33.69 -16.37
CA GLU C 77 20.73 32.70 -16.84
C GLU C 77 19.55 33.44 -17.44
N GLY C 78 18.60 32.67 -17.97
CA GLY C 78 17.44 33.21 -18.65
C GLY C 78 17.50 32.92 -20.16
N LYS C 79 16.45 33.38 -20.84
CA LYS C 79 16.38 33.19 -22.29
C LYS C 79 17.52 33.89 -22.99
N ASN C 80 17.81 35.14 -22.60
CA ASN C 80 18.89 35.92 -23.18
C ASN C 80 19.99 36.20 -22.17
N CYS C 81 20.12 35.37 -21.14
CA CYS C 81 21.10 35.54 -20.07
C CYS C 81 20.93 36.90 -19.39
N GLU C 82 19.75 37.07 -18.78
CA GLU C 82 19.37 38.32 -18.14
C GLU C 82 19.18 38.19 -16.64
N LEU C 83 19.27 36.98 -16.09
CA LEU C 83 18.99 36.72 -14.69
C LEU C 83 20.25 36.22 -13.99
N PHE C 84 20.55 36.80 -12.83
CA PHE C 84 21.67 36.33 -12.03
C PHE C 84 21.35 34.96 -11.45
N THR C 85 22.36 34.10 -11.40
CA THR C 85 22.17 32.74 -10.89
C THR C 85 21.95 32.77 -9.39
N ARG C 86 20.82 32.21 -8.95
CA ARG C 86 20.45 32.20 -7.54
C ARG C 86 21.33 31.20 -6.80
N LYS C 87 22.05 31.67 -5.79
CA LYS C 87 22.92 30.82 -4.98
C LYS C 87 22.21 30.51 -3.67
N LEU C 88 21.93 29.23 -3.44
CA LEU C 88 21.32 28.77 -2.20
C LEU C 88 22.00 27.49 -1.75
N CYS C 89 22.24 27.39 -0.43
CA CYS C 89 22.84 26.18 0.10
C CYS C 89 21.92 24.96 -0.02
N SER C 90 20.64 25.19 -0.30
CA SER C 90 19.70 24.07 -0.44
C SER C 90 20.09 23.16 -1.60
N LEU C 91 20.48 23.74 -2.74
CA LEU C 91 20.82 22.96 -3.91
C LEU C 91 22.32 22.79 -4.02
N ASP C 92 22.76 21.53 -4.12
CA ASP C 92 24.17 21.18 -4.35
C ASP C 92 25.09 21.79 -3.30
N ASN C 93 24.59 21.91 -2.06
CA ASN C 93 25.34 22.53 -0.98
C ASN C 93 25.82 23.92 -1.38
N GLY C 94 24.95 24.66 -2.06
CA GLY C 94 25.34 25.97 -2.57
C GLY C 94 26.54 25.92 -3.49
N ASP C 95 26.74 24.81 -4.19
CA ASP C 95 27.90 24.54 -5.03
C ASP C 95 29.19 24.48 -4.23
N CYS C 96 29.12 24.55 -2.91
CA CYS C 96 30.30 24.44 -2.06
C CYS C 96 30.72 22.99 -1.95
N ASP C 97 32.04 22.76 -1.94
CA ASP C 97 32.55 21.39 -1.93
C ASP C 97 32.17 20.66 -0.65
N GLN C 98 32.32 21.32 0.51
CA GLN C 98 32.01 20.67 1.77
C GLN C 98 30.84 21.34 2.51
N PHE C 99 30.95 22.61 2.86
CA PHE C 99 29.96 23.24 3.74
C PHE C 99 29.46 24.54 3.12
N CYS C 100 28.17 24.81 3.36
CA CYS C 100 27.53 26.04 2.88
C CYS C 100 26.74 26.65 4.02
N HIS C 101 26.59 27.98 3.96
CA HIS C 101 25.83 28.71 4.97
C HIS C 101 25.43 30.06 4.38
N GLU C 102 24.12 30.30 4.26
CA GLU C 102 23.65 31.57 3.72
C GLU C 102 23.98 32.71 4.68
N GLU C 103 24.69 33.71 4.18
CA GLU C 103 24.90 34.97 4.89
C GLU C 103 24.43 36.09 3.98
N GLN C 104 23.60 36.98 4.53
CA GLN C 104 22.86 37.96 3.73
C GLN C 104 22.00 37.24 2.68
N ASN C 105 21.53 36.04 3.03
CA ASN C 105 20.77 35.19 2.12
C ASN C 105 21.56 34.93 0.83
N SER C 106 22.87 34.76 0.98
CA SER C 106 23.76 34.49 -0.15
C SER C 106 24.75 33.42 0.26
N VAL C 107 25.20 32.64 -0.73
CA VAL C 107 26.08 31.51 -0.47
C VAL C 107 27.49 31.99 -0.17
N VAL C 108 27.99 31.61 1.00
CA VAL C 108 29.42 31.66 1.33
C VAL C 108 29.77 30.31 1.95
N CYS C 109 30.92 29.76 1.57
CA CYS C 109 31.24 28.38 1.88
C CYS C 109 32.37 28.31 2.91
N SER C 110 32.61 27.08 3.39
CA SER C 110 33.64 26.80 4.35
C SER C 110 34.09 25.35 4.16
N CYS C 111 35.24 25.02 4.75
CA CYS C 111 35.83 23.70 4.57
C CYS C 111 36.29 23.16 5.92
N ALA C 112 36.37 21.83 6.00
CA ALA C 112 36.78 21.18 7.23
C ALA C 112 38.29 21.33 7.44
N ARG C 113 38.73 21.00 8.65
CA ARG C 113 40.14 21.07 8.97
C ARG C 113 40.89 19.99 8.19
N GLY C 114 42.11 20.34 7.75
CA GLY C 114 42.78 19.58 6.72
C GLY C 114 42.38 19.97 5.32
N TYR C 115 41.43 20.90 5.18
CA TYR C 115 41.02 21.44 3.90
C TYR C 115 40.95 22.95 4.01
N THR C 116 41.12 23.62 2.87
CA THR C 116 40.99 25.07 2.80
C THR C 116 40.11 25.45 1.62
N LEU C 117 39.37 26.54 1.79
CA LEU C 117 38.48 27.00 0.73
C LEU C 117 39.29 27.52 -0.45
N ALA C 118 38.94 27.07 -1.65
CA ALA C 118 39.64 27.50 -2.83
C ALA C 118 39.31 28.96 -3.14
N ASP C 119 40.08 29.54 -4.06
CA ASP C 119 39.88 30.95 -4.42
C ASP C 119 38.51 31.20 -5.05
N ASN C 120 37.87 30.15 -5.58
CA ASN C 120 36.50 30.31 -6.07
C ASN C 120 35.51 30.56 -4.94
N GLY C 121 35.91 30.34 -3.69
CA GLY C 121 35.05 30.51 -2.56
C GLY C 121 34.10 29.36 -2.30
N LYS C 122 34.16 28.29 -3.10
CA LYS C 122 33.28 27.14 -2.94
C LYS C 122 34.05 25.84 -2.78
N ALA C 123 35.13 25.66 -3.51
CA ALA C 123 35.86 24.39 -3.49
C ALA C 123 36.76 24.29 -2.26
N CYS C 124 37.02 23.05 -1.85
CA CYS C 124 37.86 22.76 -0.70
C CYS C 124 39.14 22.11 -1.17
N ILE C 125 40.28 22.65 -0.73
CA ILE C 125 41.60 22.15 -1.13
C ILE C 125 42.17 21.34 0.04
N PRO C 126 42.29 20.02 -0.07
CA PRO C 126 42.83 19.22 1.03
C PRO C 126 44.29 19.57 1.30
N THR C 127 44.58 19.97 2.53
CA THR C 127 45.92 20.33 2.95
C THR C 127 46.64 19.21 3.68
N GLY C 128 46.01 18.06 3.84
CA GLY C 128 46.61 16.95 4.55
C GLY C 128 46.62 15.67 3.75
N PRO C 129 47.64 14.83 3.96
CA PRO C 129 47.70 13.56 3.21
C PRO C 129 46.66 12.55 3.66
N TYR C 130 46.18 12.65 4.89
CA TYR C 130 45.17 11.72 5.42
C TYR C 130 44.07 12.54 6.07
N PRO C 131 43.30 13.28 5.26
CA PRO C 131 42.35 14.25 5.83
C PRO C 131 41.04 13.63 6.26
N CYS C 132 40.05 14.47 6.55
CA CYS C 132 38.77 14.01 7.06
C CYS C 132 37.93 13.37 5.96
N GLY C 133 37.41 12.18 6.24
CA GLY C 133 36.54 11.51 5.29
C GLY C 133 37.27 10.83 4.15
N LYS C 134 38.27 11.50 3.60
CA LYS C 134 39.00 10.99 2.44
C LYS C 134 39.71 9.68 2.77
N GLN C 135 39.26 8.60 2.13
CA GLN C 135 39.83 7.29 2.37
C GLN C 135 41.30 7.25 1.97
N THR C 136 42.11 6.63 2.82
CA THR C 136 43.55 6.51 2.57
C THR C 136 43.83 5.36 1.60
N LEU C 137 43.30 5.51 0.38
CA LEU C 137 43.45 4.49 -0.65
C LEU C 137 44.81 4.68 -1.35
N GLU C 138 45.86 4.38 -0.60
CA GLU C 138 47.21 4.43 -1.17
C GLU C 138 47.36 3.39 -2.28
N ARG C 139 46.79 2.21 -2.09
CA ARG C 139 46.81 1.19 -3.12
C ARG C 139 45.48 1.17 -3.88
N ILE D 1 28.39 -6.31 11.54
CA ILE D 1 28.09 -6.04 10.14
C ILE D 1 27.38 -7.23 9.52
N VAL D 2 26.05 -7.25 9.67
CA VAL D 2 25.25 -8.31 9.05
C VAL D 2 25.39 -8.22 7.54
N GLY D 3 25.80 -9.32 6.92
CA GLY D 3 26.12 -9.29 5.51
C GLY D 3 27.27 -8.33 5.25
N GLY D 4 27.13 -7.53 4.21
CA GLY D 4 28.15 -6.54 3.89
C GLY D 4 29.36 -7.13 3.21
N GLN D 5 30.41 -6.31 3.14
CA GLN D 5 31.66 -6.71 2.49
C GLN D 5 32.81 -5.95 3.12
N GLU D 6 34.02 -6.44 2.87
CA GLU D 6 35.21 -5.94 3.55
C GLU D 6 35.50 -4.49 3.18
N CYS D 7 35.94 -3.72 4.17
CA CYS D 7 36.56 -2.43 3.91
C CYS D 7 37.81 -2.64 3.07
N LYS D 8 37.88 -1.99 1.92
CA LYS D 8 39.12 -2.02 1.15
C LYS D 8 40.20 -1.27 1.91
N ASP D 9 41.45 -1.67 1.69
CA ASP D 9 42.56 -1.11 2.44
C ASP D 9 42.62 0.41 2.26
N GLY D 10 42.31 1.13 3.33
CA GLY D 10 42.21 2.57 3.29
C GLY D 10 40.81 3.12 3.22
N GLU D 11 39.83 2.29 2.86
CA GLU D 11 38.45 2.76 2.75
C GLU D 11 37.87 3.17 4.10
N CYS D 12 38.35 2.57 5.18
CA CYS D 12 37.83 2.83 6.52
C CYS D 12 39.00 3.17 7.46
N PRO D 13 39.62 4.33 7.26
CA PRO D 13 40.83 4.63 8.05
C PRO D 13 40.56 5.01 9.49
N TRP D 14 39.58 5.87 9.75
CA TRP D 14 39.22 6.20 11.13
C TRP D 14 38.75 4.98 11.90
N GLN D 15 38.20 3.98 11.21
CA GLN D 15 37.76 2.76 11.88
C GLN D 15 38.94 2.12 12.61
N ALA D 16 38.73 1.81 13.88
CA ALA D 16 39.76 1.25 14.73
C ALA D 16 39.24 -0.01 15.41
N LEU D 17 40.17 -0.86 15.83
CA LEU D 17 39.84 -2.09 16.54
C LEU D 17 40.32 -1.93 17.99
N LEU D 18 39.38 -1.71 18.89
CA LEU D 18 39.71 -1.56 20.30
C LEU D 18 40.12 -2.91 20.88
N ILE D 19 41.42 -3.19 20.90
CA ILE D 19 41.89 -4.49 21.38
C ILE D 19 41.96 -4.47 22.91
N ASN D 20 41.29 -5.44 23.52
CA ASN D 20 41.22 -5.56 24.96
C ASN D 20 42.40 -6.37 25.47
N GLU D 21 42.31 -6.84 26.73
CA GLU D 21 43.42 -7.58 27.35
C GLU D 21 43.86 -8.76 26.50
N GLU D 22 42.94 -9.43 25.82
CA GLU D 22 43.29 -10.52 24.91
C GLU D 22 43.54 -10.04 23.49
N ASN D 23 43.54 -8.73 23.26
CA ASN D 23 43.88 -8.12 21.97
C ASN D 23 42.91 -8.53 20.87
N GLU D 24 41.66 -8.79 21.24
CA GLU D 24 40.58 -9.00 20.29
C GLU D 24 39.53 -7.92 20.50
N GLY D 25 39.10 -7.29 19.42
CA GLY D 25 38.24 -6.13 19.52
C GLY D 25 36.92 -6.38 20.23
N PHE D 26 36.80 -5.86 21.45
CA PHE D 26 35.54 -5.90 22.18
C PHE D 26 34.58 -4.82 21.73
N CYS D 27 35.07 -3.86 20.93
CA CYS D 27 34.28 -2.72 20.51
C CYS D 27 34.79 -2.22 19.17
N GLY D 28 33.93 -1.49 18.46
CA GLY D 28 34.36 -0.79 17.27
C GLY D 28 34.97 0.55 17.64
N GLY D 29 36.13 0.84 17.04
CA GLY D 29 36.84 2.07 17.35
C GLY D 29 36.76 3.07 16.22
N THR D 30 36.98 4.34 16.54
CA THR D 30 36.91 5.41 15.56
C THR D 30 38.04 6.40 15.83
N ILE D 31 38.99 6.49 14.88
CA ILE D 31 40.09 7.42 15.02
C ILE D 31 39.55 8.85 14.93
N LEU D 32 39.93 9.69 15.89
CA LEU D 32 39.50 11.08 15.95
C LEU D 32 40.62 12.08 15.71
N SER D 33 41.79 11.84 16.28
CA SER D 33 42.93 12.72 16.08
C SER D 33 44.20 11.89 16.22
N GLU D 34 45.33 12.56 16.41
CA GLU D 34 46.59 11.89 16.70
C GLU D 34 46.60 11.26 18.08
N PHE D 35 45.61 11.55 18.93
CA PHE D 35 45.61 11.02 20.29
C PHE D 35 44.22 10.57 20.76
N TYR D 36 43.22 10.50 19.88
CA TYR D 36 41.85 10.28 20.32
C TYR D 36 41.18 9.17 19.54
N ILE D 37 40.34 8.39 20.24
CA ILE D 37 39.55 7.33 19.65
C ILE D 37 38.12 7.48 20.15
N LEU D 38 37.15 7.18 19.29
CA LEU D 38 35.74 7.29 19.62
C LEU D 38 35.12 5.91 19.79
N THR D 39 34.32 5.77 20.85
CA THR D 39 33.50 4.58 21.06
C THR D 39 32.28 5.00 21.86
N ALA D 40 31.25 4.16 21.79
CA ALA D 40 30.06 4.39 22.62
C ALA D 40 30.39 4.16 24.09
N ALA D 41 29.78 4.98 24.95
CA ALA D 41 30.07 4.89 26.38
C ALA D 41 29.61 3.58 27.00
N HIS D 42 28.89 2.75 26.25
CA HIS D 42 28.60 1.39 26.73
C HIS D 42 29.86 0.55 26.78
N CYS D 43 30.87 0.89 25.98
CA CYS D 43 32.12 0.14 25.95
C CYS D 43 32.88 0.24 27.26
N LEU D 44 32.51 1.19 28.12
CA LEU D 44 33.22 1.37 29.39
C LEU D 44 32.86 0.29 30.39
N TYR D 45 31.69 -0.32 30.24
CA TYR D 45 31.30 -1.43 31.11
C TYR D 45 31.88 -2.77 30.66
N GLN D 46 32.61 -2.79 29.54
CA GLN D 46 33.24 -4.01 29.02
C GLN D 46 34.73 -3.73 28.82
N ALA D 47 35.50 -3.82 29.90
CA ALA D 47 36.94 -3.63 29.82
C ALA D 47 37.66 -4.07 31.09
N LYS D 48 38.68 -4.92 30.93
CA LYS D 48 39.64 -5.17 31.99
C LYS D 48 40.88 -4.31 31.77
N ARG D 49 41.54 -4.50 30.64
CA ARG D 49 42.50 -3.55 30.10
C ARG D 49 42.37 -3.59 28.59
N PHE D 50 42.65 -2.47 27.93
CA PHE D 50 42.34 -2.38 26.51
C PHE D 50 43.29 -1.41 25.83
N LYS D 51 43.51 -1.64 24.54
CA LYS D 51 44.34 -0.81 23.69
C LYS D 51 43.61 -0.59 22.38
N VAL D 52 44.26 0.13 21.46
CA VAL D 52 43.67 0.47 20.17
C VAL D 52 44.67 0.04 19.11
N ARG D 53 44.36 -1.06 18.40
CA ARG D 53 45.21 -1.54 17.31
C ARG D 53 44.71 -0.94 16.00
N VAL D 54 45.12 0.30 15.76
CA VAL D 54 44.69 1.01 14.56
C VAL D 54 45.28 0.35 13.33
N GLY D 55 44.55 0.42 12.21
CA GLY D 55 45.01 -0.14 10.96
C GLY D 55 44.78 -1.62 10.79
N ASP D 56 44.09 -2.27 11.72
CA ASP D 56 43.84 -3.70 11.61
C ASP D 56 42.82 -3.97 10.51
N ARG D 57 43.10 -4.99 9.69
CA ARG D 57 42.23 -5.36 8.59
C ARG D 57 41.70 -6.78 8.68
N ASN D 58 42.27 -7.62 9.56
CA ASN D 58 41.82 -9.00 9.69
C ASN D 58 42.06 -9.45 11.12
N THR D 59 41.01 -9.93 11.78
CA THR D 59 41.17 -10.48 13.12
C THR D 59 41.92 -11.80 13.11
N GLU D 60 41.93 -12.51 11.98
CA GLU D 60 42.68 -13.76 11.90
C GLU D 60 44.17 -13.52 12.05
N GLN D 61 44.71 -12.53 11.33
CA GLN D 61 46.15 -12.33 11.31
C GLN D 61 46.47 -10.88 11.03
N GLU D 62 47.67 -10.47 11.42
CA GLU D 62 48.16 -9.13 11.15
C GLU D 62 48.54 -9.01 9.68
N GLU D 63 47.86 -8.13 8.96
CA GLU D 63 48.07 -7.97 7.52
C GLU D 63 48.30 -6.50 7.15
N GLY D 64 49.16 -5.82 7.92
CA GLY D 64 49.63 -4.52 7.53
C GLY D 64 48.96 -3.34 8.21
N GLY D 65 49.77 -2.39 8.69
CA GLY D 65 49.27 -1.18 9.28
C GLY D 65 48.78 -1.29 10.71
N GLU D 66 48.98 -2.43 11.37
CA GLU D 66 48.52 -2.62 12.73
C GLU D 66 49.49 -1.97 13.71
N ALA D 67 49.10 -0.82 14.26
CA ALA D 67 49.86 -0.16 15.31
C ALA D 67 49.02 -0.14 16.58
N VAL D 68 49.60 -0.63 17.67
CA VAL D 68 48.91 -0.73 18.95
C VAL D 68 48.97 0.62 19.65
N HIS D 69 47.82 1.12 20.08
CA HIS D 69 47.72 2.40 20.77
C HIS D 69 46.93 2.21 22.06
N GLU D 70 47.33 2.93 23.10
CA GLU D 70 46.80 2.74 24.45
C GLU D 70 46.00 3.96 24.87
N VAL D 71 44.79 3.71 25.37
CA VAL D 71 43.89 4.79 25.76
C VAL D 71 44.42 5.48 27.02
N GLU D 72 44.70 6.78 26.90
CA GLU D 72 45.14 7.55 28.06
C GLU D 72 44.04 7.65 29.10
N VAL D 73 42.86 8.09 28.69
CA VAL D 73 41.73 8.29 29.60
C VAL D 73 40.47 8.38 28.76
N VAL D 74 39.33 8.09 29.37
CA VAL D 74 38.05 8.07 28.67
C VAL D 74 37.26 9.31 29.07
N ILE D 75 36.71 10.01 28.08
CA ILE D 75 35.82 11.13 28.33
C ILE D 75 34.40 10.58 28.28
N LYS D 76 33.91 10.15 29.45
CA LYS D 76 32.54 9.68 29.55
C LYS D 76 31.60 10.86 29.83
N HIS D 77 30.46 10.86 29.15
CA HIS D 77 29.46 11.89 29.39
C HIS D 77 28.97 11.81 30.83
N ASN D 78 28.86 12.98 31.47
CA ASN D 78 28.38 13.01 32.85
C ASN D 78 26.87 12.78 32.92
N ARG D 79 26.13 13.14 31.87
CA ARG D 79 24.73 12.80 31.75
C ARG D 79 24.51 11.44 31.10
N PHE D 80 25.58 10.73 30.75
CA PHE D 80 25.46 9.43 30.09
C PHE D 80 24.75 8.46 31.04
N THR D 81 23.51 8.12 30.70
CA THR D 81 22.73 7.15 31.43
C THR D 81 22.26 6.08 30.46
N LYS D 82 22.37 4.82 30.86
CA LYS D 82 21.92 3.74 29.99
C LYS D 82 20.43 3.82 29.72
N GLU D 83 19.64 4.20 30.74
CA GLU D 83 18.19 4.24 30.59
C GLU D 83 17.75 5.26 29.57
N THR D 84 18.42 6.42 29.52
CA THR D 84 18.10 7.42 28.53
C THR D 84 18.37 6.96 27.10
N TYR D 85 19.14 5.87 26.95
CA TYR D 85 19.65 5.42 25.66
C TYR D 85 20.53 6.49 25.03
N ASP D 86 20.85 7.53 25.79
CA ASP D 86 21.43 8.76 25.27
C ASP D 86 22.81 8.95 25.84
N PHE D 87 23.59 9.78 25.15
CA PHE D 87 24.98 10.10 25.51
C PHE D 87 25.85 8.85 25.56
N ASP D 88 25.45 7.79 24.85
CA ASP D 88 26.23 6.55 24.78
C ASP D 88 27.42 6.82 23.87
N ILE D 89 28.37 7.59 24.40
CA ILE D 89 29.54 8.05 23.65
C ILE D 89 30.69 8.25 24.63
N ALA D 90 31.85 7.68 24.28
CA ALA D 90 33.02 7.73 25.15
C ALA D 90 34.23 8.09 24.30
N VAL D 91 34.71 9.32 24.42
CA VAL D 91 35.91 9.75 23.73
C VAL D 91 37.12 9.18 24.45
N LEU D 92 38.01 8.54 23.70
CA LEU D 92 39.16 7.82 24.27
C LEU D 92 40.43 8.58 23.91
N ARG D 93 40.90 9.41 24.84
CA ARG D 93 42.23 9.99 24.72
C ARG D 93 43.27 8.88 24.81
N LEU D 94 44.28 8.95 23.94
CA LEU D 94 45.28 7.89 23.84
C LEU D 94 46.61 8.31 24.44
N LYS D 95 47.27 7.36 25.10
CA LYS D 95 48.67 7.57 25.48
C LYS D 95 49.58 7.48 24.26
N THR D 96 49.34 6.51 23.38
CA THR D 96 50.15 6.34 22.20
C THR D 96 49.67 7.28 21.09
N PRO D 97 50.55 8.08 20.50
CA PRO D 97 50.12 8.97 19.43
C PRO D 97 49.69 8.21 18.19
N ILE D 98 48.51 8.55 17.67
CA ILE D 98 48.02 7.96 16.44
C ILE D 98 48.84 8.48 15.27
N THR D 99 49.39 7.55 14.47
CA THR D 99 50.23 7.89 13.34
C THR D 99 49.37 7.85 12.07
N PHE D 100 49.03 9.02 11.56
CA PHE D 100 48.19 9.11 10.36
C PHE D 100 48.96 8.54 9.17
N ARG D 101 48.47 7.41 8.67
CA ARG D 101 49.13 6.68 7.59
C ARG D 101 48.05 5.98 6.78
N MET D 102 48.43 4.98 6.00
CA MET D 102 47.44 4.12 5.37
C MET D 102 46.49 3.54 6.40
N ASN D 103 45.20 3.53 6.06
CA ASN D 103 44.12 3.11 6.96
C ASN D 103 44.12 3.88 8.28
N VAL D 104 44.72 5.06 8.31
CA VAL D 104 44.69 5.93 9.49
C VAL D 104 44.39 7.35 9.06
N ALA D 105 43.11 7.75 9.17
CA ALA D 105 42.66 9.11 8.91
C ALA D 105 41.33 9.31 9.58
N PRO D 106 41.17 10.32 10.43
CA PRO D 106 39.99 10.43 11.27
C PRO D 106 38.82 11.08 10.52
N ALA D 107 37.72 11.24 11.25
CA ALA D 107 36.53 11.93 10.76
C ALA D 107 36.27 13.11 11.67
N CYS D 108 36.37 14.31 11.11
CA CYS D 108 36.25 15.54 11.90
C CYS D 108 34.90 16.20 11.66
N LEU D 109 34.59 17.15 12.52
CA LEU D 109 33.26 17.72 12.65
C LEU D 109 33.00 18.77 11.56
N PRO D 110 31.88 18.69 10.86
CA PRO D 110 31.49 19.75 9.94
C PRO D 110 30.81 20.88 10.71
N GLU D 111 30.32 21.87 9.95
CA GLU D 111 29.51 22.93 10.54
C GLU D 111 28.27 22.33 11.17
N ARG D 112 27.98 22.75 12.41
CA ARG D 112 26.83 22.19 13.12
C ARG D 112 25.54 22.46 12.37
N ASP D 113 25.35 23.70 11.91
CA ASP D 113 24.15 24.02 11.13
C ASP D 113 24.13 23.23 9.83
N TRP D 114 25.26 23.20 9.12
CA TRP D 114 25.33 22.44 7.88
C TRP D 114 25.18 20.94 8.14
N ALA D 115 25.75 20.45 9.23
CA ALA D 115 25.61 19.03 9.55
C ALA D 115 24.16 18.67 9.80
N GLU D 116 23.45 19.49 10.59
CA GLU D 116 22.04 19.23 10.83
C GLU D 116 21.23 19.33 9.54
N SER D 117 21.56 20.29 8.69
CA SER D 117 20.81 20.48 7.45
C SER D 117 21.18 19.47 6.36
N THR D 118 22.30 18.77 6.50
CA THR D 118 22.77 17.90 5.42
C THR D 118 23.01 16.47 5.85
N LEU D 119 23.62 16.23 7.02
CA LEU D 119 24.03 14.88 7.38
C LEU D 119 22.83 13.99 7.67
N MET D 120 22.02 14.36 8.66
CA MET D 120 20.85 13.57 9.01
C MET D 120 19.77 13.64 7.95
N THR D 121 19.89 14.55 6.98
CA THR D 121 18.96 14.66 5.87
C THR D 121 19.39 13.84 4.66
N GLN D 122 20.46 13.05 4.78
CA GLN D 122 20.90 12.20 3.68
C GLN D 122 19.94 11.03 3.51
N LYS D 123 20.30 10.14 2.57
CA LYS D 123 19.47 8.99 2.23
C LYS D 123 19.93 7.71 2.90
N THR D 124 21.22 7.39 2.78
CA THR D 124 21.78 6.17 3.36
C THR D 124 23.01 6.51 4.19
N GLY D 125 23.49 5.52 4.94
CA GLY D 125 24.69 5.69 5.74
C GLY D 125 25.48 4.40 5.76
N ILE D 126 26.80 4.53 5.89
CA ILE D 126 27.72 3.41 5.76
C ILE D 126 28.27 3.06 7.13
N VAL D 127 28.15 1.78 7.51
CA VAL D 127 28.63 1.27 8.78
C VAL D 127 29.71 0.23 8.52
N SER D 128 30.77 0.28 9.32
CA SER D 128 31.90 -0.63 9.16
C SER D 128 32.29 -1.19 10.53
N GLY D 129 33.13 -2.21 10.51
CA GLY D 129 33.66 -2.81 11.72
C GLY D 129 33.77 -4.32 11.58
N PHE D 130 34.60 -4.91 12.45
CA PHE D 130 34.70 -6.37 12.58
C PHE D 130 33.47 -6.85 13.34
N GLY D 131 32.31 -6.80 12.67
CA GLY D 131 31.05 -7.15 13.28
C GLY D 131 30.60 -8.55 12.90
N ARG D 132 29.50 -8.97 13.54
CA ARG D 132 28.92 -10.27 13.23
C ARG D 132 28.41 -10.28 11.79
N THR D 133 28.97 -11.17 10.96
CA THR D 133 28.67 -11.18 9.54
C THR D 133 27.19 -11.38 9.25
N HIS D 134 26.45 -11.95 10.18
CA HIS D 134 25.00 -12.06 10.03
C HIS D 134 24.32 -11.51 11.28
N GLU D 135 22.99 -11.69 11.38
CA GLU D 135 22.29 -11.27 12.58
C GLU D 135 22.90 -11.94 13.81
N LYS D 136 23.28 -13.22 13.68
CA LYS D 136 24.08 -13.90 14.68
C LYS D 136 25.31 -14.56 14.08
N GLY D 137 25.59 -14.38 12.80
CA GLY D 137 26.74 -14.99 12.17
C GLY D 137 28.04 -14.61 12.86
N ARG D 138 29.08 -15.36 12.52
CA ARG D 138 30.37 -15.17 13.18
C ARG D 138 30.91 -13.77 12.92
N GLN D 139 31.71 -13.27 13.85
CA GLN D 139 32.32 -11.96 13.73
C GLN D 139 33.14 -11.88 12.44
N SER D 140 33.01 -10.76 11.74
CA SER D 140 33.73 -10.55 10.49
C SER D 140 35.22 -10.65 10.71
N THR D 141 35.84 -11.68 10.12
CA THR D 141 37.28 -11.82 10.22
C THR D 141 37.99 -10.62 9.59
N ARG D 142 37.57 -10.24 8.39
CA ARG D 142 38.08 -9.04 7.75
C ARG D 142 37.30 -7.82 8.24
N LEU D 143 37.86 -6.65 7.98
CA LEU D 143 37.19 -5.40 8.34
C LEU D 143 36.08 -5.15 7.32
N LYS D 144 34.85 -5.51 7.68
CA LYS D 144 33.73 -5.49 6.75
C LYS D 144 32.89 -4.24 6.94
N MET D 145 32.50 -3.62 5.83
CA MET D 145 31.67 -2.42 5.82
C MET D 145 30.29 -2.74 5.26
N LEU D 146 29.37 -1.81 5.48
CA LEU D 146 27.98 -1.97 5.04
C LEU D 146 27.31 -0.61 5.01
N GLU D 147 26.33 -0.46 4.12
CA GLU D 147 25.56 0.76 4.00
C GLU D 147 24.11 0.52 4.39
N VAL D 148 23.55 1.44 5.17
CA VAL D 148 22.16 1.34 5.62
C VAL D 148 21.45 2.66 5.37
N PRO D 149 20.16 2.66 5.06
CA PRO D 149 19.45 3.90 4.78
C PRO D 149 18.78 4.48 6.03
N TYR D 150 18.36 5.74 5.89
CA TYR D 150 17.68 6.45 6.97
C TYR D 150 16.26 5.94 7.15
N VAL D 151 15.72 6.14 8.35
CA VAL D 151 14.37 5.71 8.71
C VAL D 151 13.63 6.90 9.31
N ASP D 152 12.35 7.05 8.94
CA ASP D 152 11.55 8.16 9.45
C ASP D 152 11.34 8.02 10.95
N ARG D 153 11.12 9.17 11.60
CA ARG D 153 10.99 9.20 13.06
C ARG D 153 9.84 8.31 13.53
N ASN D 154 8.66 8.46 12.92
CA ASN D 154 7.49 7.69 13.34
C ASN D 154 7.72 6.20 13.13
N SER D 155 8.39 5.83 12.02
CA SER D 155 8.70 4.43 11.78
C SER D 155 9.59 3.85 12.87
N CYS D 156 10.60 4.62 13.30
CA CYS D 156 11.45 4.17 14.39
C CYS D 156 10.67 4.08 15.71
N LYS D 157 9.76 5.02 15.96
CA LYS D 157 8.98 5.00 17.19
C LYS D 157 8.08 3.78 17.24
N LEU D 158 7.38 3.47 16.15
CA LEU D 158 6.53 2.29 16.13
C LEU D 158 7.36 1.00 16.10
N SER D 159 8.55 1.06 15.51
CA SER D 159 9.42 -0.11 15.44
C SER D 159 10.18 -0.37 16.73
N SER D 160 10.10 0.52 17.71
CA SER D 160 10.78 0.36 18.98
C SER D 160 9.76 0.30 20.11
N SER D 161 9.93 -0.70 20.99
CA SER D 161 9.13 -0.76 22.21
C SER D 161 9.50 0.31 23.21
N PHE D 162 10.59 1.04 22.98
CA PHE D 162 11.09 2.04 23.91
C PHE D 162 11.01 3.43 23.29
N ILE D 163 11.57 4.40 24.01
CA ILE D 163 11.59 5.79 23.56
C ILE D 163 12.54 5.94 22.38
N ILE D 164 12.14 6.78 21.42
CA ILE D 164 13.00 7.23 20.34
C ILE D 164 13.20 8.73 20.55
N THR D 165 14.28 9.08 21.23
CA THR D 165 14.44 10.43 21.75
C THR D 165 14.66 11.44 20.62
N GLN D 166 14.84 12.70 21.02
CA GLN D 166 15.05 13.78 20.06
C GLN D 166 16.31 13.56 19.23
N ASN D 167 17.23 12.71 19.69
CA ASN D 167 18.46 12.43 18.97
C ASN D 167 18.44 11.10 18.24
N MET D 168 18.10 10.01 18.93
CA MET D 168 18.23 8.68 18.35
C MET D 168 17.32 8.49 17.16
N PHE D 169 17.87 7.90 16.11
CA PHE D 169 17.18 7.69 14.85
C PHE D 169 17.49 6.30 14.34
N CYS D 170 16.48 5.65 13.77
CA CYS D 170 16.65 4.32 13.22
C CYS D 170 17.31 4.41 11.85
N ALA D 171 18.07 3.36 11.51
CA ALA D 171 18.69 3.26 10.20
C ALA D 171 18.97 1.79 9.92
N GLY D 172 18.47 1.31 8.79
CA GLY D 172 18.62 -0.09 8.42
C GLY D 172 17.52 -0.49 7.45
N TYR D 173 17.17 -1.77 7.49
CA TYR D 173 16.14 -2.32 6.62
C TYR D 173 15.02 -2.93 7.46
N ASP D 174 13.80 -2.86 6.92
CA ASP D 174 12.62 -3.34 7.64
C ASP D 174 12.74 -4.81 7.97
N THR D 175 13.03 -5.64 6.97
CA THR D 175 13.17 -7.07 7.15
C THR D 175 14.47 -7.64 6.62
N LYS D 176 15.18 -6.94 5.75
CA LYS D 176 16.43 -7.44 5.20
C LYS D 176 17.48 -7.57 6.30
N GLN D 177 18.21 -8.70 6.27
CA GLN D 177 19.22 -8.99 7.28
C GLN D 177 20.55 -8.37 6.85
N GLU D 178 20.67 -7.06 7.12
CA GLU D 178 21.93 -6.35 6.93
C GLU D 178 21.93 -5.11 7.81
N ASP D 179 22.86 -5.05 8.77
CA ASP D 179 23.06 -3.89 9.63
C ASP D 179 24.29 -4.16 10.48
N ALA D 180 24.63 -3.19 11.33
CA ALA D 180 25.65 -3.40 12.33
C ALA D 180 25.19 -4.44 13.34
N CYS D 181 26.14 -5.16 13.92
CA CYS D 181 25.80 -6.24 14.85
C CYS D 181 26.90 -6.33 15.90
N GLN D 182 26.93 -7.46 16.62
CA GLN D 182 27.97 -7.71 17.60
C GLN D 182 29.34 -7.64 16.94
N GLY D 183 30.12 -6.63 17.33
CA GLY D 183 31.40 -6.38 16.71
C GLY D 183 31.49 -4.92 16.34
N ASP D 184 30.33 -4.30 16.17
CA ASP D 184 30.21 -2.87 15.95
C ASP D 184 29.83 -2.14 17.24
N ALA D 185 30.33 -2.62 18.37
CA ALA D 185 30.16 -1.93 19.64
C ALA D 185 30.87 -0.59 19.56
N GLY D 186 30.11 0.49 19.44
CA GLY D 186 30.72 1.75 19.06
C GLY D 186 31.29 1.73 17.66
N GLY D 187 30.85 0.80 16.82
CA GLY D 187 31.33 0.67 15.47
C GLY D 187 31.00 1.88 14.62
N PRO D 188 32.03 2.48 14.01
CA PRO D 188 31.83 3.72 13.25
C PRO D 188 30.90 3.51 12.07
N HIS D 189 29.80 4.26 12.05
CA HIS D 189 28.87 4.29 10.92
C HIS D 189 28.91 5.68 10.31
N VAL D 190 29.21 5.76 9.02
CA VAL D 190 29.48 7.03 8.36
C VAL D 190 28.50 7.24 7.20
N THR D 191 28.64 8.36 6.49
CA THR D 191 27.78 8.69 5.37
C THR D 191 28.58 9.49 4.34
N ARG D 192 28.56 9.03 3.09
CA ARG D 192 29.38 9.63 2.05
C ARG D 192 28.84 11.01 1.68
N PHE D 193 29.75 11.95 1.45
CA PHE D 193 29.41 13.25 0.87
C PHE D 193 30.64 13.73 0.10
N LYS D 194 30.59 13.62 -1.22
CA LYS D 194 31.71 14.02 -2.08
C LYS D 194 33.00 13.30 -1.68
N ASP D 195 32.88 12.01 -1.41
CA ASP D 195 33.95 11.09 -1.01
C ASP D 195 34.44 11.34 0.41
N THR D 196 33.96 12.39 1.07
CA THR D 196 34.26 12.65 2.47
C THR D 196 33.18 12.00 3.32
N TYR D 197 33.49 10.86 3.92
CA TYR D 197 32.53 10.17 4.78
C TYR D 197 32.33 10.97 6.06
N PHE D 198 31.08 11.07 6.49
CA PHE D 198 30.73 11.75 7.74
C PHE D 198 30.04 10.77 8.68
N VAL D 199 30.56 10.66 9.90
CA VAL D 199 29.96 9.79 10.90
C VAL D 199 28.65 10.42 11.35
N THR D 200 27.54 9.87 10.90
CA THR D 200 26.22 10.34 11.29
C THR D 200 25.70 9.66 12.55
N GLY D 201 26.47 8.74 13.12
CA GLY D 201 26.05 8.08 14.35
C GLY D 201 26.48 6.64 14.44
N ILE D 202 26.21 6.02 15.57
CA ILE D 202 26.56 4.63 15.83
C ILE D 202 25.38 3.97 16.55
N VAL D 203 25.07 2.73 16.18
CA VAL D 203 24.04 1.98 16.89
C VAL D 203 24.37 1.93 18.37
N SER D 204 23.32 2.02 19.19
CA SER D 204 23.44 1.76 20.62
C SER D 204 22.80 0.42 20.98
N TRP D 205 21.51 0.25 20.69
CA TRP D 205 20.77 -0.94 21.07
C TRP D 205 19.84 -1.33 19.91
N GLY D 206 18.92 -2.22 20.20
CA GLY D 206 17.97 -2.69 19.22
C GLY D 206 17.67 -4.16 19.43
N GLU D 207 16.55 -4.60 18.86
CA GLU D 207 16.11 -5.99 19.00
C GLU D 207 16.76 -6.80 17.88
N GLY D 208 17.78 -7.57 18.24
CA GLY D 208 18.50 -8.35 17.25
C GLY D 208 19.28 -7.46 16.30
N CYS D 209 19.86 -8.10 15.29
CA CYS D 209 20.68 -7.41 14.30
C CYS D 209 19.92 -7.42 12.97
N ALA D 210 19.39 -6.25 12.59
CA ALA D 210 18.63 -6.08 11.35
C ALA D 210 17.42 -7.02 11.32
N ARG D 211 16.76 -7.18 12.46
CA ARG D 211 15.62 -8.07 12.55
C ARG D 211 14.45 -7.55 11.72
N LYS D 212 13.39 -8.35 11.66
CA LYS D 212 12.18 -7.95 10.95
C LYS D 212 11.50 -6.81 11.69
N GLY D 213 11.31 -5.69 11.00
CA GLY D 213 10.70 -4.53 11.61
C GLY D 213 11.61 -3.74 12.53
N LYS D 214 12.89 -4.10 12.62
CA LYS D 214 13.80 -3.50 13.57
C LYS D 214 14.90 -2.74 12.83
N TYR D 215 15.58 -1.86 13.56
CA TYR D 215 16.63 -1.04 12.99
C TYR D 215 17.69 -0.78 14.06
N GLY D 216 18.88 -0.40 13.60
CA GLY D 216 19.91 0.06 14.50
C GLY D 216 19.53 1.38 15.15
N ILE D 217 19.66 1.47 16.47
CA ILE D 217 19.32 2.69 17.20
C ILE D 217 20.58 3.55 17.24
N TYR D 218 20.74 4.39 16.22
CA TYR D 218 21.92 5.23 16.10
C TYR D 218 21.78 6.47 16.98
N THR D 219 22.91 7.14 17.18
CA THR D 219 22.98 8.36 17.97
C THR D 219 23.17 9.55 17.04
N LYS D 220 22.37 10.60 17.23
CA LYS D 220 22.47 11.78 16.39
C LYS D 220 23.77 12.50 16.70
N VAL D 221 24.75 12.37 15.80
CA VAL D 221 26.02 13.06 15.97
C VAL D 221 25.80 14.57 15.94
N THR D 222 24.93 15.05 15.06
CA THR D 222 24.67 16.49 14.97
C THR D 222 24.06 17.04 16.25
N ALA D 223 23.41 16.17 17.05
CA ALA D 223 22.81 16.63 18.29
C ALA D 223 23.87 17.08 19.29
N PHE D 224 24.99 16.35 19.37
CA PHE D 224 26.03 16.61 20.36
C PHE D 224 27.34 17.04 19.72
N LEU D 225 27.29 17.64 18.53
CA LEU D 225 28.50 18.14 17.89
C LEU D 225 29.24 19.11 18.81
N LYS D 226 28.49 19.99 19.48
CA LYS D 226 29.11 20.86 20.48
C LYS D 226 29.70 20.04 21.61
N TRP D 227 28.99 19.03 22.09
CA TRP D 227 29.55 18.17 23.13
C TRP D 227 30.68 17.32 22.59
N ILE D 228 30.61 16.90 21.33
CA ILE D 228 31.72 16.15 20.74
C ILE D 228 32.98 16.99 20.74
N ASP D 229 32.87 18.27 20.35
CA ASP D 229 34.02 19.16 20.38
C ASP D 229 34.50 19.40 21.82
N ARG D 230 33.56 19.63 22.75
CA ARG D 230 33.95 19.90 24.12
C ARG D 230 34.56 18.70 24.82
N SER D 231 34.28 17.49 24.33
CA SER D 231 34.96 16.30 24.80
C SER D 231 36.26 16.03 24.05
N MET D 232 36.34 16.51 22.81
CA MET D 232 37.63 16.57 22.11
C MET D 232 38.62 17.42 22.90
N LYS D 233 38.15 18.52 23.47
CA LYS D 233 38.99 19.38 24.31
C LYS D 233 38.95 18.97 25.78
N THR D 234 38.23 17.91 26.14
CA THR D 234 38.17 17.42 27.50
C THR D 234 39.13 16.25 27.67
N ARG D 235 39.90 16.27 28.76
CA ARG D 235 40.82 15.18 29.12
C ARG D 235 41.81 14.86 28.01
N ALA E 1 21.69 -35.93 -45.92
CA ALA E 1 21.72 -37.36 -45.62
C ALA E 1 21.14 -38.17 -46.77
N ASN E 2 20.38 -39.21 -46.44
CA ASN E 2 19.76 -40.05 -47.46
C ASN E 2 18.75 -39.26 -48.28
N THR E 3 17.96 -38.42 -47.63
CA THR E 3 16.95 -37.60 -48.29
C THR E 3 17.44 -36.17 -48.37
N PHE E 4 17.35 -35.58 -49.56
CA PHE E 4 17.84 -34.21 -49.75
C PHE E 4 16.90 -33.19 -49.11
N LEU E 5 15.60 -33.50 -49.03
CA LEU E 5 14.66 -32.61 -48.35
C LEU E 5 15.01 -32.43 -46.88
N GLU E 6 15.78 -33.34 -46.31
CA GLU E 6 16.22 -33.19 -44.92
C GLU E 6 17.07 -31.94 -44.74
N GLU E 7 18.06 -31.74 -45.62
CA GLU E 7 18.95 -30.60 -45.47
C GLU E 7 18.31 -29.29 -45.91
N VAL E 8 17.23 -29.35 -46.70
CA VAL E 8 16.54 -28.13 -47.12
C VAL E 8 15.96 -27.42 -45.91
N ARG E 9 15.25 -28.15 -45.05
CA ARG E 9 14.76 -27.59 -43.80
C ARG E 9 15.88 -27.60 -42.75
N LYS E 10 15.94 -26.53 -41.97
CA LYS E 10 16.98 -26.40 -40.95
C LYS E 10 16.82 -27.48 -39.89
N GLY E 11 17.94 -27.87 -39.29
CA GLY E 11 17.99 -28.99 -38.37
C GLY E 11 17.07 -28.90 -37.16
N ASN E 12 16.11 -29.83 -37.09
CA ASN E 12 15.22 -29.95 -35.94
C ASN E 12 15.17 -31.42 -35.55
N LEU E 13 15.49 -31.70 -34.28
CA LEU E 13 15.78 -33.07 -33.85
C LEU E 13 14.63 -34.04 -34.13
N GLU E 14 13.40 -33.54 -34.19
CA GLU E 14 12.26 -34.39 -34.49
C GLU E 14 12.43 -35.11 -35.82
N ARG E 15 12.75 -34.36 -36.88
CA ARG E 15 12.80 -34.94 -38.21
C ARG E 15 13.90 -35.99 -38.37
N GLU E 16 14.95 -35.97 -37.53
CA GLU E 16 15.93 -37.04 -37.61
C GLU E 16 15.65 -38.19 -36.66
N CYS E 17 15.04 -37.95 -35.51
CA CYS E 17 14.91 -38.99 -34.50
C CYS E 17 13.54 -39.67 -34.50
N VAL E 18 12.45 -38.93 -34.68
CA VAL E 18 11.13 -39.56 -34.68
C VAL E 18 10.78 -40.07 -36.08
N GLU E 19 11.03 -39.26 -37.10
CA GLU E 19 10.70 -39.66 -38.47
C GLU E 19 11.53 -40.86 -38.91
N GLU E 20 12.82 -40.86 -38.60
CA GLU E 20 13.72 -41.94 -39.01
C GLU E 20 14.71 -42.19 -37.87
N THR E 21 15.73 -43.00 -38.16
CA THR E 21 16.77 -43.27 -37.18
C THR E 21 17.83 -42.18 -37.21
N CYS E 22 18.14 -41.63 -36.03
CA CYS E 22 19.15 -40.59 -35.88
C CYS E 22 20.40 -41.18 -35.25
N SER E 23 21.53 -40.99 -35.91
CA SER E 23 22.81 -41.49 -35.42
C SER E 23 23.38 -40.52 -34.38
N TYR E 24 24.58 -40.83 -33.88
CA TYR E 24 25.20 -39.99 -32.86
C TYR E 24 25.53 -38.60 -33.40
N GLU E 25 26.10 -38.53 -34.61
CA GLU E 25 26.51 -37.24 -35.15
C GLU E 25 25.33 -36.40 -35.60
N GLU E 26 24.31 -37.04 -36.20
CA GLU E 26 23.14 -36.29 -36.64
C GLU E 26 22.34 -35.77 -35.46
N ALA E 27 22.15 -36.60 -34.42
CA ALA E 27 21.50 -36.12 -33.21
C ALA E 27 22.36 -35.10 -32.48
N PHE E 28 23.68 -35.20 -32.59
CA PHE E 28 24.56 -34.18 -32.01
C PHE E 28 24.37 -32.84 -32.70
N GLU E 29 24.31 -32.84 -34.03
CA GLU E 29 24.09 -31.60 -34.76
C GLU E 29 22.71 -31.02 -34.48
N ALA E 30 21.69 -31.87 -34.43
CA ALA E 30 20.33 -31.39 -34.22
C ALA E 30 20.13 -30.88 -32.79
N LEU E 31 20.75 -31.54 -31.80
CA LEU E 31 20.65 -31.12 -30.42
C LEU E 31 21.69 -30.06 -30.05
N GLU E 32 22.72 -29.86 -30.87
CA GLU E 32 23.76 -28.87 -30.64
C GLU E 32 24.49 -29.09 -29.31
N SER E 33 24.53 -30.34 -28.85
CA SER E 33 25.22 -30.67 -27.61
C SER E 33 25.56 -32.16 -27.62
N SER E 34 26.56 -32.51 -26.80
CA SER E 34 27.02 -33.89 -26.68
C SER E 34 26.49 -34.59 -25.43
N THR E 35 26.54 -33.90 -24.28
CA THR E 35 26.05 -34.49 -23.05
C THR E 35 24.53 -34.70 -23.11
N ALA E 36 23.80 -33.76 -23.72
CA ALA E 36 22.36 -33.93 -23.88
C ALA E 36 22.05 -35.15 -24.74
N THR E 37 22.77 -35.33 -25.84
CA THR E 37 22.57 -36.49 -26.69
C THR E 37 22.92 -37.78 -25.96
N ASP E 38 23.99 -37.75 -25.15
CA ASP E 38 24.37 -38.93 -24.38
C ASP E 38 23.31 -39.30 -23.35
N VAL E 39 22.74 -38.30 -22.67
CA VAL E 39 21.69 -38.57 -21.69
C VAL E 39 20.43 -39.08 -22.39
N PHE E 40 20.10 -38.50 -23.55
CA PHE E 40 18.96 -38.99 -24.32
C PHE E 40 19.18 -40.43 -24.75
N TRP E 41 20.41 -40.77 -25.16
CA TRP E 41 20.71 -42.15 -25.54
C TRP E 41 20.68 -43.10 -24.35
N ALA E 42 21.06 -42.62 -23.16
CA ALA E 42 20.95 -43.46 -21.97
C ALA E 42 19.51 -43.74 -21.61
N LYS E 43 18.66 -42.70 -21.60
CA LYS E 43 17.24 -42.91 -21.35
C LYS E 43 16.61 -43.75 -22.45
N TYR E 44 17.14 -43.65 -23.68
CA TYR E 44 16.77 -44.53 -24.78
C TYR E 44 17.13 -45.97 -24.46
N THR E 45 18.32 -46.18 -23.89
CA THR E 45 18.80 -47.49 -23.51
C THR E 45 17.97 -48.10 -22.39
N ALA E 46 17.35 -47.25 -21.57
CA ALA E 46 16.51 -47.78 -20.49
C ALA E 46 15.41 -48.68 -21.03
N CYS E 47 14.93 -48.43 -22.24
CA CYS E 47 14.00 -49.30 -22.95
C CYS E 47 14.67 -50.13 -24.04
N GLU E 48 15.87 -50.66 -23.78
CA GLU E 48 16.47 -51.59 -24.73
C GLU E 48 15.62 -52.85 -24.88
N THR E 49 15.09 -53.36 -23.79
CA THR E 49 14.15 -54.48 -23.82
C THR E 49 12.69 -54.02 -23.82
N ALA E 50 12.46 -52.70 -23.87
CA ALA E 50 11.11 -52.17 -23.72
C ALA E 50 10.83 -51.04 -24.71
N ARG E 51 11.47 -51.04 -25.89
CA ARG E 51 11.28 -49.95 -26.82
C ARG E 51 9.91 -49.96 -27.48
N THR E 52 9.21 -51.10 -27.47
CA THR E 52 7.93 -51.26 -28.14
C THR E 52 6.83 -51.46 -27.12
N PRO E 53 5.74 -50.68 -27.18
CA PRO E 53 5.48 -49.60 -28.13
C PRO E 53 6.11 -48.27 -27.73
N ARG E 54 5.71 -47.16 -28.37
CA ARG E 54 6.40 -45.90 -28.18
C ARG E 54 6.11 -45.27 -26.82
N ASP E 55 4.91 -45.50 -26.26
CA ASP E 55 4.62 -44.98 -24.93
C ASP E 55 5.57 -45.56 -23.89
N LYS E 56 6.01 -46.79 -24.09
CA LYS E 56 7.01 -47.40 -23.21
C LYS E 56 8.33 -46.62 -23.29
N LEU E 57 8.74 -46.26 -24.50
CA LEU E 57 9.95 -45.45 -24.67
C LEU E 57 9.78 -44.09 -24.00
N ALA E 58 8.59 -43.49 -24.12
CA ALA E 58 8.34 -42.24 -23.42
C ALA E 58 8.42 -42.40 -21.92
N ALA E 59 7.95 -43.53 -21.40
CA ALA E 59 8.07 -43.81 -19.97
C ALA E 59 9.54 -43.90 -19.56
N CYS E 60 10.36 -44.53 -20.40
CA CYS E 60 11.81 -44.54 -20.13
C CYS E 60 12.39 -43.14 -20.16
N LEU E 61 11.96 -42.31 -21.12
CA LEU E 61 12.45 -40.93 -21.19
C LEU E 61 12.10 -40.16 -19.93
N GLU E 62 10.86 -40.29 -19.43
CA GLU E 62 10.53 -39.66 -18.17
C GLU E 62 11.14 -40.42 -17.00
N GLY E 63 11.34 -41.73 -17.15
CA GLY E 63 11.99 -42.52 -16.12
C GLY E 63 11.04 -43.35 -15.29
N ASN E 64 11.15 -43.22 -13.96
CA ASN E 64 10.28 -43.92 -13.02
C ASN E 64 10.35 -45.44 -13.21
N CYS E 65 11.53 -45.95 -13.52
CA CYS E 65 11.72 -47.38 -13.73
C CYS E 65 13.10 -47.79 -13.24
N ALA E 66 13.16 -48.85 -12.42
CA ALA E 66 14.43 -49.36 -11.92
C ALA E 66 14.29 -50.88 -11.74
N GLU E 67 14.71 -51.62 -12.75
CA GLU E 67 14.73 -53.07 -12.69
C GLU E 67 16.14 -53.56 -12.36
N GLY E 68 16.22 -54.62 -11.59
CA GLY E 68 17.52 -55.16 -11.16
C GLY E 68 18.04 -54.42 -9.93
N LEU E 69 19.17 -53.74 -10.09
CA LEU E 69 19.77 -53.00 -8.97
C LEU E 69 19.08 -51.65 -8.78
N GLY E 70 19.13 -50.80 -9.79
CA GLY E 70 18.49 -49.50 -9.70
C GLY E 70 19.40 -48.35 -9.29
N THR E 71 20.72 -48.55 -9.29
CA THR E 71 21.61 -47.44 -8.93
C THR E 71 21.60 -46.35 -9.99
N ASN E 72 21.28 -46.69 -11.23
CA ASN E 72 21.16 -45.70 -12.30
C ASN E 72 19.78 -45.08 -12.38
N TYR E 73 18.85 -45.49 -11.50
CA TYR E 73 17.50 -44.96 -11.51
C TYR E 73 17.50 -43.47 -11.22
N ARG E 74 16.79 -42.71 -12.06
CA ARG E 74 16.67 -41.27 -11.88
C ARG E 74 15.23 -40.80 -12.07
N GLY E 75 14.26 -41.64 -11.72
CA GLY E 75 12.86 -41.36 -11.95
C GLY E 75 12.19 -40.63 -10.81
N HIS E 76 10.86 -40.73 -10.78
CA HIS E 76 10.02 -39.99 -9.84
C HIS E 76 9.02 -40.96 -9.19
N VAL E 77 9.43 -41.58 -8.09
CA VAL E 77 8.59 -42.53 -7.37
C VAL E 77 8.82 -42.37 -5.87
N ASN E 78 7.74 -42.26 -5.11
CA ASN E 78 7.79 -42.24 -3.65
C ASN E 78 7.37 -43.57 -3.04
N ILE E 79 6.46 -44.30 -3.69
CA ILE E 79 5.82 -45.44 -3.06
C ILE E 79 6.81 -46.57 -2.87
N THR E 80 6.82 -47.15 -1.67
CA THR E 80 7.60 -48.33 -1.37
C THR E 80 6.74 -49.58 -1.59
N ARG E 81 7.33 -50.74 -1.30
CA ARG E 81 6.54 -51.97 -1.34
C ARG E 81 5.47 -51.97 -0.26
N SER E 82 5.81 -51.48 0.93
CA SER E 82 4.81 -51.38 2.00
C SER E 82 3.85 -50.23 1.75
N GLY E 83 4.35 -49.12 1.24
CA GLY E 83 3.53 -47.94 0.97
C GLY E 83 3.80 -46.75 1.85
N ILE E 84 4.83 -46.79 2.69
CA ILE E 84 5.15 -45.68 3.57
C ILE E 84 5.90 -44.62 2.79
N GLU E 85 5.65 -43.36 3.13
CA GLU E 85 6.38 -42.25 2.52
C GLU E 85 7.84 -42.30 2.93
N CYS E 86 8.73 -42.07 1.96
CA CYS E 86 10.16 -42.12 2.22
C CYS E 86 10.64 -40.87 2.95
N GLN E 87 11.68 -41.05 3.77
CA GLN E 87 12.32 -39.91 4.40
C GLN E 87 13.00 -39.06 3.33
N LEU E 88 13.14 -37.77 3.64
CA LEU E 88 13.77 -36.84 2.72
C LEU E 88 15.24 -37.20 2.56
N TRP E 89 15.63 -37.58 1.34
CA TRP E 89 16.97 -38.13 1.13
C TRP E 89 18.06 -37.10 1.42
N ARG E 90 17.77 -35.81 1.17
CA ARG E 90 18.71 -34.77 1.56
C ARG E 90 18.87 -34.70 3.07
N SER E 91 17.78 -34.89 3.82
CA SER E 91 17.83 -34.92 5.26
C SER E 91 18.40 -36.25 5.77
N ARG E 92 18.71 -36.28 7.06
CA ARG E 92 19.30 -37.44 7.71
C ARG E 92 18.48 -37.84 8.93
N TYR E 93 17.17 -37.94 8.76
CA TYR E 93 16.26 -38.26 9.85
C TYR E 93 15.52 -39.56 9.58
N PRO E 94 15.08 -40.27 10.63
CA PRO E 94 15.25 -39.98 12.05
C PRO E 94 16.35 -40.83 12.71
N HIS E 95 17.49 -41.00 12.06
CA HIS E 95 18.57 -41.82 12.60
C HIS E 95 19.88 -41.34 12.00
N LYS E 96 20.98 -41.99 12.40
CA LYS E 96 22.30 -41.67 11.85
C LYS E 96 22.56 -42.59 10.66
N PRO E 97 22.63 -42.07 9.45
CA PRO E 97 22.94 -42.93 8.29
C PRO E 97 24.44 -43.08 8.09
N GLU E 98 24.93 -44.32 8.06
CA GLU E 98 26.35 -44.52 7.82
C GLU E 98 26.74 -44.17 6.40
N ILE E 99 25.76 -44.06 5.49
CA ILE E 99 26.01 -43.51 4.16
C ILE E 99 25.77 -42.01 4.27
N ASN E 100 26.79 -41.30 4.73
CA ASN E 100 26.66 -39.86 4.88
C ASN E 100 26.83 -39.17 3.51
N SER E 101 26.43 -37.90 3.47
CA SER E 101 26.45 -37.15 2.22
C SER E 101 27.86 -36.91 1.68
N THR E 102 28.89 -37.12 2.50
CA THR E 102 30.26 -36.87 2.11
C THR E 102 31.00 -38.13 1.66
N THR E 103 30.32 -39.27 1.59
CA THR E 103 30.97 -40.53 1.24
C THR E 103 30.46 -41.13 -0.06
N HIS E 104 29.15 -41.29 -0.22
CA HIS E 104 28.57 -41.97 -1.39
C HIS E 104 27.48 -41.11 -2.02
N PRO E 105 27.86 -40.07 -2.79
CA PRO E 105 26.86 -39.35 -3.58
C PRO E 105 26.43 -40.11 -4.83
N GLY E 106 26.90 -41.35 -4.97
CA GLY E 106 26.64 -42.11 -6.17
C GLY E 106 25.19 -42.43 -6.42
N ALA E 107 24.34 -42.32 -5.40
CA ALA E 107 22.91 -42.54 -5.58
C ALA E 107 22.24 -41.46 -6.42
N ASP E 108 22.85 -40.27 -6.50
CA ASP E 108 22.18 -39.09 -7.05
C ASP E 108 20.87 -38.85 -6.30
N LEU E 109 20.94 -38.92 -4.98
CA LEU E 109 19.74 -38.85 -4.16
C LEU E 109 19.09 -37.48 -4.24
N GLN E 110 17.76 -37.47 -4.23
CA GLN E 110 16.98 -36.24 -4.22
C GLN E 110 15.90 -36.36 -3.15
N GLU E 111 15.50 -35.20 -2.62
CA GLU E 111 14.61 -35.18 -1.45
C GLU E 111 13.27 -35.83 -1.74
N ASN E 112 12.71 -35.60 -2.93
CA ASN E 112 11.38 -36.10 -3.26
C ASN E 112 11.38 -37.38 -4.08
N PHE E 113 12.55 -37.98 -4.32
CA PHE E 113 12.63 -39.13 -5.21
C PHE E 113 13.48 -40.23 -4.57
N CYS E 114 13.23 -41.47 -4.98
CA CYS E 114 13.97 -42.61 -4.50
C CYS E 114 15.22 -42.84 -5.35
N ARG E 115 16.26 -43.36 -4.72
CA ARG E 115 17.50 -43.73 -5.40
C ARG E 115 18.07 -44.99 -4.75
N ASN E 116 19.14 -45.52 -5.33
CA ASN E 116 19.79 -46.74 -4.85
C ASN E 116 21.28 -46.49 -4.65
N PRO E 117 21.70 -46.12 -3.44
CA PRO E 117 23.13 -45.91 -3.21
C PRO E 117 23.95 -47.19 -3.20
N ASP E 118 23.47 -48.23 -2.52
CA ASP E 118 24.22 -49.46 -2.36
C ASP E 118 23.94 -50.49 -3.44
N SER E 119 23.12 -50.15 -4.44
CA SER E 119 22.77 -51.06 -5.54
C SER E 119 22.14 -52.35 -4.99
N SER E 120 21.08 -52.18 -4.20
CA SER E 120 20.41 -53.32 -3.59
C SER E 120 19.78 -54.21 -4.66
N THR E 121 19.79 -55.52 -4.41
CA THR E 121 19.24 -56.47 -5.37
C THR E 121 17.74 -56.26 -5.58
N THR E 122 17.01 -56.00 -4.49
CA THR E 122 15.57 -55.78 -4.59
C THR E 122 15.22 -54.49 -5.31
N GLY E 123 16.13 -53.53 -5.34
CA GLY E 123 15.88 -52.27 -6.01
C GLY E 123 16.16 -51.08 -5.12
N PRO E 124 15.93 -49.87 -5.64
CA PRO E 124 16.13 -48.66 -4.82
C PRO E 124 15.26 -48.69 -3.57
N TRP E 125 15.80 -48.17 -2.48
CA TRP E 125 15.14 -48.20 -1.19
C TRP E 125 15.19 -46.81 -0.55
N CYS E 126 14.62 -46.69 0.64
CA CYS E 126 14.62 -45.45 1.40
C CYS E 126 14.43 -45.77 2.86
N TYR E 127 14.83 -44.83 3.72
CA TYR E 127 14.54 -44.95 5.14
C TYR E 127 13.12 -44.50 5.40
N THR E 128 12.41 -45.25 6.24
CA THR E 128 11.00 -44.96 6.51
C THR E 128 10.86 -43.69 7.34
N THR E 129 9.80 -42.94 7.07
CA THR E 129 9.47 -41.78 7.92
C THR E 129 9.08 -42.24 9.32
N ASP E 130 8.28 -43.30 9.43
CA ASP E 130 7.88 -43.83 10.72
C ASP E 130 8.98 -44.74 11.29
N PRO E 131 9.08 -44.82 12.61
CA PRO E 131 10.10 -45.69 13.22
C PRO E 131 9.75 -47.17 13.24
N THR E 132 8.62 -47.57 12.66
CA THR E 132 8.24 -48.97 12.68
C THR E 132 9.22 -49.83 11.91
N VAL E 133 9.69 -49.36 10.75
CA VAL E 133 10.60 -50.10 9.90
C VAL E 133 11.87 -49.27 9.70
N ARG E 134 13.03 -49.92 9.79
CA ARG E 134 14.29 -49.21 9.64
C ARG E 134 14.42 -48.60 8.25
N ARG E 135 14.09 -49.38 7.21
CA ARG E 135 14.12 -48.87 5.85
C ARG E 135 13.19 -49.71 4.98
N GLN E 136 12.57 -49.06 4.01
CA GLN E 136 11.61 -49.72 3.12
C GLN E 136 12.08 -49.55 1.68
N GLU E 137 12.04 -50.65 0.93
CA GLU E 137 12.48 -50.62 -0.47
C GLU E 137 11.46 -49.89 -1.33
N CYS E 138 11.92 -48.96 -2.15
CA CYS E 138 11.04 -48.18 -3.03
C CYS E 138 10.58 -49.07 -4.17
N SER E 139 9.30 -49.46 -4.15
CA SER E 139 8.71 -50.23 -5.24
C SER E 139 8.42 -49.30 -6.41
N ILE E 140 9.08 -49.53 -7.53
CA ILE E 140 9.04 -48.64 -8.69
C ILE E 140 8.38 -49.39 -9.84
N PRO E 141 7.38 -48.81 -10.51
CA PRO E 141 6.73 -49.49 -11.63
C PRO E 141 7.66 -49.60 -12.83
N VAL E 142 7.36 -50.57 -13.69
CA VAL E 142 8.13 -50.75 -14.92
C VAL E 142 7.57 -49.83 -16.00
N CYS E 143 8.46 -49.38 -16.89
CA CYS E 143 8.05 -48.47 -17.97
C CYS E 143 7.07 -49.16 -18.91
N GLY E 144 6.01 -48.43 -19.25
CA GLY E 144 5.06 -48.88 -20.26
C GLY E 144 3.85 -49.65 -19.75
N GLN E 145 4.02 -50.40 -18.66
CA GLN E 145 2.93 -51.18 -18.09
C GLN E 145 2.80 -50.87 -16.60
N ASP E 146 1.60 -51.11 -16.07
CA ASP E 146 1.33 -50.82 -14.67
C ASP E 146 1.76 -51.98 -13.78
N GLN E 147 3.03 -52.40 -13.91
CA GLN E 147 3.59 -53.43 -13.06
C GLN E 147 4.89 -52.93 -12.45
N VAL E 148 5.15 -53.35 -11.22
CA VAL E 148 6.30 -52.90 -10.45
C VAL E 148 7.47 -53.85 -10.65
N THR E 149 8.68 -53.31 -10.61
CA THR E 149 9.88 -54.14 -10.76
C THR E 149 9.99 -55.16 -9.64
N VAL E 150 9.68 -54.77 -8.41
CA VAL E 150 9.68 -55.67 -7.26
C VAL E 150 8.32 -55.55 -6.58
N ALA E 151 7.80 -56.69 -6.13
CA ALA E 151 6.40 -56.77 -5.68
C ALA E 151 6.12 -55.78 -4.55
N MET E 152 4.93 -55.20 -4.59
CA MET E 152 4.48 -54.25 -3.57
C MET E 152 4.50 -54.88 -2.18
N GLN E 169 -0.90 -43.07 20.00
CA GLN E 169 -1.90 -42.20 20.61
C GLN E 169 -1.24 -41.25 21.62
N CYS E 170 -1.72 -40.01 21.65
CA CYS E 170 -1.14 -39.01 22.54
C CYS E 170 -1.49 -39.32 23.99
N VAL E 171 -0.73 -38.74 24.90
CA VAL E 171 -0.85 -38.98 26.33
C VAL E 171 -1.12 -37.64 27.00
N PRO E 172 -2.16 -37.55 27.85
CA PRO E 172 -2.48 -36.26 28.48
C PRO E 172 -1.49 -35.90 29.58
N ASP E 173 -0.89 -34.71 29.46
CA ASP E 173 0.00 -34.16 30.48
C ASP E 173 1.15 -35.10 30.81
N ARG E 174 1.68 -35.76 29.78
CA ARG E 174 2.85 -36.62 29.90
C ARG E 174 2.66 -37.75 30.91
N GLY E 175 1.43 -38.23 31.05
CA GLY E 175 1.13 -39.34 31.93
C GLY E 175 0.48 -38.97 33.24
N GLN E 176 0.17 -37.70 33.48
CA GLN E 176 -0.48 -37.31 34.72
C GLN E 176 -1.86 -37.95 34.83
N GLN E 177 -2.63 -37.96 33.74
CA GLN E 177 -3.95 -38.56 33.75
C GLN E 177 -4.07 -39.60 32.63
N TYR E 178 -3.07 -40.46 32.49
CA TYR E 178 -3.06 -41.48 31.46
C TYR E 178 -3.51 -42.82 32.02
N GLN E 179 -4.10 -43.63 31.15
CA GLN E 179 -4.63 -44.93 31.56
C GLN E 179 -4.19 -46.07 30.64
N GLY E 180 -3.18 -45.86 29.80
CA GLY E 180 -2.72 -46.92 28.93
C GLY E 180 -2.08 -48.07 29.68
N ARG E 181 -2.14 -49.25 29.09
CA ARG E 181 -1.64 -50.48 29.70
C ARG E 181 -0.53 -51.12 28.89
N LEU E 182 0.14 -50.36 28.03
CA LEU E 182 1.24 -50.90 27.23
C LEU E 182 2.41 -51.27 28.13
N ALA E 183 3.11 -52.34 27.78
CA ALA E 183 4.23 -52.84 28.57
C ALA E 183 5.56 -52.83 27.83
N VAL E 184 5.56 -53.18 26.54
CA VAL E 184 6.80 -53.21 25.79
C VAL E 184 7.30 -51.79 25.56
N THR E 185 8.59 -51.57 25.79
CA THR E 185 9.21 -50.28 25.56
C THR E 185 9.77 -50.22 24.15
N THR E 186 10.29 -49.04 23.79
CA THR E 186 10.81 -48.84 22.45
C THR E 186 12.05 -49.69 22.18
N HIS E 187 12.98 -49.73 23.12
CA HIS E 187 14.19 -50.53 22.92
C HIS E 187 13.89 -52.02 23.02
N GLY E 188 13.13 -52.43 24.04
CA GLY E 188 12.77 -53.82 24.20
C GLY E 188 12.84 -54.34 25.62
N LEU E 189 13.36 -53.54 26.54
CA LEU E 189 13.47 -53.98 27.93
C LEU E 189 12.09 -54.12 28.57
N PRO E 190 11.81 -55.24 29.22
CA PRO E 190 10.56 -55.37 29.97
C PRO E 190 10.56 -54.48 31.21
N CYS E 191 9.35 -54.13 31.65
CA CYS E 191 9.18 -53.26 32.80
C CYS E 191 8.92 -54.09 34.06
N LEU E 192 9.35 -53.53 35.20
CA LEU E 192 9.07 -54.11 36.50
C LEU E 192 7.75 -53.57 37.05
N ALA E 193 7.22 -54.27 38.04
CA ALA E 193 5.91 -53.94 38.59
C ALA E 193 5.98 -52.68 39.44
N TRP E 194 4.97 -51.82 39.29
CA TRP E 194 4.82 -50.66 40.16
C TRP E 194 4.43 -51.05 41.58
N ALA E 195 3.96 -52.28 41.79
CA ALA E 195 3.53 -52.75 43.10
C ALA E 195 4.62 -53.52 43.84
N SER E 196 5.83 -53.59 43.29
CA SER E 196 6.91 -54.29 43.95
C SER E 196 7.32 -53.58 45.24
N ALA E 197 8.01 -54.31 46.11
CA ALA E 197 8.39 -53.76 47.40
C ALA E 197 9.27 -52.52 47.24
N GLN E 198 10.25 -52.58 46.35
CA GLN E 198 11.06 -51.40 46.07
C GLN E 198 10.22 -50.29 45.45
N ALA E 199 9.31 -50.65 44.53
CA ALA E 199 8.44 -49.64 43.95
C ALA E 199 7.42 -49.11 44.97
N LYS E 200 6.95 -49.97 45.87
CA LYS E 200 6.06 -49.51 46.93
C LYS E 200 6.77 -48.52 47.85
N ALA E 201 8.03 -48.80 48.18
CA ALA E 201 8.81 -47.86 48.97
C ALA E 201 9.03 -46.55 48.23
N LEU E 202 9.33 -46.64 46.92
CA LEU E 202 9.48 -45.43 46.12
C LEU E 202 8.17 -44.65 45.99
N SER E 203 7.02 -45.31 46.17
CA SER E 203 5.76 -44.59 46.15
C SER E 203 5.68 -43.60 47.29
N LYS E 204 6.17 -43.97 48.48
CA LYS E 204 6.27 -43.02 49.58
C LYS E 204 7.43 -42.06 49.37
N HIS E 205 8.49 -42.50 48.70
CA HIS E 205 9.64 -41.64 48.44
C HIS E 205 9.26 -40.46 47.54
N GLN E 206 8.46 -40.73 46.50
CA GLN E 206 8.09 -39.72 45.51
C GLN E 206 6.66 -39.28 45.76
N ASP E 207 6.46 -37.97 45.94
CA ASP E 207 5.12 -37.44 46.22
C ASP E 207 4.26 -37.56 44.98
N PHE E 208 3.26 -38.43 45.05
CA PHE E 208 2.38 -38.69 43.92
C PHE E 208 1.14 -37.81 43.98
N ASN E 209 0.65 -37.42 42.80
CA ASN E 209 -0.62 -36.71 42.72
C ASN E 209 -1.75 -37.65 43.16
N SER E 210 -2.67 -37.10 43.96
CA SER E 210 -3.68 -37.94 44.59
C SER E 210 -4.63 -38.58 43.59
N ALA E 211 -4.84 -37.95 42.43
CA ALA E 211 -5.82 -38.41 41.45
C ALA E 211 -5.18 -39.22 40.32
N VAL E 212 -4.11 -39.95 40.62
CA VAL E 212 -3.42 -40.75 39.61
C VAL E 212 -3.26 -42.17 40.15
N GLN E 213 -3.17 -43.14 39.25
CA GLN E 213 -3.06 -44.55 39.61
C GLN E 213 -1.77 -45.13 39.03
N LEU E 214 -1.30 -46.20 39.68
CA LEU E 214 -0.13 -46.95 39.21
C LEU E 214 -0.35 -48.42 39.50
N VAL E 215 -0.27 -49.24 38.46
CA VAL E 215 -0.54 -50.67 38.57
C VAL E 215 0.42 -51.43 37.65
N GLU E 216 0.83 -52.62 38.09
CA GLU E 216 1.66 -53.53 37.30
C GLU E 216 2.92 -52.86 36.73
N ASN E 217 3.25 -53.17 35.49
CA ASN E 217 4.46 -52.67 34.85
C ASN E 217 4.17 -51.67 33.74
N PHE E 218 3.05 -50.97 33.83
CA PHE E 218 2.65 -50.00 32.82
C PHE E 218 3.39 -48.70 33.01
N CYS E 219 3.66 -48.01 31.90
CA CYS E 219 4.33 -46.71 31.96
C CYS E 219 3.39 -45.69 32.60
N ARG E 220 3.67 -45.33 33.85
CA ARG E 220 2.82 -44.47 34.65
C ARG E 220 3.53 -43.15 34.95
N ASN E 221 2.78 -42.25 35.60
CA ASN E 221 3.31 -40.97 36.05
C ASN E 221 2.44 -40.42 37.17
N PRO E 222 2.55 -40.96 38.39
CA PRO E 222 1.67 -40.49 39.48
C PRO E 222 2.13 -39.20 40.14
N ASP E 223 3.38 -38.78 39.92
CA ASP E 223 3.95 -37.62 40.60
C ASP E 223 3.98 -36.37 39.73
N GLY E 224 3.31 -36.37 38.59
CA GLY E 224 3.44 -35.27 37.65
C GLY E 224 4.74 -35.27 36.88
N ASP E 225 5.42 -36.41 36.82
CA ASP E 225 6.69 -36.53 36.10
C ASP E 225 6.43 -36.30 34.62
N GLU E 226 6.86 -35.16 34.10
CA GLU E 226 6.58 -34.79 32.72
C GLU E 226 7.49 -35.49 31.71
N GLU E 227 8.25 -36.50 32.15
CA GLU E 227 9.14 -37.24 31.26
C GLU E 227 8.38 -38.02 30.20
N GLY E 228 7.05 -37.94 30.23
CA GLY E 228 6.23 -38.84 29.47
C GLY E 228 5.91 -40.06 30.30
N VAL E 229 5.27 -41.05 29.67
CA VAL E 229 4.93 -42.28 30.37
C VAL E 229 6.16 -43.16 30.45
N TRP E 230 6.58 -43.50 31.67
CA TRP E 230 7.73 -44.36 31.89
C TRP E 230 7.38 -45.44 32.89
N CYS E 231 7.94 -46.63 32.69
CA CYS E 231 7.72 -47.79 33.53
C CYS E 231 8.99 -48.16 34.28
N TYR E 232 8.85 -48.54 35.54
CA TYR E 232 9.96 -49.16 36.25
C TYR E 232 10.35 -50.45 35.54
N VAL E 233 11.65 -50.62 35.28
CA VAL E 233 12.13 -51.75 34.51
C VAL E 233 13.10 -52.57 35.37
N ALA E 234 13.54 -53.69 34.80
CA ALA E 234 14.42 -54.61 35.50
C ALA E 234 15.82 -54.00 35.66
N GLY E 235 16.62 -54.64 36.52
CA GLY E 235 17.95 -54.17 36.81
C GLY E 235 18.02 -53.39 38.10
N LYS E 236 18.28 -52.09 38.01
CA LYS E 236 18.29 -51.24 39.19
C LYS E 236 16.86 -51.01 39.66
N PRO E 237 16.57 -51.18 40.96
CA PRO E 237 15.23 -50.84 41.47
C PRO E 237 14.93 -49.37 41.29
N GLY E 238 13.96 -49.06 40.43
CA GLY E 238 13.64 -47.69 40.08
C GLY E 238 14.07 -47.27 38.69
N ASP E 239 14.79 -48.12 37.97
CA ASP E 239 15.17 -47.81 36.59
C ASP E 239 13.93 -47.65 35.73
N PHE E 240 13.95 -46.66 34.84
CA PHE E 240 12.76 -46.20 34.14
C PHE E 240 12.86 -46.49 32.65
N GLY E 241 11.78 -47.02 32.09
CA GLY E 241 11.70 -47.28 30.67
C GLY E 241 10.41 -46.75 30.09
N TYR E 242 10.45 -46.39 28.82
CA TYR E 242 9.38 -45.65 28.16
C TYR E 242 8.69 -46.56 27.14
N CYS E 243 7.40 -46.80 27.35
CA CYS E 243 6.62 -47.56 26.38
C CYS E 243 6.58 -46.84 25.04
N ASP E 244 6.72 -47.59 23.96
CA ASP E 244 6.77 -47.03 22.61
C ASP E 244 5.40 -46.46 22.25
N LEU E 245 5.30 -45.14 22.18
CA LEU E 245 4.03 -44.48 21.89
C LEU E 245 4.30 -43.11 21.28
N ASN E 246 3.30 -42.59 20.57
CA ASN E 246 3.39 -41.27 19.96
C ASN E 246 2.90 -40.19 20.92
N TYR E 247 3.24 -38.94 20.59
CA TYR E 247 2.88 -37.80 21.43
C TYR E 247 2.55 -36.61 20.54
N CYS E 248 1.77 -35.68 21.10
CA CYS E 248 1.28 -34.52 20.36
C CYS E 248 2.33 -33.42 20.32
N GLU E 249 1.97 -32.28 19.72
CA GLU E 249 2.83 -31.11 19.62
C GLU E 249 2.01 -29.87 19.97
N GLU E 250 2.64 -28.92 20.66
CA GLU E 250 1.96 -27.74 21.15
C GLU E 250 2.76 -26.49 20.82
N ALA E 251 2.09 -25.35 20.90
CA ALA E 251 2.70 -24.04 20.70
C ALA E 251 2.40 -23.14 21.89
N VAL E 252 3.34 -22.25 22.20
CA VAL E 252 3.24 -21.42 23.39
C VAL E 252 3.12 -19.93 23.07
N GLU E 253 3.76 -19.44 22.02
CA GLU E 253 3.86 -17.99 21.79
C GLU E 253 2.50 -17.35 21.52
N GLU E 254 1.53 -18.12 21.03
CA GLU E 254 0.26 -17.54 20.62
C GLU E 254 -0.57 -16.98 21.77
N GLU E 255 -0.22 -17.29 23.02
CA GLU E 255 -0.95 -16.83 24.18
C GLU E 255 -0.29 -15.57 24.75
N THR E 256 -1.10 -14.55 25.03
CA THR E 256 -0.65 -13.41 25.80
C THR E 256 -0.70 -13.78 27.28
N GLY E 257 -0.61 -12.77 28.14
CA GLY E 257 -0.49 -12.95 29.58
C GLY E 257 -1.31 -14.04 30.25
N ASP E 258 -2.63 -14.00 30.08
CA ASP E 258 -3.56 -14.80 30.88
C ASP E 258 -3.38 -14.36 32.34
N GLY E 259 -3.54 -15.27 33.30
CA GLY E 259 -3.52 -14.91 34.71
C GLY E 259 -2.20 -14.33 35.19
N LEU E 260 -1.30 -14.07 34.24
CA LEU E 260 0.03 -13.53 34.47
C LEU E 260 0.02 -12.15 35.12
N ASP E 261 -0.47 -11.14 34.41
CA ASP E 261 -0.83 -9.83 34.97
C ASP E 261 0.39 -9.13 35.60
N GLU E 262 1.36 -8.79 34.76
CA GLU E 262 2.58 -8.19 35.29
C GLU E 262 2.73 -6.71 34.94
N ASP E 263 2.34 -6.29 33.75
CA ASP E 263 2.59 -4.94 33.27
C ASP E 263 1.55 -4.55 32.24
N SER E 264 1.49 -3.25 31.94
CA SER E 264 0.54 -2.76 30.95
C SER E 264 1.23 -2.38 29.64
N ASP E 265 2.42 -1.78 29.71
CA ASP E 265 3.17 -1.43 28.52
C ASP E 265 4.21 -2.50 28.22
N ARG E 266 5.09 -2.23 27.26
CA ARG E 266 6.07 -3.19 26.79
C ARG E 266 7.47 -2.72 27.11
N ALA E 267 8.33 -3.67 27.51
CA ALA E 267 9.73 -3.40 27.81
C ALA E 267 10.47 -4.72 27.77
N ILE E 268 11.58 -4.77 27.01
CA ILE E 268 12.26 -6.02 26.70
C ILE E 268 13.65 -6.09 27.32
N GLU E 269 14.44 -5.02 27.24
CA GLU E 269 15.70 -4.98 27.95
C GLU E 269 15.56 -4.23 29.27
N GLY E 270 16.55 -4.39 30.13
CA GLY E 270 16.65 -3.61 31.35
C GLY E 270 15.70 -3.99 32.47
N ARG E 271 15.88 -5.16 33.04
CA ARG E 271 15.07 -5.60 34.17
C ARG E 271 15.95 -6.28 35.21
N THR E 272 15.62 -6.05 36.48
CA THR E 272 16.32 -6.66 37.61
C THR E 272 15.33 -7.46 38.43
N ALA E 273 15.78 -8.57 39.01
CA ALA E 273 14.93 -9.45 39.77
C ALA E 273 15.67 -9.99 40.98
N THR E 274 14.93 -10.16 42.08
CA THR E 274 15.42 -10.82 43.29
C THR E 274 14.25 -11.54 43.95
N SER E 275 14.38 -12.83 44.19
CA SER E 275 13.37 -13.61 44.91
C SER E 275 13.98 -14.96 45.29
N GLU E 276 13.14 -15.86 45.79
CA GLU E 276 13.53 -17.19 46.22
C GLU E 276 13.00 -18.24 45.24
N TYR E 277 13.19 -19.51 45.58
CA TYR E 277 12.85 -20.63 44.71
C TYR E 277 11.98 -21.62 45.44
N GLN E 278 11.01 -22.20 44.73
CA GLN E 278 10.14 -23.23 45.26
C GLN E 278 10.55 -24.58 44.67
N THR E 279 10.78 -25.55 45.54
CA THR E 279 11.29 -26.85 45.12
C THR E 279 10.15 -27.79 44.73
N PHE E 280 10.53 -28.89 44.08
CA PHE E 280 9.59 -29.94 43.71
C PHE E 280 9.91 -31.29 44.34
N PHE E 281 11.05 -31.42 45.03
CA PHE E 281 11.46 -32.66 45.65
C PHE E 281 11.41 -32.54 47.17
N ASN E 282 11.29 -33.68 47.83
CA ASN E 282 11.34 -33.72 49.28
C ASN E 282 12.77 -33.39 49.74
N PRO E 283 12.95 -32.41 50.63
CA PRO E 283 14.32 -32.07 51.07
C PRO E 283 15.07 -33.24 51.68
N ARG E 284 14.38 -34.13 52.38
CA ARG E 284 15.02 -35.33 52.90
C ARG E 284 15.53 -36.24 51.79
N THR E 285 14.94 -36.16 50.61
CA THR E 285 15.28 -37.05 49.50
C THR E 285 16.35 -36.49 48.57
N PHE E 286 16.62 -35.18 48.63
CA PHE E 286 17.65 -34.58 47.80
C PHE E 286 18.81 -34.00 48.58
N GLY E 287 18.63 -33.73 49.88
CA GLY E 287 19.71 -33.19 50.69
C GLY E 287 20.10 -31.79 50.27
N SER E 288 21.39 -31.48 50.43
CA SER E 288 21.90 -30.16 50.10
C SER E 288 21.94 -29.95 48.59
N GLY E 289 21.71 -28.70 48.18
CA GLY E 289 21.77 -28.35 46.77
C GLY E 289 20.45 -28.36 46.05
N GLU E 290 19.33 -28.24 46.77
CA GLU E 290 18.00 -28.30 46.17
C GLU E 290 17.45 -26.91 45.85
N ALA E 291 17.34 -26.05 46.86
CA ALA E 291 16.70 -24.74 46.72
C ALA E 291 17.69 -23.62 46.47
N ASP E 292 18.82 -23.92 45.82
CA ASP E 292 19.82 -22.92 45.52
C ASP E 292 20.15 -22.80 44.04
N CYS E 293 19.41 -23.48 43.17
CA CYS E 293 19.76 -23.51 41.75
C CYS E 293 19.44 -22.17 41.09
N GLY E 294 19.67 -22.11 39.78
CA GLY E 294 19.35 -20.93 38.99
C GLY E 294 20.22 -19.73 39.27
N LEU E 295 21.31 -19.90 40.02
CA LEU E 295 22.15 -18.78 40.42
C LEU E 295 23.61 -19.20 40.22
N ARG E 296 24.51 -18.38 40.76
CA ARG E 296 25.94 -18.66 40.74
C ARG E 296 26.52 -18.28 42.09
N PRO E 297 27.45 -19.09 42.62
CA PRO E 297 28.03 -18.78 43.93
C PRO E 297 28.78 -17.45 43.95
N LEU E 298 29.40 -17.10 42.83
CA LEU E 298 30.16 -15.86 42.78
C LEU E 298 29.29 -14.69 42.32
N PHE E 299 28.60 -14.83 41.18
CA PHE E 299 27.92 -13.71 40.56
C PHE E 299 26.53 -13.46 41.13
N GLU E 300 25.75 -14.51 41.39
CA GLU E 300 24.35 -14.35 41.75
C GLU E 300 24.08 -14.48 43.24
N LYS E 301 24.96 -15.14 44.00
CA LYS E 301 24.80 -15.13 45.45
C LYS E 301 24.93 -13.73 46.01
N LYS E 302 25.83 -12.92 45.45
CA LYS E 302 25.90 -11.52 45.81
C LYS E 302 24.80 -10.70 45.16
N SER E 303 24.05 -11.28 44.22
CA SER E 303 22.91 -10.61 43.58
C SER E 303 23.33 -9.30 42.92
N LEU E 304 24.46 -9.33 42.22
CA LEU E 304 25.00 -8.15 41.56
C LEU E 304 24.97 -8.34 40.05
N GLU E 305 24.68 -7.27 39.32
CA GLU E 305 24.69 -7.31 37.86
C GLU E 305 26.12 -7.44 37.37
N ASP E 306 26.38 -8.47 36.58
CA ASP E 306 27.72 -8.93 36.23
C ASP E 306 28.13 -8.44 34.83
N LYS E 307 29.20 -9.01 34.29
CA LYS E 307 30.00 -8.44 33.21
C LYS E 307 29.34 -8.59 31.83
N THR E 308 30.15 -8.41 30.79
CA THR E 308 29.66 -8.00 29.47
C THR E 308 28.59 -8.92 28.90
N GLU E 309 28.84 -10.24 28.89
CA GLU E 309 27.94 -11.12 28.16
C GLU E 309 26.54 -11.13 28.75
N ARG E 310 26.42 -11.10 30.07
CA ARG E 310 25.12 -10.97 30.70
C ARG E 310 24.59 -9.54 30.65
N GLU E 311 25.42 -8.56 30.29
CA GLU E 311 25.01 -7.18 30.21
C GLU E 311 24.09 -6.89 29.03
N LEU E 312 24.00 -7.83 28.06
CA LEU E 312 23.20 -7.59 26.87
C LEU E 312 21.75 -7.30 27.21
N LEU E 313 21.16 -8.08 28.11
CA LEU E 313 19.79 -7.83 28.55
C LEU E 313 19.72 -6.61 29.47
N GLU E 314 20.61 -6.55 30.45
CA GLU E 314 20.46 -5.57 31.54
C GLU E 314 20.84 -4.16 31.10
N SER E 315 21.77 -4.02 30.17
CA SER E 315 22.13 -2.69 29.69
C SER E 315 20.99 -2.11 28.86
N TYR E 316 20.54 -0.92 29.24
CA TYR E 316 19.44 -0.29 28.53
C TYR E 316 19.90 0.27 27.19
N ILE E 317 21.11 0.82 27.14
CA ILE E 317 21.70 1.35 25.91
C ILE E 317 22.12 0.26 24.94
N ASP E 318 22.11 -1.00 25.36
CA ASP E 318 22.67 -2.08 24.55
C ASP E 318 21.66 -3.20 24.38
N GLY E 319 21.34 -3.54 23.14
CA GLY E 319 20.53 -4.71 22.88
C GLY E 319 20.97 -5.54 21.68
N ARG E 320 21.92 -5.04 20.88
CA ARG E 320 22.34 -5.80 19.70
C ARG E 320 23.83 -5.79 19.39
N ILE E 321 24.64 -4.91 19.99
CA ILE E 321 26.01 -4.71 19.55
C ILE E 321 27.02 -4.90 20.68
N VAL E 322 26.66 -5.63 21.74
CA VAL E 322 27.50 -5.67 22.93
C VAL E 322 28.86 -6.29 22.61
N GLU E 323 28.87 -7.58 22.26
CA GLU E 323 30.04 -8.26 21.70
C GLU E 323 31.27 -8.13 22.62
N GLY E 324 31.18 -8.81 23.76
CA GLY E 324 32.30 -8.83 24.70
C GLY E 324 33.59 -9.35 24.10
N SER E 325 33.51 -10.12 23.02
CA SER E 325 34.61 -10.68 22.23
C SER E 325 35.33 -11.82 22.95
N ASP E 326 34.87 -12.24 24.14
CA ASP E 326 35.53 -13.34 24.83
C ASP E 326 34.52 -14.01 25.76
N ALA E 327 34.83 -15.25 26.12
CA ALA E 327 34.08 -16.02 27.12
C ALA E 327 35.12 -16.51 28.12
N GLU E 328 35.29 -15.75 29.20
CA GLU E 328 36.36 -16.02 30.15
C GLU E 328 36.07 -17.28 30.97
N ILE E 329 36.96 -17.55 31.92
CA ILE E 329 36.93 -18.82 32.65
C ILE E 329 35.71 -18.87 33.55
N GLY E 330 35.01 -20.02 33.52
CA GLY E 330 33.91 -20.26 34.42
C GLY E 330 32.58 -19.66 34.03
N MET E 331 32.41 -19.28 32.77
CA MET E 331 31.14 -18.69 32.34
C MET E 331 30.01 -19.72 32.32
N SER E 332 30.33 -21.01 32.36
CA SER E 332 29.34 -22.08 32.38
C SER E 332 29.66 -23.03 33.53
N PRO E 333 29.30 -22.65 34.77
CA PRO E 333 29.60 -23.50 35.91
C PRO E 333 28.80 -24.80 35.97
N TRP E 334 27.77 -24.95 35.15
CA TRP E 334 26.88 -26.11 35.22
C TRP E 334 26.88 -26.90 33.91
N GLN E 335 28.05 -27.02 33.28
CA GLN E 335 28.19 -27.75 32.02
C GLN E 335 29.28 -28.81 32.15
N VAL E 336 29.04 -29.99 31.60
CA VAL E 336 29.92 -31.15 31.75
C VAL E 336 30.55 -31.44 30.40
N MET E 337 31.78 -31.93 30.42
CA MET E 337 32.59 -32.17 29.24
C MET E 337 33.28 -33.51 29.43
N LEU E 338 32.81 -34.55 28.74
CA LEU E 338 33.24 -35.91 29.05
C LEU E 338 34.56 -36.27 28.36
N PHE E 339 35.25 -37.24 28.95
CA PHE E 339 36.32 -37.97 28.27
C PHE E 339 35.96 -39.44 28.26
N ARG E 340 36.52 -40.19 27.30
CA ARG E 340 36.52 -41.64 27.33
C ARG E 340 37.94 -42.16 27.56
N LYS E 341 38.05 -43.48 27.77
CA LYS E 341 39.36 -44.11 27.71
C LYS E 341 39.92 -44.13 26.30
N SER E 342 39.07 -43.91 25.30
CA SER E 342 39.51 -43.62 23.95
C SER E 342 40.32 -42.32 23.96
N PRO E 343 40.98 -41.96 22.85
CA PRO E 343 41.69 -40.68 22.83
C PRO E 343 40.74 -39.54 23.16
N GLN E 344 41.24 -38.60 23.97
CA GLN E 344 40.44 -37.65 24.72
C GLN E 344 39.38 -36.96 23.87
N GLU E 345 38.10 -37.21 24.18
CA GLU E 345 36.99 -36.66 23.42
C GLU E 345 35.70 -36.78 24.23
N LEU E 346 34.71 -36.01 23.81
CA LEU E 346 33.38 -36.01 24.43
C LEU E 346 32.43 -36.79 23.54
N LEU E 347 31.83 -37.86 24.08
CA LEU E 347 30.87 -38.63 23.31
C LEU E 347 29.55 -37.88 23.15
N CYS E 348 28.84 -37.63 24.24
CA CYS E 348 27.56 -36.93 24.24
C CYS E 348 27.63 -35.80 25.24
N GLY E 349 27.37 -34.58 24.78
CA GLY E 349 27.44 -33.42 25.66
C GLY E 349 26.46 -33.51 26.81
N ALA E 350 26.82 -32.82 27.90
CA ALA E 350 26.05 -32.93 29.13
C ALA E 350 26.18 -31.65 29.95
N SER E 351 25.23 -31.46 30.86
CA SER E 351 25.23 -30.33 31.78
C SER E 351 25.20 -30.86 33.21
N LEU E 352 25.60 -30.00 34.15
CA LEU E 352 25.75 -30.39 35.54
C LEU E 352 24.60 -29.83 36.38
N ILE E 353 23.96 -30.69 37.14
CA ILE E 353 23.10 -30.26 38.24
C ILE E 353 23.84 -30.38 39.57
N SER E 354 24.72 -31.38 39.69
CA SER E 354 25.61 -31.53 40.82
C SER E 354 26.73 -32.46 40.42
N ASP E 355 27.82 -32.42 41.21
CA ASP E 355 29.01 -33.20 40.88
C ASP E 355 28.71 -34.69 40.75
N ARG E 356 27.74 -35.19 41.51
CA ARG E 356 27.47 -36.62 41.55
C ARG E 356 26.82 -37.11 40.25
N TRP E 357 25.96 -36.30 39.64
CA TRP E 357 25.17 -36.72 38.49
C TRP E 357 25.49 -35.84 37.29
N VAL E 358 25.64 -36.49 36.13
CA VAL E 358 25.91 -35.81 34.87
C VAL E 358 24.85 -36.24 33.87
N LEU E 359 24.16 -35.26 33.28
CA LEU E 359 23.01 -35.52 32.41
C LEU E 359 23.51 -35.63 30.97
N THR E 360 24.06 -36.80 30.65
CA THR E 360 24.54 -37.07 29.30
C THR E 360 23.39 -37.50 28.39
N ALA E 361 23.66 -37.51 27.09
CA ALA E 361 22.68 -37.96 26.11
C ALA E 361 22.80 -39.47 25.93
N ALA E 362 21.67 -40.10 25.57
CA ALA E 362 21.61 -41.55 25.49
C ALA E 362 22.00 -42.09 24.12
N HIS E 363 22.28 -41.23 23.14
CA HIS E 363 22.57 -41.71 21.79
C HIS E 363 23.89 -42.46 21.74
N CYS E 364 24.94 -41.88 22.33
CA CYS E 364 26.28 -42.43 22.16
C CYS E 364 26.44 -43.81 22.79
N LEU E 365 25.84 -44.03 23.97
CA LEU E 365 26.11 -45.25 24.72
C LEU E 365 25.62 -46.49 23.98
N LEU E 366 24.44 -46.42 23.37
CA LEU E 366 23.72 -47.62 22.95
C LEU E 366 23.28 -47.52 21.49
N TYR E 367 24.13 -47.01 20.62
CA TYR E 367 23.80 -47.01 19.19
C TYR E 367 24.03 -48.37 18.53
N PRO E 368 25.23 -48.95 18.59
CA PRO E 368 25.48 -50.17 17.81
C PRO E 368 24.66 -51.32 18.33
N PRO E 369 24.30 -52.28 17.46
CA PRO E 369 23.56 -53.47 17.94
C PRO E 369 24.33 -54.28 18.96
N TRP E 370 25.66 -54.32 18.88
CA TRP E 370 26.44 -55.11 19.81
C TRP E 370 26.49 -54.48 21.20
N ASP E 371 26.35 -53.16 21.29
CA ASP E 371 26.30 -52.44 22.57
C ASP E 371 27.60 -52.62 23.36
N LYS E 372 28.71 -52.13 22.80
CA LYS E 372 30.00 -52.27 23.48
C LYS E 372 30.91 -51.10 23.09
N ASN E 373 32.05 -50.98 23.80
CA ASN E 373 32.89 -49.77 23.82
C ASN E 373 32.12 -48.54 24.27
N PHE E 374 31.16 -48.72 25.18
CA PHE E 374 30.54 -47.59 25.86
C PHE E 374 30.26 -48.05 27.29
N THR E 375 31.25 -47.87 28.16
CA THR E 375 31.29 -48.50 29.47
C THR E 375 31.58 -47.45 30.54
N GLU E 376 31.62 -47.91 31.79
CA GLU E 376 31.77 -46.97 32.91
C GLU E 376 33.22 -46.53 33.07
N ASN E 377 34.18 -47.47 32.99
CA ASN E 377 35.58 -47.13 33.21
C ASN E 377 36.10 -46.12 32.20
N ASP E 378 35.42 -45.98 31.05
CA ASP E 378 35.88 -45.06 30.02
C ASP E 378 35.63 -43.61 30.42
N LEU E 379 34.43 -43.32 30.93
CA LEU E 379 33.96 -41.94 31.04
C LEU E 379 34.53 -41.23 32.27
N LEU E 380 35.08 -40.04 32.05
CA LEU E 380 35.53 -39.14 33.10
C LEU E 380 34.89 -37.77 32.89
N VAL E 381 34.83 -36.99 33.97
CA VAL E 381 34.09 -35.73 33.97
C VAL E 381 35.00 -34.60 34.45
N ARG E 382 34.86 -33.43 33.80
CA ARG E 382 35.34 -32.17 34.34
C ARG E 382 34.32 -31.09 34.00
N ILE E 383 34.09 -30.17 34.95
CA ILE E 383 32.97 -29.25 34.89
C ILE E 383 33.45 -27.83 35.14
N GLY E 384 32.79 -26.87 34.48
CA GLY E 384 33.06 -25.46 34.72
C GLY E 384 34.45 -25.03 34.35
N LYS E 385 34.75 -25.06 33.04
CA LYS E 385 36.09 -24.82 32.55
C LYS E 385 36.04 -24.04 31.24
N HIS E 386 36.97 -23.09 31.09
CA HIS E 386 37.07 -22.36 29.83
C HIS E 386 37.66 -23.23 28.73
N SER E 387 38.74 -23.96 29.05
CA SER E 387 39.37 -24.87 28.12
C SER E 387 39.62 -26.20 28.82
N ARG E 388 39.68 -27.28 28.02
CA ARG E 388 39.70 -28.62 28.58
C ARG E 388 41.05 -29.00 29.19
N THR E 389 42.05 -28.13 29.11
CA THR E 389 43.36 -28.46 29.67
C THR E 389 43.47 -28.06 31.14
N ARG E 390 43.24 -26.79 31.44
CA ARG E 390 43.44 -26.29 32.79
C ARG E 390 42.41 -26.86 33.75
N TYR E 391 42.85 -27.22 34.96
CA TYR E 391 41.98 -27.75 35.99
C TYR E 391 42.63 -27.53 37.35
N GLU E 392 41.80 -27.22 38.35
CA GLU E 392 42.26 -27.06 39.72
C GLU E 392 41.26 -27.70 40.67
N ARG E 393 41.72 -27.98 41.89
CA ARG E 393 40.90 -28.71 42.86
C ARG E 393 39.63 -27.93 43.21
N ASN E 394 39.74 -26.62 43.39
CA ASN E 394 38.60 -25.82 43.79
C ASN E 394 37.69 -25.44 42.64
N ILE E 395 38.04 -25.79 41.41
CA ILE E 395 37.21 -25.48 40.25
C ILE E 395 36.16 -26.57 40.08
N GLU E 396 36.60 -27.83 40.05
CA GLU E 396 35.70 -28.96 39.92
C GLU E 396 36.39 -30.20 40.47
N LYS E 397 35.73 -31.35 40.31
CA LYS E 397 36.18 -32.59 40.93
C LYS E 397 35.88 -33.77 40.01
N ILE E 398 36.72 -34.80 40.11
CA ILE E 398 36.67 -35.97 39.23
C ILE E 398 36.59 -37.22 40.09
N SER E 399 35.83 -38.20 39.62
CA SER E 399 35.69 -39.47 40.32
C SER E 399 35.36 -40.57 39.32
N MET E 400 35.55 -41.82 39.76
CA MET E 400 35.34 -42.98 38.91
C MET E 400 33.85 -43.27 38.74
N LEU E 401 33.55 -44.16 37.81
CA LEU E 401 32.18 -44.59 37.53
C LEU E 401 31.94 -45.99 38.08
N GLU E 402 30.68 -46.29 38.37
CA GLU E 402 30.26 -47.62 38.82
C GLU E 402 29.29 -48.28 37.86
N LYS E 403 28.19 -47.61 37.51
CA LYS E 403 27.20 -48.15 36.60
C LYS E 403 26.54 -47.03 35.82
N ILE E 404 26.34 -47.25 34.53
CA ILE E 404 25.69 -46.27 33.65
C ILE E 404 24.33 -46.83 33.25
N TYR E 405 23.29 -45.99 33.35
CA TYR E 405 21.93 -46.38 33.04
C TYR E 405 21.49 -45.67 31.77
N ILE E 406 20.87 -46.43 30.86
CA ILE E 406 20.55 -45.95 29.52
C ILE E 406 19.05 -45.68 29.42
N HIS E 407 18.67 -44.92 28.38
CA HIS E 407 17.30 -44.51 28.12
C HIS E 407 16.63 -45.54 27.22
N PRO E 408 15.60 -46.26 27.69
CA PRO E 408 14.89 -47.24 26.85
C PRO E 408 13.90 -46.60 25.88
N ARG E 409 14.34 -45.55 25.18
CA ARG E 409 13.60 -44.90 24.11
C ARG E 409 14.57 -44.61 22.97
N TYR E 410 15.43 -45.59 22.68
CA TYR E 410 16.53 -45.37 21.75
C TYR E 410 17.14 -46.72 21.37
N ASN E 411 17.47 -46.87 20.09
CA ASN E 411 18.16 -48.05 19.57
C ASN E 411 18.64 -47.70 18.17
N TRP E 412 19.28 -48.68 17.52
CA TRP E 412 19.75 -48.48 16.15
C TRP E 412 18.62 -48.48 15.13
N ARG E 413 17.44 -48.97 15.50
CA ARG E 413 16.29 -48.99 14.61
C ARG E 413 15.29 -47.88 14.91
N GLU E 414 15.37 -47.24 16.08
CA GLU E 414 14.36 -46.29 16.53
C GLU E 414 14.64 -44.91 15.94
N ASN E 415 13.88 -43.91 16.39
CA ASN E 415 13.92 -42.56 15.84
C ASN E 415 14.75 -41.61 16.70
N LEU E 416 15.52 -42.12 17.66
CA LEU E 416 16.51 -41.37 18.42
C LEU E 416 15.89 -40.34 19.36
N ASP E 417 14.58 -40.35 19.53
CA ASP E 417 13.93 -39.36 20.38
C ASP E 417 14.24 -39.60 21.85
N ARG E 418 14.15 -38.52 22.64
CA ARG E 418 14.39 -38.56 24.09
C ARG E 418 15.78 -39.14 24.39
N ASP E 419 16.78 -38.58 23.73
CA ASP E 419 18.17 -39.00 23.89
C ASP E 419 18.79 -38.30 25.09
N ILE E 420 18.55 -38.87 26.27
CA ILE E 420 19.11 -38.33 27.51
C ILE E 420 19.38 -39.50 28.44
N ALA E 421 20.40 -39.35 29.28
CA ALA E 421 20.82 -40.42 30.19
C ALA E 421 21.55 -39.78 31.37
N LEU E 422 22.10 -40.62 32.24
CA LEU E 422 22.84 -40.16 33.41
C LEU E 422 24.04 -41.08 33.61
N MET E 423 24.70 -40.91 34.76
CA MET E 423 25.91 -41.66 35.09
C MET E 423 26.15 -41.57 36.59
N LYS E 424 26.40 -42.73 37.20
CA LYS E 424 26.46 -42.89 38.65
C LYS E 424 27.92 -42.83 39.09
N LEU E 425 28.30 -41.72 39.72
CA LEU E 425 29.67 -41.51 40.15
C LEU E 425 29.89 -42.11 41.53
N LYS E 426 31.09 -41.92 42.09
CA LYS E 426 31.46 -42.49 43.37
C LYS E 426 31.39 -41.48 44.51
N LYS E 427 32.13 -40.38 44.40
CA LYS E 427 32.24 -39.46 45.52
C LYS E 427 30.93 -38.71 45.74
N PRO E 428 30.59 -38.35 46.98
CA PRO E 428 29.26 -37.83 47.28
C PRO E 428 28.96 -36.46 46.68
N VAL E 429 27.75 -35.96 46.97
CA VAL E 429 27.32 -34.68 46.42
C VAL E 429 28.13 -33.53 47.01
N ALA E 430 28.52 -32.59 46.15
CA ALA E 430 29.26 -31.41 46.57
C ALA E 430 29.14 -30.34 45.50
N PHE E 431 29.40 -29.10 45.91
CA PHE E 431 29.36 -27.94 45.02
C PHE E 431 30.72 -27.23 45.06
N SER E 432 30.81 -26.11 44.36
CA SER E 432 31.99 -25.26 44.36
C SER E 432 31.60 -23.90 43.82
N ASP E 433 32.60 -23.01 43.71
CA ASP E 433 32.34 -21.69 43.15
C ASP E 433 31.94 -21.77 41.68
N TYR E 434 32.58 -22.66 40.93
CA TYR E 434 32.24 -22.88 39.53
C TYR E 434 31.36 -24.11 39.33
N ILE E 435 30.51 -24.42 40.31
CA ILE E 435 29.54 -25.51 40.22
C ILE E 435 28.26 -25.06 40.90
N HIS E 436 27.17 -24.98 40.15
CA HIS E 436 25.89 -24.55 40.71
C HIS E 436 24.79 -24.99 39.77
N PRO E 437 23.68 -25.53 40.27
CA PRO E 437 22.62 -26.03 39.40
C PRO E 437 21.75 -24.90 38.87
N VAL E 438 20.80 -25.26 38.02
CA VAL E 438 19.88 -24.32 37.39
C VAL E 438 18.45 -24.70 37.78
N CYS E 439 17.69 -23.71 38.23
CA CYS E 439 16.32 -23.93 38.69
C CYS E 439 15.36 -23.97 37.51
N LEU E 440 14.20 -24.59 37.73
CA LEU E 440 13.19 -24.74 36.69
C LEU E 440 11.79 -24.62 37.31
N PRO E 441 11.32 -23.40 37.55
CA PRO E 441 9.97 -23.21 38.08
C PRO E 441 8.89 -23.25 37.01
N ASP E 442 7.67 -22.90 37.39
CA ASP E 442 6.50 -23.08 36.55
C ASP E 442 6.48 -22.03 35.42
N ARG E 443 5.38 -22.00 34.68
CA ARG E 443 5.21 -21.22 33.46
C ARG E 443 4.71 -19.80 33.72
N GLU E 444 4.51 -19.41 34.99
CA GLU E 444 4.04 -18.06 35.28
C GLU E 444 5.04 -17.02 34.79
N THR E 445 6.23 -17.00 35.37
CA THR E 445 7.23 -16.04 34.93
C THR E 445 7.74 -16.35 33.53
N ALA E 446 7.59 -17.59 33.05
CA ALA E 446 7.88 -17.89 31.66
C ALA E 446 6.95 -17.11 30.73
N ALA E 447 5.66 -17.07 31.06
CA ALA E 447 4.73 -16.22 30.31
C ALA E 447 5.07 -14.75 30.49
N SER E 448 5.53 -14.37 31.68
CA SER E 448 5.98 -12.99 31.88
C SER E 448 7.09 -12.63 30.90
N LEU E 449 8.02 -13.56 30.70
CA LEU E 449 9.09 -13.37 29.73
C LEU E 449 8.55 -13.35 28.30
N LEU E 450 7.61 -14.24 28.00
CA LEU E 450 7.07 -14.30 26.64
C LEU E 450 6.37 -13.00 26.26
N GLN E 451 5.60 -12.42 27.18
CA GLN E 451 4.95 -11.15 26.93
C GLN E 451 5.81 -9.96 27.32
N ALA E 452 7.04 -10.21 27.76
CA ALA E 452 8.01 -9.14 28.00
C ALA E 452 9.22 -9.21 27.10
N GLY E 453 9.48 -10.35 26.45
CA GLY E 453 10.50 -10.47 25.43
C GLY E 453 11.93 -10.26 25.90
N TYR E 454 12.42 -11.16 26.76
CA TYR E 454 13.76 -11.06 27.29
C TYR E 454 14.70 -12.02 26.57
N LYS E 455 15.97 -11.68 26.55
CA LYS E 455 16.99 -12.43 25.82
C LYS E 455 17.82 -13.31 26.76
N GLY E 456 18.46 -14.31 26.18
CA GLY E 456 19.24 -15.26 26.96
C GLY E 456 20.53 -15.71 26.32
N ARG E 457 21.13 -16.79 26.85
CA ARG E 457 22.41 -17.27 26.38
C ARG E 457 22.46 -18.79 26.53
N VAL E 458 23.33 -19.41 25.73
CA VAL E 458 23.55 -20.85 25.75
C VAL E 458 25.04 -21.10 25.86
N THR E 459 25.40 -22.28 26.35
CA THR E 459 26.79 -22.63 26.65
C THR E 459 27.14 -23.95 25.98
N GLY E 460 28.39 -24.36 26.18
CA GLY E 460 28.91 -25.58 25.58
C GLY E 460 30.43 -25.48 25.44
N TRP E 461 31.00 -26.41 24.69
CA TRP E 461 32.42 -26.29 24.32
C TRP E 461 32.73 -26.64 22.88
N GLY E 462 31.90 -27.39 22.17
CA GLY E 462 32.12 -27.61 20.76
C GLY E 462 32.87 -28.88 20.39
N ASN E 463 32.41 -30.04 20.87
CA ASN E 463 33.05 -31.29 20.52
C ASN E 463 32.01 -32.27 19.97
N LEU E 464 30.77 -32.15 20.43
CA LEU E 464 29.69 -32.95 19.85
C LEU E 464 29.55 -32.69 18.36
N LYS E 465 29.75 -31.43 17.95
CA LYS E 465 29.81 -31.11 16.54
C LYS E 465 30.93 -31.88 15.85
N GLU E 466 32.10 -31.96 16.48
CA GLU E 466 33.20 -32.73 15.92
C GLU E 466 32.87 -34.22 15.84
N THR E 467 32.11 -34.73 16.80
CA THR E 467 31.72 -36.14 16.76
C THR E 467 30.71 -36.41 15.65
N TRP E 468 29.82 -35.46 15.36
CA TRP E 468 28.78 -35.69 14.36
C TRP E 468 29.15 -35.18 12.98
N THR E 469 30.03 -34.18 12.87
CA THR E 469 30.52 -33.73 11.58
C THR E 469 32.02 -33.49 11.68
N ALA E 470 32.69 -33.56 10.53
CA ALA E 470 34.15 -33.47 10.47
C ALA E 470 34.57 -32.11 9.92
N ASN E 471 35.67 -31.58 10.46
CA ASN E 471 36.24 -30.31 10.03
C ASN E 471 37.52 -30.59 9.25
N VAL E 472 37.62 -30.01 8.05
CA VAL E 472 38.77 -30.18 7.18
C VAL E 472 39.31 -28.80 6.82
N GLY E 473 40.62 -28.63 6.88
CA GLY E 473 41.25 -27.36 6.61
C GLY E 473 41.22 -26.37 7.76
N LYS E 474 40.63 -26.75 8.89
CA LYS E 474 40.57 -25.87 10.05
C LYS E 474 40.45 -26.73 11.30
N GLY E 475 41.35 -26.53 12.26
CA GLY E 475 41.33 -27.33 13.46
C GLY E 475 40.10 -27.06 14.31
N GLN E 476 39.73 -28.04 15.11
CA GLN E 476 38.58 -27.90 15.99
C GLN E 476 38.88 -26.89 17.09
N PRO E 477 38.04 -25.88 17.29
CA PRO E 477 38.31 -24.89 18.34
C PRO E 477 38.06 -25.47 19.72
N SER E 478 39.05 -25.31 20.60
CA SER E 478 38.94 -25.78 21.98
C SER E 478 38.15 -24.81 22.86
N VAL E 479 37.78 -23.64 22.35
CA VAL E 479 37.05 -22.63 23.10
C VAL E 479 35.61 -22.58 22.60
N LEU E 480 34.68 -22.43 23.52
CA LEU E 480 33.28 -22.25 23.14
C LEU E 480 33.11 -20.96 22.36
N GLN E 481 32.39 -21.06 21.24
CA GLN E 481 32.02 -19.87 20.45
C GLN E 481 30.77 -19.28 21.09
N VAL E 482 30.93 -18.18 21.82
CA VAL E 482 29.85 -17.62 22.61
C VAL E 482 29.04 -16.70 21.70
N VAL E 483 28.12 -17.31 20.96
CA VAL E 483 27.18 -16.60 20.11
C VAL E 483 25.79 -17.20 20.36
N ASN E 484 24.78 -16.34 20.44
CA ASN E 484 23.49 -16.72 20.97
C ASN E 484 22.47 -16.97 19.86
N LEU E 485 21.65 -17.99 20.05
CA LEU E 485 20.45 -18.20 19.25
C LEU E 485 19.23 -17.82 20.08
N PRO E 486 18.56 -16.71 19.79
CA PRO E 486 17.41 -16.29 20.61
C PRO E 486 16.22 -17.23 20.49
N ILE E 487 15.12 -16.87 21.15
CA ILE E 487 13.89 -17.66 21.06
C ILE E 487 13.12 -17.24 19.82
N VAL E 488 12.74 -18.23 19.01
CA VAL E 488 11.94 -18.01 17.82
C VAL E 488 10.73 -18.94 17.89
N GLU E 489 9.70 -18.60 17.12
CA GLU E 489 8.48 -19.39 17.11
C GLU E 489 8.78 -20.81 16.62
N ARG E 490 8.00 -21.76 17.13
CA ARG E 490 8.23 -23.16 16.80
C ARG E 490 8.20 -23.46 15.30
N PRO E 491 7.25 -22.95 14.51
CA PRO E 491 7.25 -23.28 13.07
C PRO E 491 8.53 -22.90 12.35
N VAL E 492 9.25 -21.88 12.83
CA VAL E 492 10.54 -21.55 12.23
C VAL E 492 11.52 -22.70 12.41
N CYS E 493 11.55 -23.30 13.60
CA CYS E 493 12.33 -24.51 13.82
C CYS E 493 11.82 -25.65 12.94
N LYS E 494 10.50 -25.77 12.80
CA LYS E 494 9.93 -26.91 12.07
C LYS E 494 10.29 -26.87 10.59
N ASP E 495 10.32 -25.67 9.98
CA ASP E 495 10.62 -25.62 8.55
C ASP E 495 12.08 -25.32 8.24
N SER E 496 12.83 -24.72 9.17
CA SER E 496 14.27 -24.54 8.96
C SER E 496 14.97 -25.90 8.89
N THR E 497 14.62 -26.81 9.79
CA THR E 497 15.17 -28.16 9.84
C THR E 497 14.03 -29.16 9.90
N ARG E 498 14.23 -30.33 9.28
CA ARG E 498 13.13 -31.22 8.99
C ARG E 498 13.16 -32.51 9.81
N ILE E 499 13.74 -32.48 11.01
CA ILE E 499 13.61 -33.59 11.96
C ILE E 499 12.32 -33.40 12.75
N ARG E 500 11.56 -34.47 12.91
CA ARG E 500 10.31 -34.38 13.64
C ARG E 500 10.56 -33.94 15.07
N ILE E 501 9.64 -33.16 15.62
CA ILE E 501 9.79 -32.58 16.95
C ILE E 501 8.79 -33.27 17.87
N THR E 502 9.31 -34.02 18.84
CA THR E 502 8.47 -34.75 19.78
C THR E 502 7.93 -33.80 20.85
N ASP E 503 7.14 -34.36 21.78
CA ASP E 503 6.62 -33.56 22.88
C ASP E 503 7.70 -33.19 23.88
N ASN E 504 8.77 -34.01 23.95
CA ASN E 504 9.92 -33.72 24.80
C ASN E 504 11.06 -33.06 24.03
N MET E 505 10.73 -32.22 23.06
CA MET E 505 11.69 -31.74 22.09
C MET E 505 11.56 -30.22 21.96
N PHE E 506 12.65 -29.50 22.17
CA PHE E 506 12.62 -28.04 22.22
C PHE E 506 13.22 -27.44 20.95
N CYS E 507 12.84 -26.19 20.67
CA CYS E 507 13.27 -25.49 19.48
C CYS E 507 13.58 -24.03 19.81
N ALA E 508 14.60 -23.48 19.13
CA ALA E 508 14.96 -22.09 19.26
C ALA E 508 15.85 -21.69 18.08
N GLY E 509 15.97 -20.39 17.86
CA GLY E 509 16.81 -19.91 16.78
C GLY E 509 16.54 -18.45 16.49
N TYR E 510 17.19 -17.98 15.42
CA TYR E 510 17.08 -16.60 14.95
C TYR E 510 16.86 -16.60 13.44
N LYS E 511 16.41 -15.46 12.92
CA LYS E 511 16.25 -15.31 11.48
C LYS E 511 17.63 -15.36 10.82
N PRO E 512 17.98 -16.46 10.16
CA PRO E 512 19.38 -16.72 9.83
C PRO E 512 19.82 -16.26 8.45
N ASP E 513 21.12 -16.08 8.28
CA ASP E 513 21.75 -15.89 6.98
C ASP E 513 22.56 -17.16 6.69
N GLU E 514 22.07 -17.96 5.76
CA GLU E 514 22.67 -19.27 5.49
C GLU E 514 24.06 -19.12 4.89
N GLY E 515 24.83 -20.22 4.95
CA GLY E 515 26.14 -20.29 4.36
C GLY E 515 27.29 -20.32 5.36
N LYS E 516 27.07 -19.86 6.58
CA LYS E 516 28.12 -19.85 7.60
C LYS E 516 27.81 -20.89 8.66
N ARG E 517 28.83 -21.17 9.49
CA ARG E 517 28.72 -22.20 10.51
C ARG E 517 27.68 -21.82 11.56
N GLY E 518 27.03 -22.84 12.13
CA GLY E 518 26.03 -22.64 13.16
C GLY E 518 26.55 -21.84 14.34
N ASP E 519 25.82 -20.78 14.70
CA ASP E 519 26.31 -19.78 15.64
C ASP E 519 26.37 -20.29 17.08
N ALA E 520 25.30 -20.89 17.58
CA ALA E 520 25.30 -21.46 18.91
C ALA E 520 25.42 -22.98 18.92
N CYS E 521 25.23 -23.62 17.76
CA CYS E 521 25.51 -25.05 17.65
C CYS E 521 26.98 -25.34 17.92
N GLU E 522 27.86 -24.36 17.78
CA GLU E 522 29.22 -24.52 18.23
C GLU E 522 29.16 -24.71 19.75
N GLY E 523 29.31 -25.95 20.18
CA GLY E 523 28.96 -26.33 21.54
C GLY E 523 28.74 -27.84 21.59
N ASP E 524 28.17 -28.28 22.70
CA ASP E 524 27.94 -29.70 22.94
C ASP E 524 26.46 -29.95 23.19
N ALA E 525 26.11 -31.22 23.38
CA ALA E 525 24.76 -31.55 23.80
C ALA E 525 24.53 -31.13 25.25
N GLY E 526 23.26 -31.05 25.63
CA GLY E 526 22.93 -30.62 26.97
C GLY E 526 23.32 -29.19 27.29
N GLY E 527 23.63 -28.39 26.28
CA GLY E 527 23.99 -27.01 26.49
C GLY E 527 22.79 -26.17 26.87
N PRO E 528 22.75 -25.71 28.12
CA PRO E 528 21.56 -25.01 28.60
C PRO E 528 21.46 -23.61 28.02
N PHE E 529 20.31 -23.31 27.43
CA PHE E 529 19.98 -21.97 26.98
C PHE E 529 19.26 -21.27 28.12
N VAL E 530 19.99 -20.44 28.86
CA VAL E 530 19.51 -19.87 30.11
C VAL E 530 19.12 -18.43 29.85
N MET E 531 18.00 -18.00 30.44
CA MET E 531 17.37 -16.75 29.99
C MET E 531 16.72 -16.04 31.17
N LYS E 532 17.03 -14.75 31.32
CA LYS E 532 16.71 -13.99 32.52
C LYS E 532 15.20 -13.85 32.71
N SER E 533 14.78 -13.79 33.98
CA SER E 533 13.41 -13.61 34.40
C SER E 533 13.26 -12.38 35.28
N PRO E 534 12.06 -11.76 35.31
CA PRO E 534 11.89 -10.53 36.10
C PRO E 534 11.37 -10.76 37.51
N PHE E 535 10.97 -11.98 37.83
CA PHE E 535 10.38 -12.28 39.13
C PHE E 535 11.14 -13.34 39.92
N ASN E 536 12.30 -13.77 39.44
CA ASN E 536 12.95 -14.88 40.13
C ASN E 536 14.42 -14.66 40.42
N ASN E 537 15.11 -13.81 39.66
CA ASN E 537 16.56 -13.64 39.66
C ASN E 537 17.27 -14.87 39.12
N ARG E 538 16.54 -15.94 38.82
CA ARG E 538 17.10 -17.19 38.31
C ARG E 538 16.75 -17.26 36.83
N TRP E 539 17.77 -17.09 35.99
CA TRP E 539 17.57 -17.12 34.55
C TRP E 539 17.00 -18.47 34.13
N TYR E 540 15.94 -18.44 33.32
CA TYR E 540 15.20 -19.65 32.98
C TYR E 540 15.87 -20.49 31.90
N GLN E 541 15.79 -21.80 32.08
CA GLN E 541 16.22 -22.78 31.10
C GLN E 541 15.00 -23.34 30.39
N MET E 542 15.11 -23.48 29.07
CA MET E 542 14.01 -24.01 28.27
C MET E 542 14.37 -25.23 27.42
N GLY E 543 15.64 -25.47 27.12
CA GLY E 543 15.98 -26.59 26.26
C GLY E 543 17.33 -27.23 26.53
N ILE E 544 17.38 -28.56 26.44
CA ILE E 544 18.62 -29.32 26.60
C ILE E 544 19.00 -29.88 25.23
N VAL E 545 20.21 -29.55 24.77
CA VAL E 545 20.62 -29.87 23.40
C VAL E 545 20.58 -31.37 23.15
N SER E 546 20.15 -31.74 21.95
CA SER E 546 20.07 -33.13 21.53
C SER E 546 20.60 -33.30 20.12
N TRP E 547 20.35 -34.46 19.50
CA TRP E 547 20.71 -34.71 18.11
C TRP E 547 20.05 -33.68 17.21
N GLY E 548 20.85 -32.83 16.59
CA GLY E 548 20.35 -31.76 15.76
C GLY E 548 20.58 -32.00 14.27
N GLU E 549 19.59 -31.64 13.47
CA GLU E 549 19.77 -31.69 12.02
C GLU E 549 20.60 -30.50 11.54
N GLY E 550 20.12 -29.28 11.78
CA GLY E 550 20.88 -28.10 11.45
C GLY E 550 22.05 -27.83 12.37
N CYS E 551 22.13 -28.55 13.49
CA CYS E 551 23.31 -28.46 14.34
C CYS E 551 24.44 -29.31 13.77
N ASP E 552 24.20 -30.61 13.59
CA ASP E 552 25.21 -31.50 13.05
C ASP E 552 25.52 -31.17 11.59
N ARG E 553 24.70 -30.32 10.98
CA ARG E 553 24.94 -29.83 9.64
C ARG E 553 25.15 -28.32 9.64
N ASP E 554 25.25 -27.72 8.46
CA ASP E 554 25.83 -26.39 8.33
C ASP E 554 24.79 -25.30 8.57
N GLY E 555 25.02 -24.49 9.60
CA GLY E 555 24.38 -23.19 9.74
C GLY E 555 22.88 -23.17 9.80
N LYS E 556 22.27 -24.03 10.62
CA LYS E 556 20.84 -23.98 10.85
C LYS E 556 20.58 -24.11 12.35
N TYR E 557 19.30 -24.24 12.70
CA TYR E 557 18.92 -24.25 14.11
C TYR E 557 19.47 -25.48 14.81
N GLY E 558 20.09 -25.25 15.97
CA GLY E 558 20.46 -26.34 16.85
C GLY E 558 19.26 -26.79 17.66
N PHE E 559 19.21 -28.09 17.92
CA PHE E 559 18.07 -28.68 18.62
C PHE E 559 18.29 -28.71 20.13
N TYR E 560 17.19 -28.67 20.87
CA TYR E 560 17.15 -28.84 22.31
C TYR E 560 15.99 -29.78 22.66
N THR E 561 15.91 -30.13 23.94
CA THR E 561 14.81 -30.93 24.46
C THR E 561 14.11 -30.17 25.57
N HIS E 562 12.78 -30.28 25.62
CA HIS E 562 11.98 -29.55 26.60
C HIS E 562 12.41 -29.91 28.02
N VAL E 563 13.01 -28.94 28.72
CA VAL E 563 13.43 -29.17 30.09
C VAL E 563 12.25 -29.30 31.04
N PHE E 564 11.12 -28.68 30.72
CA PHE E 564 9.91 -28.85 31.52
C PHE E 564 9.48 -30.31 31.59
N ARG E 565 9.92 -31.12 30.64
CA ARG E 565 9.63 -32.55 30.60
C ARG E 565 10.82 -33.38 31.07
N LEU E 566 11.78 -32.76 31.75
CA LEU E 566 13.00 -33.42 32.19
C LEU E 566 13.37 -32.98 33.60
N LYS E 567 12.38 -32.91 34.51
CA LYS E 567 12.62 -32.21 35.76
C LYS E 567 12.05 -32.92 36.99
N LYS E 568 11.88 -34.24 36.97
CA LYS E 568 11.21 -34.87 38.11
C LYS E 568 11.88 -36.15 38.60
N TRP E 569 12.66 -36.81 37.75
CA TRP E 569 13.21 -38.12 38.13
C TRP E 569 14.48 -38.02 38.98
N ILE E 570 15.05 -36.81 39.12
CA ILE E 570 16.33 -36.66 39.80
C ILE E 570 16.25 -36.94 41.30
N GLN E 571 15.04 -36.98 41.86
CA GLN E 571 14.90 -37.06 43.31
C GLN E 571 15.49 -38.35 43.88
N LYS E 572 15.21 -39.48 43.26
CA LYS E 572 15.60 -40.78 43.81
C LYS E 572 17.03 -41.18 43.48
N VAL E 573 17.76 -40.37 42.73
CA VAL E 573 19.08 -40.78 42.26
C VAL E 573 20.09 -40.83 43.41
N ILE E 574 20.02 -39.86 44.34
CA ILE E 574 21.02 -39.81 45.40
C ILE E 574 20.79 -40.88 46.46
N ASP E 575 19.58 -41.41 46.58
CA ASP E 575 19.27 -42.33 47.66
C ASP E 575 19.84 -43.72 47.46
N GLN E 576 20.16 -44.11 46.23
CA GLN E 576 20.82 -45.40 46.03
C GLN E 576 22.15 -45.48 46.75
N PHE E 577 22.79 -44.33 46.98
CA PHE E 577 23.94 -44.28 47.87
C PHE E 577 23.53 -44.62 49.30
N GLY E 578 22.39 -44.12 49.75
CA GLY E 578 21.88 -44.35 51.08
C GLY E 578 20.99 -45.57 51.26
N GLU E 579 20.70 -46.30 50.19
CA GLU E 579 19.89 -47.52 50.30
C GLU E 579 20.68 -48.63 50.97
#